data_1X2L
#
_entry.id   1X2L
#
_entity_poly.entity_id   1
_entity_poly.type   'polypeptide(L)'
_entity_poly.pdbx_seq_one_letter_code
;GSSGSSGAGPGAEEEQLDTAEIAFQVKEQLLKHNIGQRVFGHYVLGLSQGSVSEILARPKPWRKLTVKGKEPFIKMKQFL
SDEQNVLALRTIQVRSGPSSG
;
_entity_poly.pdbx_strand_id   A
#
# COMPACT_ATOMS: atom_id res chain seq x y z
N GLY A 1 -1.06 -14.14 21.18
CA GLY A 1 -2.17 -13.69 20.35
C GLY A 1 -3.01 -14.89 19.94
N SER A 2 -3.65 -14.81 18.77
CA SER A 2 -4.57 -15.81 18.25
C SER A 2 -5.85 -15.92 19.10
N SER A 3 -6.95 -15.48 18.51
CA SER A 3 -8.27 -15.41 19.10
C SER A 3 -9.23 -16.03 18.07
N GLY A 4 -9.78 -15.25 17.14
CA GLY A 4 -10.66 -15.70 16.07
C GLY A 4 -11.43 -14.52 15.51
N SER A 5 -12.34 -14.75 14.56
CA SER A 5 -13.25 -13.73 14.05
C SER A 5 -14.43 -14.44 13.35
N SER A 6 -15.66 -14.03 13.66
CA SER A 6 -16.86 -14.48 12.97
C SER A 6 -17.83 -13.30 12.99
N GLY A 7 -18.04 -12.69 11.83
CA GLY A 7 -18.96 -11.58 11.66
C GLY A 7 -18.89 -11.13 10.21
N ALA A 8 -19.63 -11.80 9.33
CA ALA A 8 -19.74 -11.40 7.93
C ALA A 8 -20.41 -10.04 7.83
N GLY A 9 -20.24 -9.37 6.69
CA GLY A 9 -20.82 -8.06 6.44
C GLY A 9 -19.86 -7.15 5.68
N PRO A 10 -19.61 -7.40 4.38
CA PRO A 10 -18.87 -6.48 3.53
C PRO A 10 -19.57 -5.12 3.49
N GLY A 11 -18.84 -4.07 3.10
CA GLY A 11 -19.36 -2.73 3.11
C GLY A 11 -18.40 -1.78 2.44
N ALA A 12 -18.89 -0.58 2.14
CA ALA A 12 -18.18 0.47 1.43
C ALA A 12 -18.16 1.74 2.31
N GLU A 13 -17.65 1.61 3.53
CA GLU A 13 -17.30 2.73 4.38
C GLU A 13 -15.83 3.08 4.18
N GLU A 14 -15.50 4.35 4.44
CA GLU A 14 -14.19 4.71 4.97
C GLU A 14 -14.21 4.34 6.46
N GLU A 15 -13.17 3.67 6.94
CA GLU A 15 -13.02 3.26 8.34
C GLU A 15 -11.62 3.69 8.82
N GLN A 16 -11.28 3.42 10.08
CA GLN A 16 -9.91 3.64 10.56
C GLN A 16 -9.04 2.50 10.11
N LEU A 17 -7.82 2.83 9.68
CA LEU A 17 -6.85 1.89 9.15
C LEU A 17 -5.54 2.09 9.88
N ASP A 18 -4.89 1.00 10.32
CA ASP A 18 -3.60 1.07 10.98
C ASP A 18 -2.54 1.41 9.94
N THR A 19 -2.09 2.65 9.94
CA THR A 19 -1.18 3.17 8.96
C THR A 19 0.18 2.49 9.08
N ALA A 20 0.64 2.21 10.30
CA ALA A 20 1.94 1.58 10.48
C ALA A 20 1.92 0.13 9.98
N GLU A 21 0.75 -0.51 10.02
CA GLU A 21 0.47 -1.87 9.57
C GLU A 21 0.40 -1.87 8.05
N ILE A 22 -0.37 -0.96 7.43
CA ILE A 22 -0.41 -0.80 5.98
C ILE A 22 1.00 -0.54 5.46
N ALA A 23 1.72 0.39 6.11
CA ALA A 23 3.07 0.74 5.73
C ALA A 23 3.94 -0.52 5.75
N PHE A 24 3.94 -1.24 6.88
CA PHE A 24 4.65 -2.51 7.08
C PHE A 24 4.27 -3.48 5.96
N GLN A 25 3.01 -3.92 5.92
CA GLN A 25 2.48 -4.93 5.00
C GLN A 25 2.79 -4.60 3.53
N VAL A 26 2.76 -3.33 3.11
CA VAL A 26 3.16 -2.95 1.77
C VAL A 26 4.63 -3.28 1.57
N LYS A 27 5.53 -2.83 2.45
CA LYS A 27 6.96 -3.12 2.33
C LYS A 27 7.16 -4.63 2.24
N GLU A 28 6.46 -5.43 3.05
CA GLU A 28 6.52 -6.89 3.00
C GLU A 28 6.15 -7.41 1.62
N GLN A 29 4.97 -7.06 1.10
CA GLN A 29 4.49 -7.52 -0.21
C GLN A 29 5.39 -7.05 -1.36
N LEU A 30 5.97 -5.85 -1.30
CA LEU A 30 6.90 -5.40 -2.31
C LEU A 30 8.11 -6.32 -2.21
N LEU A 31 8.69 -6.52 -1.02
CA LEU A 31 9.84 -7.40 -0.85
C LEU A 31 9.53 -8.84 -1.27
N LYS A 32 8.30 -9.31 -1.04
CA LYS A 32 7.80 -10.64 -1.38
C LYS A 32 8.10 -10.98 -2.84
N HIS A 33 8.10 -9.98 -3.72
CA HIS A 33 8.39 -10.12 -5.14
C HIS A 33 9.47 -9.13 -5.61
N ASN A 34 10.21 -8.55 -4.66
CA ASN A 34 11.34 -7.65 -4.83
C ASN A 34 10.96 -6.37 -5.61
N ILE A 35 9.74 -5.83 -5.41
CA ILE A 35 9.25 -4.68 -6.17
C ILE A 35 9.80 -3.40 -5.50
N GLY A 36 9.87 -2.29 -6.24
CA GLY A 36 10.33 -0.99 -5.76
C GLY A 36 9.19 -0.03 -5.45
N GLN A 37 9.38 0.79 -4.40
CA GLN A 37 8.46 1.78 -3.88
C GLN A 37 8.00 2.81 -4.92
N ARG A 38 8.85 3.23 -5.87
CA ARG A 38 8.44 4.21 -6.89
C ARG A 38 7.28 3.66 -7.69
N VAL A 39 7.42 2.51 -8.36
CA VAL A 39 6.37 1.95 -9.20
C VAL A 39 5.10 1.77 -8.38
N PHE A 40 5.19 1.24 -7.16
CA PHE A 40 4.02 1.11 -6.30
C PHE A 40 3.35 2.47 -6.06
N GLY A 41 4.11 3.49 -5.68
CA GLY A 41 3.60 4.80 -5.36
C GLY A 41 3.17 5.55 -6.61
N HIS A 42 3.71 5.23 -7.78
CA HIS A 42 3.37 5.86 -9.03
C HIS A 42 2.05 5.31 -9.55
N TYR A 43 1.85 3.98 -9.47
CA TYR A 43 0.65 3.34 -9.97
C TYR A 43 -0.45 3.32 -8.92
N VAL A 44 -0.23 2.54 -7.86
CA VAL A 44 -1.23 2.24 -6.84
C VAL A 44 -1.61 3.54 -6.16
N LEU A 45 -0.63 4.40 -5.85
CA LEU A 45 -0.88 5.60 -5.05
C LEU A 45 -1.10 6.81 -5.94
N GLY A 46 -0.28 6.98 -6.98
CA GLY A 46 -0.37 8.14 -7.86
C GLY A 46 0.41 9.33 -7.30
N LEU A 47 1.36 9.09 -6.39
CA LEU A 47 2.20 10.09 -5.79
C LEU A 47 3.61 9.93 -6.37
N SER A 48 4.50 10.86 -6.04
CA SER A 48 5.92 10.69 -6.28
C SER A 48 6.51 9.58 -5.40
N GLN A 49 7.66 9.05 -5.82
CA GLN A 49 8.53 8.18 -5.05
C GLN A 49 8.78 8.79 -3.65
N GLY A 50 9.27 10.03 -3.61
CA GLY A 50 9.60 10.69 -2.35
C GLY A 50 8.38 10.85 -1.46
N SER A 51 7.21 11.07 -2.07
CA SER A 51 5.96 11.17 -1.33
C SER A 51 5.67 9.86 -0.60
N VAL A 52 5.43 8.73 -1.29
CA VAL A 52 5.08 7.49 -0.58
C VAL A 52 6.18 7.05 0.38
N SER A 53 7.45 7.25 0.02
CA SER A 53 8.58 6.93 0.87
C SER A 53 8.45 7.59 2.25
N GLU A 54 8.01 8.85 2.33
CA GLU A 54 7.73 9.52 3.59
C GLU A 54 6.61 8.78 4.32
N ILE A 55 5.53 8.44 3.63
CA ILE A 55 4.41 7.79 4.25
C ILE A 55 4.85 6.42 4.83
N LEU A 56 5.73 5.70 4.12
CA LEU A 56 6.25 4.40 4.53
C LEU A 56 7.23 4.52 5.69
N ALA A 57 7.96 5.63 5.72
CA ALA A 57 8.87 6.00 6.79
C ALA A 57 8.07 6.36 8.05
N ARG A 58 7.09 7.28 7.92
CA ARG A 58 6.46 8.02 9.01
C ARG A 58 4.94 7.98 8.81
N PRO A 59 4.34 6.81 9.05
CA PRO A 59 2.92 6.56 8.83
C PRO A 59 2.09 7.19 9.96
N LYS A 60 1.89 8.51 9.91
CA LYS A 60 1.21 9.28 10.91
C LYS A 60 -0.18 8.69 11.18
N PRO A 61 -0.73 8.98 12.36
CA PRO A 61 -1.95 8.38 12.83
C PRO A 61 -3.07 8.60 11.83
N TRP A 62 -3.96 7.63 11.65
CA TRP A 62 -5.11 7.79 10.76
C TRP A 62 -5.90 9.03 11.14
N ARG A 63 -6.22 9.16 12.44
CA ARG A 63 -6.84 10.37 12.98
C ARG A 63 -6.08 11.67 12.67
N LYS A 64 -4.76 11.62 12.46
CA LYS A 64 -3.96 12.80 12.11
C LYS A 64 -4.09 13.17 10.65
N LEU A 65 -4.24 12.18 9.77
CA LEU A 65 -4.19 12.43 8.33
C LEU A 65 -5.51 13.03 7.85
N THR A 66 -5.42 13.88 6.83
CA THR A 66 -6.53 14.49 6.12
C THR A 66 -7.05 13.49 5.06
N VAL A 67 -8.10 13.79 4.30
CA VAL A 67 -8.48 12.94 3.15
C VAL A 67 -7.29 12.80 2.21
N LYS A 68 -6.63 13.90 1.87
CA LYS A 68 -5.43 13.85 1.05
C LYS A 68 -4.24 13.16 1.72
N GLY A 69 -4.33 12.83 3.00
CA GLY A 69 -3.39 11.99 3.76
C GLY A 69 -3.80 10.52 3.70
N LYS A 70 -5.09 10.25 3.78
CA LYS A 70 -5.68 8.92 3.78
C LYS A 70 -5.75 8.34 2.38
N GLU A 71 -5.72 9.17 1.34
CA GLU A 71 -5.82 8.82 -0.07
C GLU A 71 -4.91 7.63 -0.39
N PRO A 72 -3.58 7.71 -0.13
CA PRO A 72 -2.67 6.60 -0.35
C PRO A 72 -3.04 5.40 0.52
N PHE A 73 -3.24 5.57 1.82
CA PHE A 73 -3.50 4.47 2.73
C PHE A 73 -4.76 3.69 2.36
N ILE A 74 -5.81 4.32 1.86
CA ILE A 74 -7.01 3.66 1.37
C ILE A 74 -6.58 2.73 0.22
N LYS A 75 -5.90 3.28 -0.78
CA LYS A 75 -5.42 2.55 -1.95
C LYS A 75 -4.52 1.38 -1.54
N MET A 76 -3.63 1.59 -0.55
CA MET A 76 -2.73 0.56 -0.04
C MET A 76 -3.49 -0.54 0.70
N LYS A 77 -4.38 -0.18 1.63
CA LYS A 77 -5.09 -1.21 2.38
C LYS A 77 -5.97 -2.05 1.43
N GLN A 78 -6.58 -1.41 0.41
CA GLN A 78 -7.37 -2.07 -0.63
C GLN A 78 -6.51 -3.02 -1.46
N PHE A 79 -5.30 -2.58 -1.81
CA PHE A 79 -4.28 -3.38 -2.46
C PHE A 79 -4.05 -4.65 -1.61
N LEU A 80 -3.81 -4.48 -0.31
CA LEU A 80 -3.58 -5.58 0.63
C LEU A 80 -4.82 -6.44 0.90
N SER A 81 -6.02 -6.00 0.51
CA SER A 81 -7.22 -6.84 0.59
C SER A 81 -7.22 -7.94 -0.48
N ASP A 82 -6.31 -7.92 -1.46
CA ASP A 82 -6.23 -8.95 -2.51
C ASP A 82 -4.81 -9.04 -3.06
N GLU A 83 -4.17 -10.18 -2.85
CA GLU A 83 -2.82 -10.48 -3.28
C GLU A 83 -2.60 -10.31 -4.80
N GLN A 84 -3.62 -10.45 -5.65
CA GLN A 84 -3.46 -10.26 -7.09
C GLN A 84 -2.98 -8.84 -7.42
N ASN A 85 -3.25 -7.86 -6.55
CA ASN A 85 -2.78 -6.50 -6.74
C ASN A 85 -1.26 -6.46 -6.80
N VAL A 86 -0.55 -7.14 -5.90
CA VAL A 86 0.90 -7.14 -5.91
C VAL A 86 1.42 -7.94 -7.10
N LEU A 87 0.74 -9.03 -7.46
CA LEU A 87 1.15 -9.92 -8.53
C LEU A 87 1.14 -9.15 -9.85
N ALA A 88 0.11 -8.34 -10.06
CA ALA A 88 0.03 -7.48 -11.23
C ALA A 88 1.11 -6.37 -11.22
N LEU A 89 1.48 -5.87 -10.04
CA LEU A 89 2.55 -4.87 -9.88
C LEU A 89 3.91 -5.45 -10.27
N ARG A 90 4.13 -6.76 -10.18
CA ARG A 90 5.40 -7.36 -10.54
C ARG A 90 5.69 -7.12 -12.02
N THR A 91 4.69 -7.23 -12.90
CA THR A 91 4.79 -6.92 -14.31
C THR A 91 5.28 -5.49 -14.50
N ILE A 92 4.71 -4.53 -13.78
CA ILE A 92 5.06 -3.14 -13.93
C ILE A 92 6.52 -2.92 -13.56
N GLN A 93 7.06 -3.64 -12.57
CA GLN A 93 8.44 -3.50 -12.18
C GLN A 93 9.43 -3.94 -13.27
N VAL A 94 8.99 -4.81 -14.17
CA VAL A 94 9.66 -5.12 -15.43
C VAL A 94 9.53 -3.89 -16.33
N ARG A 95 8.29 -3.52 -16.63
CA ARG A 95 7.89 -2.45 -17.55
C ARG A 95 8.05 -1.05 -16.95
N SER A 96 9.03 -0.85 -16.06
CA SER A 96 9.33 0.46 -15.50
C SER A 96 10.28 1.24 -16.41
N GLY A 97 10.67 0.67 -17.55
CA GLY A 97 11.80 1.09 -18.36
C GLY A 97 12.19 -0.07 -19.27
N PRO A 98 13.31 0.04 -20.01
CA PRO A 98 13.72 -0.95 -20.99
C PRO A 98 14.36 -2.17 -20.33
N SER A 99 13.55 -3.04 -19.72
CA SER A 99 13.94 -4.38 -19.34
C SER A 99 13.93 -5.24 -20.62
N SER A 100 14.98 -5.12 -21.42
CA SER A 100 15.07 -5.56 -22.81
C SER A 100 14.08 -4.81 -23.71
N GLY A 101 14.23 -5.02 -25.02
CA GLY A 101 13.16 -4.97 -26.00
C GLY A 101 13.05 -6.39 -26.53
N GLY A 1 -21.74 -33.99 5.74
CA GLY A 1 -22.93 -33.14 5.94
C GLY A 1 -22.53 -31.88 6.68
N SER A 2 -23.49 -31.20 7.30
CA SER A 2 -23.36 -29.86 7.83
C SER A 2 -23.17 -28.84 6.68
N SER A 3 -23.12 -27.56 7.03
CA SER A 3 -22.63 -26.49 6.18
C SER A 3 -21.96 -25.48 7.10
N GLY A 4 -21.03 -24.68 6.59
CA GLY A 4 -20.33 -23.69 7.39
C GLY A 4 -19.46 -22.89 6.44
N SER A 5 -19.72 -21.60 6.30
CA SER A 5 -18.98 -20.72 5.41
C SER A 5 -18.08 -19.81 6.25
N SER A 6 -18.63 -19.18 7.29
CA SER A 6 -18.04 -18.07 8.02
C SER A 6 -17.79 -16.86 7.09
N GLY A 7 -17.17 -15.81 7.63
CA GLY A 7 -16.96 -14.53 6.99
C GLY A 7 -18.13 -13.64 7.38
N ALA A 8 -19.15 -13.58 6.53
CA ALA A 8 -20.39 -12.82 6.71
C ALA A 8 -20.21 -11.31 6.98
N GLY A 9 -19.01 -10.76 6.87
CA GLY A 9 -18.68 -9.39 7.27
C GLY A 9 -18.54 -8.47 6.07
N PRO A 10 -19.54 -7.63 5.73
CA PRO A 10 -19.43 -6.58 4.72
C PRO A 10 -18.54 -5.42 5.24
N GLY A 11 -18.62 -4.22 4.68
CA GLY A 11 -17.83 -3.09 5.13
C GLY A 11 -18.17 -1.84 4.33
N ALA A 12 -18.94 -0.92 4.92
CA ALA A 12 -19.37 0.33 4.28
C ALA A 12 -18.57 1.51 4.82
N GLU A 13 -18.83 2.70 4.27
CA GLU A 13 -18.06 3.92 4.53
C GLU A 13 -16.55 3.66 4.40
N GLU A 14 -15.73 4.47 5.05
CA GLU A 14 -14.33 4.21 5.35
C GLU A 14 -14.23 3.89 6.85
N GLU A 15 -13.05 3.51 7.34
CA GLU A 15 -12.79 3.29 8.76
C GLU A 15 -11.35 3.66 9.08
N GLN A 16 -10.90 3.43 10.33
CA GLN A 16 -9.52 3.63 10.73
C GLN A 16 -8.69 2.52 10.09
N LEU A 17 -7.65 2.88 9.34
CA LEU A 17 -6.80 1.94 8.64
C LEU A 17 -5.41 2.12 9.26
N ASP A 18 -4.88 1.10 9.93
CA ASP A 18 -3.64 1.22 10.70
C ASP A 18 -2.48 1.52 9.79
N THR A 19 -1.97 2.75 9.82
CA THR A 19 -1.03 3.23 8.85
C THR A 19 0.33 2.52 8.99
N ALA A 20 0.80 2.29 10.22
CA ALA A 20 2.08 1.60 10.45
C ALA A 20 2.02 0.17 9.89
N GLU A 21 0.84 -0.43 9.93
CA GLU A 21 0.58 -1.77 9.46
C GLU A 21 0.47 -1.75 7.95
N ILE A 22 -0.33 -0.86 7.36
CA ILE A 22 -0.47 -0.72 5.92
C ILE A 22 0.91 -0.47 5.31
N ALA A 23 1.70 0.42 5.93
CA ALA A 23 3.04 0.71 5.51
C ALA A 23 3.89 -0.57 5.52
N PHE A 24 3.93 -1.29 6.63
CA PHE A 24 4.66 -2.54 6.79
C PHE A 24 4.23 -3.56 5.73
N GLN A 25 2.92 -3.79 5.60
CA GLN A 25 2.32 -4.79 4.74
C GLN A 25 2.60 -4.49 3.27
N VAL A 26 2.55 -3.22 2.88
CA VAL A 26 2.98 -2.82 1.55
C VAL A 26 4.46 -3.18 1.35
N LYS A 27 5.32 -2.81 2.30
CA LYS A 27 6.75 -3.03 2.17
C LYS A 27 7.07 -4.52 2.09
N GLU A 28 6.49 -5.36 2.96
CA GLU A 28 6.74 -6.78 2.98
C GLU A 28 6.27 -7.45 1.70
N GLN A 29 5.10 -7.09 1.18
CA GLN A 29 4.58 -7.56 -0.10
C GLN A 29 5.53 -7.20 -1.24
N LEU A 30 6.07 -5.98 -1.30
CA LEU A 30 6.99 -5.59 -2.35
C LEU A 30 8.24 -6.46 -2.23
N LEU A 31 8.83 -6.57 -1.04
CA LEU A 31 9.91 -7.50 -0.77
C LEU A 31 9.59 -8.91 -1.26
N LYS A 32 8.36 -9.37 -1.01
CA LYS A 32 7.90 -10.73 -1.26
C LYS A 32 7.98 -11.15 -2.73
N HIS A 33 8.02 -10.16 -3.61
CA HIS A 33 8.16 -10.34 -5.05
C HIS A 33 9.29 -9.48 -5.66
N ASN A 34 10.18 -8.90 -4.85
CA ASN A 34 11.22 -7.92 -5.22
C ASN A 34 10.62 -6.75 -6.03
N ILE A 35 9.83 -5.86 -5.42
CA ILE A 35 9.31 -4.67 -6.10
C ILE A 35 9.83 -3.42 -5.37
N GLY A 36 9.91 -2.29 -6.07
CA GLY A 36 10.40 -1.02 -5.55
C GLY A 36 9.24 -0.08 -5.21
N GLN A 37 9.42 0.73 -4.15
CA GLN A 37 8.45 1.70 -3.66
C GLN A 37 8.06 2.71 -4.75
N ARG A 38 9.00 3.07 -5.62
CA ARG A 38 8.74 3.95 -6.75
C ARG A 38 7.56 3.47 -7.59
N VAL A 39 7.64 2.29 -8.18
CA VAL A 39 6.58 1.79 -9.06
C VAL A 39 5.27 1.71 -8.28
N PHE A 40 5.27 1.14 -7.08
CA PHE A 40 4.05 1.04 -6.28
C PHE A 40 3.39 2.40 -6.07
N GLY A 41 4.18 3.42 -5.71
CA GLY A 41 3.68 4.74 -5.46
C GLY A 41 3.27 5.44 -6.74
N HIS A 42 3.92 5.16 -7.87
CA HIS A 42 3.59 5.77 -9.14
C HIS A 42 2.23 5.26 -9.65
N TYR A 43 1.92 3.99 -9.42
CA TYR A 43 0.74 3.32 -9.95
C TYR A 43 -0.40 3.32 -8.95
N VAL A 44 -0.24 2.57 -7.85
CA VAL A 44 -1.30 2.35 -6.87
C VAL A 44 -1.64 3.71 -6.27
N LEU A 45 -0.63 4.34 -5.66
CA LEU A 45 -0.85 5.58 -4.91
C LEU A 45 -1.01 6.75 -5.85
N GLY A 46 -0.27 6.74 -6.96
CA GLY A 46 -0.35 7.82 -7.94
C GLY A 46 0.49 9.03 -7.54
N LEU A 47 1.41 8.90 -6.59
CA LEU A 47 2.17 9.98 -5.96
C LEU A 47 3.64 9.91 -6.39
N SER A 48 4.38 10.98 -6.12
CA SER A 48 5.83 10.98 -6.27
C SER A 48 6.45 9.94 -5.34
N GLN A 49 7.63 9.46 -5.77
CA GLN A 49 8.48 8.54 -5.03
C GLN A 49 8.79 9.09 -3.64
N GLY A 50 9.03 10.41 -3.54
CA GLY A 50 9.27 11.11 -2.30
C GLY A 50 8.11 10.88 -1.34
N SER A 51 6.91 11.35 -1.72
CA SER A 51 5.69 11.16 -0.95
C SER A 51 5.59 9.73 -0.43
N VAL A 52 5.40 8.71 -1.27
CA VAL A 52 5.13 7.38 -0.70
C VAL A 52 6.23 6.90 0.23
N SER A 53 7.48 7.11 -0.14
CA SER A 53 8.60 6.70 0.68
C SER A 53 8.56 7.38 2.05
N GLU A 54 8.18 8.66 2.13
CA GLU A 54 7.88 9.34 3.38
C GLU A 54 6.74 8.64 4.10
N ILE A 55 5.63 8.33 3.40
CA ILE A 55 4.47 7.72 4.02
C ILE A 55 4.90 6.43 4.73
N LEU A 56 5.76 5.64 4.08
CA LEU A 56 6.23 4.34 4.56
C LEU A 56 7.33 4.48 5.59
N ALA A 57 8.10 5.56 5.53
CA ALA A 57 9.16 5.90 6.46
C ALA A 57 8.59 6.35 7.79
N ARG A 58 7.57 7.21 7.74
CA ARG A 58 6.97 7.90 8.87
C ARG A 58 5.47 7.74 8.70
N PRO A 59 4.93 6.54 8.94
CA PRO A 59 3.50 6.32 8.84
C PRO A 59 2.86 6.99 10.06
N LYS A 60 2.52 8.27 9.93
CA LYS A 60 1.78 9.02 10.90
C LYS A 60 0.45 8.31 11.13
N PRO A 61 -0.15 8.54 12.28
CA PRO A 61 -1.36 7.85 12.65
C PRO A 61 -2.49 8.29 11.73
N TRP A 62 -3.49 7.45 11.59
CA TRP A 62 -4.65 7.75 10.75
C TRP A 62 -5.32 9.07 11.18
N ARG A 63 -5.47 9.35 12.49
CA ARG A 63 -6.01 10.62 12.96
C ARG A 63 -5.10 11.85 12.70
N LYS A 64 -3.86 11.67 12.25
CA LYS A 64 -2.97 12.77 11.87
C LYS A 64 -3.02 13.10 10.38
N LEU A 65 -3.93 12.48 9.64
CA LEU A 65 -4.04 12.62 8.20
C LEU A 65 -5.47 13.08 7.87
N THR A 66 -5.62 13.76 6.73
CA THR A 66 -6.93 14.13 6.17
C THR A 66 -7.28 13.16 5.05
N VAL A 67 -8.39 13.37 4.34
CA VAL A 67 -8.70 12.63 3.11
C VAL A 67 -7.49 12.55 2.20
N LYS A 68 -6.74 13.64 1.98
CA LYS A 68 -5.57 13.59 1.11
C LYS A 68 -4.40 12.81 1.72
N GLY A 69 -4.19 12.93 3.03
CA GLY A 69 -3.24 12.11 3.77
C GLY A 69 -3.59 10.62 3.69
N LYS A 70 -4.88 10.32 3.65
CA LYS A 70 -5.43 8.97 3.69
C LYS A 70 -5.60 8.38 2.30
N GLU A 71 -5.63 9.19 1.25
CA GLU A 71 -5.79 8.83 -0.15
C GLU A 71 -4.89 7.62 -0.47
N PRO A 72 -3.56 7.68 -0.20
CA PRO A 72 -2.69 6.54 -0.40
C PRO A 72 -3.05 5.39 0.55
N PHE A 73 -3.19 5.62 1.85
CA PHE A 73 -3.46 4.53 2.80
C PHE A 73 -4.72 3.73 2.48
N ILE A 74 -5.77 4.39 1.99
CA ILE A 74 -7.00 3.78 1.52
C ILE A 74 -6.64 2.80 0.41
N LYS A 75 -6.02 3.29 -0.67
CA LYS A 75 -5.58 2.49 -1.80
C LYS A 75 -4.72 1.32 -1.32
N MET A 76 -3.69 1.59 -0.51
CA MET A 76 -2.80 0.58 0.02
C MET A 76 -3.57 -0.51 0.77
N LYS A 77 -4.45 -0.14 1.71
CA LYS A 77 -5.20 -1.15 2.42
C LYS A 77 -6.05 -1.99 1.45
N GLN A 78 -6.66 -1.40 0.42
CA GLN A 78 -7.45 -2.12 -0.56
C GLN A 78 -6.57 -3.07 -1.37
N PHE A 79 -5.41 -2.59 -1.82
CA PHE A 79 -4.36 -3.36 -2.48
C PHE A 79 -4.04 -4.63 -1.68
N LEU A 80 -3.86 -4.48 -0.36
CA LEU A 80 -3.49 -5.58 0.52
C LEU A 80 -4.63 -6.59 0.74
N SER A 81 -5.85 -6.22 0.37
CA SER A 81 -7.06 -7.04 0.50
C SER A 81 -7.21 -8.05 -0.65
N ASP A 82 -6.26 -8.12 -1.61
CA ASP A 82 -6.25 -9.12 -2.68
C ASP A 82 -4.83 -9.21 -3.25
N GLU A 83 -4.19 -10.38 -3.15
CA GLU A 83 -2.82 -10.62 -3.57
C GLU A 83 -2.64 -10.41 -5.08
N GLN A 84 -3.71 -10.44 -5.90
CA GLN A 84 -3.58 -10.08 -7.30
C GLN A 84 -3.03 -8.68 -7.49
N ASN A 85 -3.28 -7.77 -6.55
CA ASN A 85 -2.85 -6.40 -6.69
C ASN A 85 -1.32 -6.32 -6.67
N VAL A 86 -0.64 -7.13 -5.85
CA VAL A 86 0.83 -7.15 -5.84
C VAL A 86 1.36 -7.93 -7.04
N LEU A 87 0.66 -8.99 -7.47
CA LEU A 87 1.07 -9.82 -8.58
C LEU A 87 1.07 -8.99 -9.86
N ALA A 88 0.07 -8.13 -10.03
CA ALA A 88 0.03 -7.18 -11.13
C ALA A 88 1.23 -6.24 -11.10
N LEU A 89 1.61 -5.76 -9.91
CA LEU A 89 2.69 -4.80 -9.73
C LEU A 89 4.04 -5.38 -10.12
N ARG A 90 4.21 -6.70 -10.04
CA ARG A 90 5.46 -7.34 -10.46
C ARG A 90 5.69 -7.10 -11.93
N THR A 91 4.65 -7.24 -12.76
CA THR A 91 4.70 -6.94 -14.19
C THR A 91 5.28 -5.54 -14.39
N ILE A 92 4.74 -4.59 -13.66
CA ILE A 92 5.07 -3.19 -13.82
C ILE A 92 6.53 -2.95 -13.45
N GLN A 93 7.02 -3.64 -12.42
CA GLN A 93 8.40 -3.59 -12.00
C GLN A 93 9.32 -4.08 -13.13
N VAL A 94 9.02 -5.20 -13.81
CA VAL A 94 9.81 -5.63 -14.98
C VAL A 94 9.74 -4.56 -16.07
N ARG A 95 8.57 -3.96 -16.28
CA ARG A 95 8.36 -2.95 -17.31
C ARG A 95 8.93 -1.57 -16.93
N SER A 96 9.54 -1.40 -15.76
CA SER A 96 9.98 -0.09 -15.28
C SER A 96 11.09 0.49 -16.17
N GLY A 97 12.00 -0.33 -16.69
CA GLY A 97 13.06 0.13 -17.58
C GLY A 97 14.03 -1.00 -17.96
N PRO A 98 15.07 -0.69 -18.75
CA PRO A 98 16.15 -1.61 -19.09
C PRO A 98 17.11 -1.82 -17.90
N SER A 99 18.19 -2.58 -18.11
CA SER A 99 19.01 -3.19 -17.07
C SER A 99 18.16 -4.19 -16.25
N SER A 100 18.69 -4.63 -15.11
CA SER A 100 18.03 -5.46 -14.13
C SER A 100 18.37 -4.94 -12.73
N GLY A 101 18.04 -5.73 -11.71
CA GLY A 101 18.21 -5.44 -10.30
C GLY A 101 17.13 -6.19 -9.56
N GLY A 1 13.89 -3.12 7.65
CA GLY A 1 13.85 -3.74 8.98
C GLY A 1 12.78 -3.08 9.81
N SER A 2 11.72 -3.81 10.15
CA SER A 2 10.66 -3.40 11.05
C SER A 2 10.07 -4.66 11.67
N SER A 3 9.28 -4.50 12.73
CA SER A 3 8.38 -5.53 13.24
C SER A 3 6.94 -5.11 12.94
N GLY A 4 6.05 -6.09 12.88
CA GLY A 4 4.62 -5.93 12.67
C GLY A 4 4.02 -7.31 12.76
N SER A 5 2.95 -7.48 13.53
CA SER A 5 2.25 -8.75 13.65
C SER A 5 0.80 -8.46 14.06
N SER A 6 -0.11 -8.36 13.09
CA SER A 6 -1.53 -8.26 13.36
C SER A 6 -2.30 -9.32 12.56
N GLY A 7 -3.58 -9.49 12.88
CA GLY A 7 -4.50 -10.20 12.01
C GLY A 7 -4.97 -9.23 10.92
N ALA A 8 -6.08 -9.56 10.29
CA ALA A 8 -6.96 -8.54 9.73
C ALA A 8 -7.88 -7.99 10.82
N GLY A 9 -8.52 -6.84 10.55
CA GLY A 9 -9.55 -6.24 11.38
C GLY A 9 -10.56 -5.54 10.47
N PRO A 10 -11.38 -6.31 9.73
CA PRO A 10 -12.21 -5.79 8.65
C PRO A 10 -13.42 -5.01 9.21
N GLY A 11 -13.40 -3.69 9.09
CA GLY A 11 -14.57 -2.85 9.26
C GLY A 11 -15.35 -2.78 7.95
N ALA A 12 -16.09 -1.68 7.79
CA ALA A 12 -16.79 -1.32 6.57
C ALA A 12 -16.53 0.16 6.28
N GLU A 13 -16.73 0.54 5.01
CA GLU A 13 -16.62 1.91 4.50
C GLU A 13 -15.29 2.55 4.89
N GLU A 14 -15.28 3.88 5.02
CA GLU A 14 -14.15 4.63 5.52
C GLU A 14 -14.18 4.52 7.04
N GLU A 15 -13.13 3.96 7.62
CA GLU A 15 -13.04 3.65 9.04
C GLU A 15 -11.76 4.26 9.61
N GLN A 16 -11.16 3.61 10.59
CA GLN A 16 -9.85 3.93 11.15
C GLN A 16 -8.94 2.76 10.78
N LEU A 17 -7.88 3.03 10.01
CA LEU A 17 -6.95 2.02 9.54
C LEU A 17 -5.63 2.20 10.28
N ASP A 18 -4.95 1.10 10.62
CA ASP A 18 -3.60 1.19 11.17
C ASP A 18 -2.63 1.50 10.06
N THR A 19 -2.22 2.75 9.96
CA THR A 19 -1.30 3.21 8.94
C THR A 19 0.06 2.51 9.06
N ALA A 20 0.57 2.30 10.28
CA ALA A 20 1.87 1.65 10.48
C ALA A 20 1.85 0.21 9.98
N GLU A 21 0.69 -0.43 10.07
CA GLU A 21 0.46 -1.79 9.65
C GLU A 21 0.39 -1.83 8.14
N ILE A 22 -0.44 -1.00 7.52
CA ILE A 22 -0.55 -0.90 6.07
C ILE A 22 0.84 -0.60 5.48
N ALA A 23 1.57 0.32 6.09
CA ALA A 23 2.92 0.66 5.68
C ALA A 23 3.84 -0.57 5.76
N PHE A 24 3.81 -1.31 6.87
CA PHE A 24 4.59 -2.53 7.06
C PHE A 24 4.21 -3.58 6.01
N GLN A 25 2.91 -3.85 5.83
CA GLN A 25 2.37 -4.82 4.89
C GLN A 25 2.79 -4.46 3.46
N VAL A 26 2.70 -3.21 3.03
CA VAL A 26 3.20 -2.81 1.72
C VAL A 26 4.69 -3.10 1.66
N LYS A 27 5.49 -2.65 2.63
CA LYS A 27 6.92 -2.86 2.61
C LYS A 27 7.27 -4.34 2.47
N GLU A 28 6.57 -5.26 3.16
CA GLU A 28 6.84 -6.66 3.00
C GLU A 28 6.35 -7.23 1.66
N GLN A 29 5.23 -6.80 1.09
CA GLN A 29 4.78 -7.24 -0.24
C GLN A 29 5.77 -6.80 -1.34
N LEU A 30 6.30 -5.59 -1.25
CA LEU A 30 7.32 -5.08 -2.17
C LEU A 30 8.55 -5.96 -2.03
N LEU A 31 8.98 -6.28 -0.81
CA LEU A 31 10.05 -7.24 -0.58
C LEU A 31 9.74 -8.62 -1.17
N LYS A 32 8.55 -9.15 -0.93
CA LYS A 32 8.12 -10.50 -1.23
C LYS A 32 8.29 -10.83 -2.71
N HIS A 33 8.19 -9.84 -3.58
CA HIS A 33 8.31 -10.01 -5.02
C HIS A 33 9.32 -9.07 -5.67
N ASN A 34 10.14 -8.38 -4.86
CA ASN A 34 11.12 -7.39 -5.29
C ASN A 34 10.51 -6.30 -6.19
N ILE A 35 9.57 -5.52 -5.66
CA ILE A 35 8.96 -4.42 -6.38
C ILE A 35 9.49 -3.09 -5.80
N GLY A 36 9.56 -2.05 -6.63
CA GLY A 36 10.06 -0.74 -6.27
C GLY A 36 8.96 0.09 -5.58
N GLN A 37 9.31 0.77 -4.48
CA GLN A 37 8.44 1.77 -3.84
C GLN A 37 8.00 2.83 -4.86
N ARG A 38 8.89 3.22 -5.78
CA ARG A 38 8.56 4.11 -6.88
C ARG A 38 7.37 3.60 -7.67
N VAL A 39 7.47 2.45 -8.34
CA VAL A 39 6.36 1.92 -9.15
C VAL A 39 5.09 1.84 -8.31
N PHE A 40 5.16 1.29 -7.10
CA PHE A 40 3.99 1.18 -6.23
C PHE A 40 3.32 2.53 -6.01
N GLY A 41 4.09 3.57 -5.70
CA GLY A 41 3.58 4.90 -5.48
C GLY A 41 3.17 5.56 -6.77
N HIS A 42 3.86 5.30 -7.88
CA HIS A 42 3.57 5.90 -9.17
C HIS A 42 2.20 5.41 -9.67
N TYR A 43 1.83 4.17 -9.34
CA TYR A 43 0.62 3.51 -9.79
C TYR A 43 -0.46 3.49 -8.72
N VAL A 44 -0.29 2.66 -7.69
CA VAL A 44 -1.34 2.35 -6.71
C VAL A 44 -1.72 3.64 -6.00
N LEU A 45 -0.74 4.45 -5.61
CA LEU A 45 -0.97 5.61 -4.76
C LEU A 45 -1.10 6.90 -5.57
N GLY A 46 -0.38 6.99 -6.68
CA GLY A 46 -0.43 8.16 -7.55
C GLY A 46 0.45 9.29 -7.03
N LEU A 47 1.55 8.99 -6.32
CA LEU A 47 2.38 9.96 -5.64
C LEU A 47 3.83 9.85 -6.10
N SER A 48 4.57 10.95 -5.91
CA SER A 48 5.98 11.05 -6.18
C SER A 48 6.76 10.03 -5.32
N GLN A 49 7.99 9.73 -5.74
CA GLN A 49 8.84 8.72 -5.14
C GLN A 49 9.02 8.97 -3.64
N GLY A 50 9.48 10.17 -3.30
CA GLY A 50 9.73 10.57 -1.93
C GLY A 50 8.42 10.69 -1.15
N SER A 51 7.32 11.04 -1.80
CA SER A 51 6.03 11.13 -1.16
C SER A 51 5.65 9.78 -0.56
N VAL A 52 5.57 8.67 -1.30
CA VAL A 52 5.26 7.38 -0.66
C VAL A 52 6.34 6.88 0.29
N SER A 53 7.60 7.11 -0.05
CA SER A 53 8.69 6.64 0.81
C SER A 53 8.62 7.34 2.18
N GLU A 54 8.13 8.57 2.29
CA GLU A 54 7.71 9.21 3.54
C GLU A 54 6.59 8.41 4.20
N ILE A 55 5.53 8.06 3.47
CA ILE A 55 4.37 7.36 4.04
C ILE A 55 4.86 6.08 4.74
N LEU A 56 5.76 5.35 4.07
CA LEU A 56 6.30 4.08 4.54
C LEU A 56 7.39 4.25 5.59
N ALA A 57 7.91 5.47 5.76
CA ALA A 57 8.91 5.84 6.74
C ALA A 57 8.23 6.26 8.05
N ARG A 58 7.37 7.29 7.97
CA ARG A 58 6.65 7.86 9.10
C ARG A 58 5.17 7.82 8.79
N PRO A 59 4.54 6.65 8.94
CA PRO A 59 3.11 6.49 8.78
C PRO A 59 2.43 7.15 9.97
N LYS A 60 2.05 8.43 9.84
CA LYS A 60 1.43 9.20 10.88
C LYS A 60 0.08 8.58 11.26
N PRO A 61 -0.47 9.01 12.39
CA PRO A 61 -1.74 8.52 12.89
C PRO A 61 -2.82 8.72 11.85
N TRP A 62 -3.76 7.77 11.69
CA TRP A 62 -4.90 7.96 10.81
C TRP A 62 -5.62 9.27 11.14
N ARG A 63 -5.88 9.50 12.44
CA ARG A 63 -6.45 10.75 12.95
C ARG A 63 -5.64 12.02 12.62
N LYS A 64 -4.35 11.92 12.30
CA LYS A 64 -3.52 13.06 11.91
C LYS A 64 -3.66 13.39 10.42
N LEU A 65 -4.03 12.41 9.60
CA LEU A 65 -4.13 12.59 8.16
C LEU A 65 -5.52 13.13 7.82
N THR A 66 -5.69 13.59 6.58
CA THR A 66 -6.97 14.02 6.00
C THR A 66 -7.16 13.31 4.67
N VAL A 67 -8.18 13.63 3.86
CA VAL A 67 -8.47 12.93 2.60
C VAL A 67 -7.20 12.66 1.79
N LYS A 68 -6.39 13.67 1.44
CA LYS A 68 -5.18 13.42 0.64
C LYS A 68 -4.04 12.76 1.43
N GLY A 69 -4.10 12.78 2.75
CA GLY A 69 -3.27 11.99 3.65
C GLY A 69 -3.66 10.52 3.62
N LYS A 70 -4.96 10.22 3.63
CA LYS A 70 -5.57 8.91 3.76
C LYS A 70 -5.68 8.21 2.41
N GLU A 71 -5.75 8.97 1.32
CA GLU A 71 -5.85 8.54 -0.07
C GLU A 71 -4.90 7.37 -0.35
N PRO A 72 -3.58 7.51 -0.12
CA PRO A 72 -2.65 6.43 -0.36
C PRO A 72 -2.98 5.26 0.56
N PHE A 73 -3.15 5.47 1.87
CA PHE A 73 -3.44 4.38 2.81
C PHE A 73 -4.69 3.59 2.44
N ILE A 74 -5.75 4.23 1.98
CA ILE A 74 -6.96 3.57 1.49
C ILE A 74 -6.58 2.64 0.35
N LYS A 75 -5.91 3.16 -0.68
CA LYS A 75 -5.51 2.40 -1.85
C LYS A 75 -4.60 1.25 -1.43
N MET A 76 -3.62 1.50 -0.56
CA MET A 76 -2.75 0.45 -0.01
C MET A 76 -3.56 -0.62 0.70
N LYS A 77 -4.47 -0.24 1.59
CA LYS A 77 -5.21 -1.22 2.37
C LYS A 77 -6.03 -2.14 1.45
N GLN A 78 -6.69 -1.58 0.43
CA GLN A 78 -7.52 -2.35 -0.50
C GLN A 78 -6.67 -3.17 -1.46
N PHE A 79 -5.46 -2.72 -1.77
CA PHE A 79 -4.45 -3.46 -2.50
C PHE A 79 -4.11 -4.71 -1.69
N LEU A 80 -3.76 -4.53 -0.42
CA LEU A 80 -3.36 -5.61 0.47
C LEU A 80 -4.46 -6.62 0.76
N SER A 81 -5.74 -6.27 0.59
CA SER A 81 -6.83 -7.22 0.78
C SER A 81 -6.74 -8.37 -0.24
N ASP A 82 -6.05 -8.20 -1.37
CA ASP A 82 -6.03 -9.18 -2.46
C ASP A 82 -4.65 -9.21 -3.12
N GLU A 83 -3.97 -10.35 -3.01
CA GLU A 83 -2.61 -10.54 -3.50
C GLU A 83 -2.53 -10.41 -5.03
N GLN A 84 -3.63 -10.51 -5.78
CA GLN A 84 -3.59 -10.28 -7.21
C GLN A 84 -3.22 -8.84 -7.56
N ASN A 85 -3.40 -7.87 -6.65
CA ASN A 85 -2.97 -6.51 -6.89
C ASN A 85 -1.44 -6.44 -6.95
N VAL A 86 -0.74 -6.95 -5.93
CA VAL A 86 0.72 -6.95 -5.94
C VAL A 86 1.27 -7.77 -7.11
N LEU A 87 0.60 -8.86 -7.51
CA LEU A 87 1.03 -9.71 -8.63
C LEU A 87 0.99 -8.94 -9.94
N ALA A 88 0.03 -8.04 -10.11
CA ALA A 88 -0.01 -7.15 -11.25
C ALA A 88 1.12 -6.14 -11.21
N LEU A 89 1.43 -5.60 -10.02
CA LEU A 89 2.50 -4.63 -9.83
C LEU A 89 3.86 -5.24 -10.15
N ARG A 90 4.01 -6.57 -10.03
CA ARG A 90 5.20 -7.23 -10.49
C ARG A 90 5.40 -7.03 -11.99
N THR A 91 4.38 -7.28 -12.82
CA THR A 91 4.45 -7.01 -14.25
C THR A 91 4.95 -5.58 -14.51
N ILE A 92 4.40 -4.61 -13.78
CA ILE A 92 4.77 -3.22 -13.96
C ILE A 92 6.24 -2.99 -13.60
N GLN A 93 6.79 -3.72 -12.62
CA GLN A 93 8.19 -3.59 -12.26
C GLN A 93 9.10 -4.06 -13.39
N VAL A 94 8.76 -5.14 -14.08
CA VAL A 94 9.54 -5.61 -15.23
C VAL A 94 9.45 -4.55 -16.34
N ARG A 95 8.29 -3.92 -16.47
CA ARG A 95 8.01 -2.77 -17.33
C ARG A 95 8.41 -1.46 -16.63
N SER A 96 9.46 -1.48 -15.79
CA SER A 96 10.08 -0.30 -15.21
C SER A 96 11.57 -0.25 -15.58
N GLY A 97 12.15 -1.38 -16.02
CA GLY A 97 13.53 -1.51 -16.45
C GLY A 97 13.98 -2.96 -16.36
N PRO A 98 15.24 -3.26 -16.70
CA PRO A 98 15.76 -4.62 -16.69
C PRO A 98 15.88 -5.11 -15.25
N SER A 99 14.90 -5.90 -14.81
CA SER A 99 14.86 -6.72 -13.60
C SER A 99 13.68 -7.70 -13.77
N SER A 100 13.58 -8.71 -12.89
CA SER A 100 12.47 -9.67 -12.87
C SER A 100 12.32 -10.40 -14.21
N GLY A 101 13.15 -11.42 -14.43
CA GLY A 101 13.06 -12.28 -15.60
C GLY A 101 13.15 -13.72 -15.14
N GLY A 1 5.51 -11.89 3.93
CA GLY A 1 6.08 -13.05 3.24
C GLY A 1 6.78 -13.89 4.27
N SER A 2 6.44 -15.19 4.36
CA SER A 2 6.79 -16.04 5.50
C SER A 2 6.21 -15.46 6.80
N SER A 3 6.46 -16.12 7.93
CA SER A 3 6.32 -15.62 9.30
C SER A 3 4.97 -15.02 9.74
N GLY A 4 3.92 -14.99 8.92
CA GLY A 4 2.60 -14.55 9.38
C GLY A 4 1.61 -14.44 8.23
N SER A 5 0.37 -14.82 8.50
CA SER A 5 -0.76 -14.74 7.58
C SER A 5 -2.00 -14.40 8.41
N SER A 6 -2.44 -13.14 8.40
CA SER A 6 -3.66 -12.70 9.07
C SER A 6 -4.27 -11.55 8.27
N GLY A 7 -5.45 -11.77 7.71
CA GLY A 7 -6.19 -10.82 6.89
C GLY A 7 -7.60 -10.73 7.43
N ALA A 8 -7.89 -9.68 8.20
CA ALA A 8 -9.27 -9.32 8.49
C ALA A 8 -9.93 -8.80 7.21
N GLY A 9 -11.27 -8.90 7.16
CA GLY A 9 -12.07 -8.24 6.15
C GLY A 9 -12.39 -6.83 6.63
N PRO A 10 -11.97 -5.75 5.93
CA PRO A 10 -12.39 -4.40 6.26
C PRO A 10 -13.76 -4.10 5.67
N GLY A 11 -14.49 -3.17 6.26
CA GLY A 11 -15.88 -2.92 5.94
C GLY A 11 -16.54 -2.16 7.07
N ALA A 12 -17.84 -2.40 7.27
CA ALA A 12 -18.69 -1.71 8.23
C ALA A 12 -18.70 -0.19 8.02
N GLU A 13 -18.02 0.59 8.87
CA GLU A 13 -18.05 2.04 8.86
C GLU A 13 -16.63 2.61 8.77
N GLU A 14 -16.45 3.89 9.02
CA GLU A 14 -15.24 4.66 8.74
C GLU A 14 -14.19 4.40 9.83
N GLU A 15 -13.55 3.24 9.74
CA GLU A 15 -12.52 2.74 10.63
C GLU A 15 -11.28 3.66 10.58
N GLN A 16 -10.42 3.57 11.60
CA GLN A 16 -9.12 4.22 11.59
C GLN A 16 -8.09 3.18 11.14
N LEU A 17 -7.89 3.06 9.83
CA LEU A 17 -7.01 2.04 9.26
C LEU A 17 -5.62 2.18 9.87
N ASP A 18 -5.01 1.06 10.27
CA ASP A 18 -3.71 1.06 10.92
C ASP A 18 -2.63 1.44 9.94
N THR A 19 -2.21 2.71 9.94
CA THR A 19 -1.27 3.19 8.96
C THR A 19 0.09 2.49 9.08
N ALA A 20 0.58 2.26 10.30
CA ALA A 20 1.84 1.55 10.53
C ALA A 20 1.81 0.15 9.93
N GLU A 21 0.65 -0.51 10.02
CA GLU A 21 0.40 -1.87 9.59
C GLU A 21 0.29 -1.89 8.07
N ILE A 22 -0.47 -0.98 7.47
CA ILE A 22 -0.53 -0.82 6.02
C ILE A 22 0.90 -0.58 5.51
N ALA A 23 1.64 0.36 6.08
CA ALA A 23 3.00 0.68 5.68
C ALA A 23 3.88 -0.57 5.70
N PHE A 24 3.87 -1.28 6.84
CA PHE A 24 4.54 -2.55 7.07
C PHE A 24 4.14 -3.53 5.97
N GLN A 25 2.89 -3.97 5.97
CA GLN A 25 2.33 -4.97 5.08
C GLN A 25 2.62 -4.68 3.60
N VAL A 26 2.56 -3.42 3.15
CA VAL A 26 2.95 -3.07 1.79
C VAL A 26 4.45 -3.33 1.60
N LYS A 27 5.32 -2.82 2.48
CA LYS A 27 6.75 -3.11 2.41
C LYS A 27 6.98 -4.62 2.28
N GLU A 28 6.19 -5.46 2.96
CA GLU A 28 6.31 -6.91 2.87
C GLU A 28 5.96 -7.41 1.46
N GLN A 29 4.79 -7.05 0.94
CA GLN A 29 4.36 -7.46 -0.41
C GLN A 29 5.38 -7.01 -1.47
N LEU A 30 5.90 -5.78 -1.40
CA LEU A 30 6.88 -5.32 -2.37
C LEU A 30 8.12 -6.18 -2.24
N LEU A 31 8.59 -6.49 -1.02
CA LEU A 31 9.71 -7.40 -0.84
C LEU A 31 9.40 -8.82 -1.32
N LYS A 32 8.14 -9.25 -1.30
CA LYS A 32 7.71 -10.59 -1.71
C LYS A 32 8.06 -10.87 -3.16
N HIS A 33 8.03 -9.83 -3.98
CA HIS A 33 8.22 -9.88 -5.42
C HIS A 33 9.30 -8.90 -5.91
N ASN A 34 10.15 -8.39 -5.01
CA ASN A 34 11.12 -7.29 -5.18
C ASN A 34 10.56 -6.14 -6.02
N ILE A 35 9.68 -5.31 -5.47
CA ILE A 35 9.07 -4.21 -6.23
C ILE A 35 9.61 -2.87 -5.73
N GLY A 36 9.70 -1.92 -6.65
CA GLY A 36 10.16 -0.56 -6.38
C GLY A 36 9.04 0.24 -5.75
N GLN A 37 9.31 0.87 -4.62
CA GLN A 37 8.40 1.82 -3.99
C GLN A 37 8.06 2.99 -4.93
N ARG A 38 8.97 3.37 -5.85
CA ARG A 38 8.65 4.28 -6.95
C ARG A 38 7.49 3.76 -7.78
N VAL A 39 7.54 2.51 -8.28
CA VAL A 39 6.47 1.93 -9.09
C VAL A 39 5.18 1.90 -8.28
N PHE A 40 5.21 1.36 -7.06
CA PHE A 40 4.03 1.25 -6.22
C PHE A 40 3.35 2.61 -6.05
N GLY A 41 4.13 3.65 -5.73
CA GLY A 41 3.63 4.98 -5.58
C GLY A 41 3.22 5.59 -6.90
N HIS A 42 3.89 5.30 -8.02
CA HIS A 42 3.52 5.82 -9.33
C HIS A 42 2.15 5.29 -9.76
N TYR A 43 1.78 4.09 -9.31
CA TYR A 43 0.58 3.39 -9.76
C TYR A 43 -0.51 3.40 -8.68
N VAL A 44 -0.38 2.52 -7.68
CA VAL A 44 -1.40 2.24 -6.67
C VAL A 44 -1.79 3.53 -5.97
N LEU A 45 -0.81 4.39 -5.72
CA LEU A 45 -1.01 5.61 -4.95
C LEU A 45 -1.11 6.82 -5.86
N GLY A 46 -0.38 6.83 -6.98
CA GLY A 46 -0.40 7.94 -7.92
C GLY A 46 0.37 9.15 -7.37
N LEU A 47 1.40 8.93 -6.56
CA LEU A 47 2.20 9.96 -5.93
C LEU A 47 3.64 9.83 -6.39
N SER A 48 4.45 10.84 -6.08
CA SER A 48 5.86 10.84 -6.43
C SER A 48 6.62 9.83 -5.54
N GLN A 49 7.84 9.47 -5.96
CA GLN A 49 8.65 8.49 -5.26
C GLN A 49 8.92 8.94 -3.83
N GLY A 50 9.32 10.20 -3.63
CA GLY A 50 9.59 10.76 -2.31
C GLY A 50 8.33 10.85 -1.46
N SER A 51 7.17 11.06 -2.08
CA SER A 51 5.90 11.14 -1.38
C SER A 51 5.63 9.82 -0.66
N VAL A 52 5.41 8.70 -1.37
CA VAL A 52 5.11 7.44 -0.71
C VAL A 52 6.21 7.01 0.25
N SER A 53 7.46 7.28 -0.10
CA SER A 53 8.62 7.03 0.73
C SER A 53 8.49 7.74 2.10
N GLU A 54 8.02 8.98 2.18
CA GLU A 54 7.62 9.63 3.43
C GLU A 54 6.54 8.82 4.11
N ILE A 55 5.48 8.42 3.39
CA ILE A 55 4.36 7.72 3.99
C ILE A 55 4.85 6.43 4.65
N LEU A 56 5.79 5.71 4.02
CA LEU A 56 6.36 4.45 4.51
C LEU A 56 7.37 4.66 5.62
N ALA A 57 8.04 5.80 5.61
CA ALA A 57 9.00 6.23 6.61
C ALA A 57 8.28 6.57 7.91
N ARG A 58 7.33 7.51 7.83
CA ARG A 58 6.53 7.98 8.94
C ARG A 58 5.08 7.79 8.56
N PRO A 59 4.54 6.58 8.78
CA PRO A 59 3.13 6.33 8.64
C PRO A 59 2.42 6.98 9.82
N LYS A 60 2.14 8.27 9.71
CA LYS A 60 1.49 9.05 10.72
C LYS A 60 0.14 8.42 11.01
N PRO A 61 -0.37 8.61 12.22
CA PRO A 61 -1.55 7.91 12.68
C PRO A 61 -2.72 8.42 11.86
N TRP A 62 -3.69 7.56 11.60
CA TRP A 62 -4.83 7.88 10.75
C TRP A 62 -5.51 9.18 11.19
N ARG A 63 -5.59 9.40 12.51
CA ARG A 63 -6.20 10.60 13.09
C ARG A 63 -5.44 11.89 12.78
N LYS A 64 -4.12 11.86 12.57
CA LYS A 64 -3.34 13.02 12.13
C LYS A 64 -3.63 13.36 10.67
N LEU A 65 -4.02 12.38 9.86
CA LEU A 65 -4.08 12.55 8.42
C LEU A 65 -5.40 13.20 8.00
N THR A 66 -5.46 13.64 6.75
CA THR A 66 -6.57 14.31 6.09
C THR A 66 -7.07 13.46 4.92
N VAL A 67 -7.97 13.96 4.08
CA VAL A 67 -8.34 13.32 2.81
C VAL A 67 -7.11 12.87 2.02
N LYS A 68 -6.27 13.81 1.59
CA LYS A 68 -5.04 13.52 0.87
C LYS A 68 -3.94 12.92 1.76
N GLY A 69 -4.12 12.93 3.07
CA GLY A 69 -3.36 12.09 3.99
C GLY A 69 -3.72 10.62 3.79
N LYS A 70 -5.01 10.30 3.82
CA LYS A 70 -5.56 8.95 3.92
C LYS A 70 -5.72 8.29 2.56
N GLU A 71 -5.85 9.05 1.49
CA GLU A 71 -6.01 8.60 0.11
C GLU A 71 -5.04 7.46 -0.22
N PRO A 72 -3.72 7.63 -0.04
CA PRO A 72 -2.77 6.56 -0.30
C PRO A 72 -3.04 5.36 0.62
N PHE A 73 -3.23 5.56 1.92
CA PHE A 73 -3.46 4.46 2.84
C PHE A 73 -4.70 3.64 2.51
N ILE A 74 -5.79 4.27 2.08
CA ILE A 74 -7.00 3.59 1.61
C ILE A 74 -6.59 2.63 0.50
N LYS A 75 -5.90 3.15 -0.53
CA LYS A 75 -5.45 2.41 -1.70
C LYS A 75 -4.52 1.27 -1.28
N MET A 76 -3.51 1.56 -0.47
CA MET A 76 -2.57 0.57 0.07
C MET A 76 -3.29 -0.55 0.80
N LYS A 77 -4.22 -0.22 1.69
CA LYS A 77 -4.96 -1.24 2.41
C LYS A 77 -5.76 -2.11 1.43
N GLN A 78 -6.47 -1.51 0.47
CA GLN A 78 -7.28 -2.23 -0.50
C GLN A 78 -6.43 -3.18 -1.35
N PHE A 79 -5.27 -2.70 -1.77
CA PHE A 79 -4.26 -3.43 -2.50
C PHE A 79 -3.89 -4.73 -1.76
N LEU A 80 -3.82 -4.69 -0.44
CA LEU A 80 -3.47 -5.86 0.37
C LEU A 80 -4.60 -6.89 0.46
N SER A 81 -5.86 -6.51 0.26
CA SER A 81 -7.00 -7.44 0.38
C SER A 81 -7.17 -8.35 -0.85
N ASP A 82 -6.30 -8.23 -1.86
CA ASP A 82 -6.20 -9.14 -2.99
C ASP A 82 -4.72 -9.22 -3.38
N GLU A 83 -4.11 -10.39 -3.24
CA GLU A 83 -2.70 -10.58 -3.55
C GLU A 83 -2.42 -10.49 -5.07
N GLN A 84 -3.45 -10.58 -5.93
CA GLN A 84 -3.22 -10.37 -7.34
C GLN A 84 -2.83 -8.93 -7.66
N ASN A 85 -3.05 -7.97 -6.76
CA ASN A 85 -2.59 -6.62 -6.98
C ASN A 85 -1.06 -6.59 -6.97
N VAL A 86 -0.39 -7.22 -5.99
CA VAL A 86 1.06 -7.25 -6.02
C VAL A 86 1.58 -8.08 -7.20
N LEU A 87 0.85 -9.10 -7.63
CA LEU A 87 1.20 -9.93 -8.78
C LEU A 87 1.09 -9.13 -10.08
N ALA A 88 0.27 -8.07 -10.10
CA ALA A 88 0.24 -7.08 -11.16
C ALA A 88 1.39 -6.07 -11.00
N LEU A 89 1.71 -5.64 -9.78
CA LEU A 89 2.74 -4.63 -9.57
C LEU A 89 4.11 -5.20 -9.91
N ARG A 90 4.34 -6.51 -9.76
CA ARG A 90 5.56 -7.12 -10.27
C ARG A 90 5.59 -7.09 -11.81
N THR A 91 4.44 -7.30 -12.47
CA THR A 91 4.31 -7.18 -13.92
C THR A 91 4.79 -5.80 -14.40
N ILE A 92 4.53 -4.75 -13.61
CA ILE A 92 4.95 -3.38 -13.86
C ILE A 92 6.40 -3.16 -13.45
N GLN A 93 6.92 -3.88 -12.46
CA GLN A 93 8.29 -3.71 -12.00
C GLN A 93 9.25 -3.95 -13.16
N VAL A 94 9.03 -5.00 -13.94
CA VAL A 94 9.86 -5.31 -15.11
C VAL A 94 9.69 -4.22 -16.19
N ARG A 95 8.51 -3.57 -16.22
CA ARG A 95 8.16 -2.44 -17.08
C ARG A 95 8.71 -1.10 -16.53
N SER A 96 9.37 -1.06 -15.37
CA SER A 96 9.86 0.18 -14.77
C SER A 96 11.00 0.74 -15.61
N GLY A 97 11.96 -0.10 -15.99
CA GLY A 97 13.13 0.31 -16.73
C GLY A 97 13.71 -0.84 -17.54
N PRO A 98 14.83 -0.62 -18.24
CA PRO A 98 15.49 -1.63 -19.08
C PRO A 98 16.29 -2.63 -18.23
N SER A 99 15.69 -3.16 -17.17
CA SER A 99 16.26 -4.24 -16.38
C SER A 99 16.40 -5.46 -17.30
N SER A 100 17.47 -6.22 -17.12
CA SER A 100 17.89 -7.28 -18.03
C SER A 100 18.01 -8.55 -17.18
N GLY A 101 17.11 -9.51 -17.35
CA GLY A 101 17.00 -10.68 -16.49
C GLY A 101 15.69 -10.69 -15.73
N GLY A 1 -39.74 -24.33 4.30
CA GLY A 1 -38.38 -23.99 4.76
C GLY A 1 -37.56 -23.88 3.50
N SER A 2 -37.23 -22.65 3.10
CA SER A 2 -37.23 -22.28 1.69
C SER A 2 -36.95 -20.79 1.67
N SER A 3 -35.77 -20.40 1.23
CA SER A 3 -35.25 -19.04 1.29
C SER A 3 -34.16 -18.91 0.22
N GLY A 4 -33.57 -17.72 0.08
CA GLY A 4 -32.47 -17.49 -0.83
C GLY A 4 -32.59 -16.08 -1.39
N SER A 5 -32.47 -15.10 -0.50
CA SER A 5 -32.63 -13.68 -0.78
C SER A 5 -31.68 -12.93 0.15
N SER A 6 -30.39 -13.16 0.00
CA SER A 6 -29.38 -12.88 1.00
C SER A 6 -28.45 -11.76 0.51
N GLY A 7 -28.72 -10.52 0.91
CA GLY A 7 -27.92 -9.34 0.59
C GLY A 7 -28.40 -8.16 1.44
N ALA A 8 -27.88 -6.96 1.15
CA ALA A 8 -28.07 -5.71 1.88
C ALA A 8 -27.45 -5.75 3.29
N GLY A 9 -27.36 -4.58 3.94
CA GLY A 9 -26.68 -4.38 5.21
C GLY A 9 -25.63 -3.29 5.01
N PRO A 10 -26.05 -2.02 4.93
CA PRO A 10 -25.21 -0.93 4.44
C PRO A 10 -24.13 -0.60 5.48
N GLY A 11 -22.91 -1.00 5.20
CA GLY A 11 -21.72 -0.74 5.99
C GLY A 11 -20.56 -0.56 5.03
N ALA A 12 -20.28 0.68 4.64
CA ALA A 12 -19.25 1.08 3.69
C ALA A 12 -18.96 2.56 3.94
N GLU A 13 -17.97 2.85 4.79
CA GLU A 13 -17.54 4.19 5.16
C GLU A 13 -16.01 4.24 5.23
N GLU A 14 -15.47 5.40 5.55
CA GLU A 14 -14.10 5.55 6.01
C GLU A 14 -14.06 5.09 7.46
N GLU A 15 -13.16 4.16 7.82
CA GLU A 15 -12.90 3.69 9.19
C GLU A 15 -11.43 4.00 9.53
N GLN A 16 -11.04 3.97 10.81
CA GLN A 16 -9.63 4.17 11.16
C GLN A 16 -8.85 2.88 10.90
N LEU A 17 -7.96 2.94 9.91
CA LEU A 17 -7.00 1.90 9.56
C LEU A 17 -5.74 2.07 10.43
N ASP A 18 -4.89 1.05 10.53
CA ASP A 18 -3.57 1.19 11.13
C ASP A 18 -2.58 1.53 10.03
N THR A 19 -2.16 2.79 9.94
CA THR A 19 -1.22 3.20 8.92
C THR A 19 0.11 2.44 9.02
N ALA A 20 0.60 2.20 10.24
CA ALA A 20 1.86 1.51 10.46
C ALA A 20 1.78 0.06 9.96
N GLU A 21 0.62 -0.59 10.04
CA GLU A 21 0.38 -1.93 9.55
C GLU A 21 0.37 -1.89 8.03
N ILE A 22 -0.44 -0.99 7.43
CA ILE A 22 -0.54 -0.87 5.98
C ILE A 22 0.86 -0.69 5.41
N ALA A 23 1.63 0.24 5.97
CA ALA A 23 3.00 0.48 5.58
C ALA A 23 3.83 -0.80 5.69
N PHE A 24 3.81 -1.47 6.84
CA PHE A 24 4.57 -2.69 7.11
C PHE A 24 4.21 -3.77 6.09
N GLN A 25 2.94 -4.12 5.99
CA GLN A 25 2.36 -5.08 5.06
C GLN A 25 2.80 -4.81 3.61
N VAL A 26 2.67 -3.58 3.12
CA VAL A 26 3.11 -3.26 1.76
C VAL A 26 4.63 -3.45 1.68
N LYS A 27 5.41 -2.98 2.66
CA LYS A 27 6.85 -3.19 2.66
C LYS A 27 7.18 -4.67 2.59
N GLU A 28 6.43 -5.55 3.26
CA GLU A 28 6.56 -7.00 3.18
C GLU A 28 6.28 -7.50 1.76
N GLN A 29 5.13 -7.15 1.20
CA GLN A 29 4.65 -7.65 -0.09
C GLN A 29 5.59 -7.27 -1.23
N LEU A 30 6.08 -6.02 -1.25
CA LEU A 30 6.97 -5.58 -2.29
C LEU A 30 8.27 -6.37 -2.17
N LEU A 31 8.82 -6.51 -0.96
CA LEU A 31 9.98 -7.35 -0.69
C LEU A 31 9.76 -8.78 -1.21
N LYS A 32 8.56 -9.33 -0.97
CA LYS A 32 8.16 -10.68 -1.31
C LYS A 32 8.45 -11.00 -2.77
N HIS A 33 8.13 -10.06 -3.66
CA HIS A 33 8.22 -10.26 -5.10
C HIS A 33 9.31 -9.40 -5.75
N ASN A 34 10.16 -8.75 -4.94
CA ASN A 34 11.10 -7.68 -5.31
C ASN A 34 10.42 -6.60 -6.17
N ILE A 35 9.55 -5.80 -5.57
CA ILE A 35 8.95 -4.63 -6.20
C ILE A 35 9.50 -3.39 -5.53
N GLY A 36 9.58 -2.27 -6.26
CA GLY A 36 10.15 -1.03 -5.78
C GLY A 36 9.05 -0.03 -5.45
N GLN A 37 9.27 0.72 -4.37
CA GLN A 37 8.38 1.76 -3.86
C GLN A 37 8.07 2.85 -4.89
N ARG A 38 9.00 3.19 -5.79
CA ARG A 38 8.67 4.15 -6.86
C ARG A 38 7.47 3.67 -7.64
N VAL A 39 7.54 2.49 -8.25
CA VAL A 39 6.45 1.99 -9.09
C VAL A 39 5.17 1.91 -8.25
N PHE A 40 5.23 1.33 -7.05
CA PHE A 40 4.05 1.20 -6.20
C PHE A 40 3.38 2.56 -5.95
N GLY A 41 4.15 3.58 -5.59
CA GLY A 41 3.65 4.90 -5.33
C GLY A 41 3.21 5.58 -6.60
N HIS A 42 3.85 5.36 -7.73
CA HIS A 42 3.47 5.97 -8.99
C HIS A 42 2.13 5.40 -9.48
N TYR A 43 1.87 4.12 -9.21
CA TYR A 43 0.71 3.40 -9.71
C TYR A 43 -0.41 3.38 -8.67
N VAL A 44 -0.30 2.53 -7.64
CA VAL A 44 -1.36 2.25 -6.68
C VAL A 44 -1.76 3.53 -5.99
N LEU A 45 -0.77 4.37 -5.65
CA LEU A 45 -0.99 5.57 -4.87
C LEU A 45 -1.20 6.76 -5.78
N GLY A 46 -0.36 6.93 -6.80
CA GLY A 46 -0.41 8.06 -7.74
C GLY A 46 0.43 9.25 -7.26
N LEU A 47 1.38 9.04 -6.36
CA LEU A 47 2.15 10.07 -5.70
C LEU A 47 3.62 9.95 -6.12
N SER A 48 4.41 10.99 -5.86
CA SER A 48 5.83 11.01 -6.23
C SER A 48 6.59 9.89 -5.50
N GLN A 49 7.73 9.50 -6.07
CA GLN A 49 8.63 8.52 -5.47
C GLN A 49 9.08 8.99 -4.07
N GLY A 50 9.26 10.30 -3.87
CA GLY A 50 9.56 10.90 -2.59
C GLY A 50 8.39 10.69 -1.63
N SER A 51 7.22 11.24 -2.00
CA SER A 51 6.01 11.27 -1.18
C SER A 51 5.72 9.93 -0.51
N VAL A 52 5.39 8.86 -1.25
CA VAL A 52 5.02 7.59 -0.61
C VAL A 52 6.10 7.09 0.32
N SER A 53 7.35 7.24 -0.07
CA SER A 53 8.46 6.80 0.75
C SER A 53 8.46 7.53 2.09
N GLU A 54 8.21 8.85 2.14
CA GLU A 54 7.97 9.58 3.37
C GLU A 54 6.82 8.94 4.16
N ILE A 55 5.72 8.61 3.47
CA ILE A 55 4.56 8.05 4.13
C ILE A 55 5.02 6.77 4.85
N LEU A 56 5.79 5.91 4.16
CA LEU A 56 6.23 4.61 4.65
C LEU A 56 7.32 4.71 5.70
N ALA A 57 8.14 5.74 5.61
CA ALA A 57 9.26 6.02 6.48
C ALA A 57 8.76 6.36 7.88
N ARG A 58 7.76 7.24 7.98
CA ARG A 58 7.15 7.60 9.24
C ARG A 58 5.65 7.67 9.04
N PRO A 59 4.94 6.53 9.10
CA PRO A 59 3.50 6.47 8.96
C PRO A 59 2.88 7.24 10.14
N LYS A 60 2.42 8.47 9.87
CA LYS A 60 1.59 9.20 10.78
C LYS A 60 0.28 8.47 10.97
N PRO A 61 -0.39 8.75 12.09
CA PRO A 61 -1.57 8.02 12.49
C PRO A 61 -2.72 8.52 11.62
N TRP A 62 -3.70 7.66 11.39
CA TRP A 62 -4.88 7.99 10.60
C TRP A 62 -5.54 9.28 11.09
N ARG A 63 -5.63 9.45 12.42
CA ARG A 63 -6.26 10.62 13.00
C ARG A 63 -5.51 11.93 12.69
N LYS A 64 -4.21 11.90 12.38
CA LYS A 64 -3.47 13.10 11.99
C LYS A 64 -3.84 13.55 10.58
N LEU A 65 -4.28 12.64 9.71
CA LEU A 65 -4.19 12.87 8.27
C LEU A 65 -5.47 13.50 7.76
N THR A 66 -5.37 14.25 6.67
CA THR A 66 -6.52 14.76 5.94
C THR A 66 -6.92 13.75 4.86
N VAL A 67 -7.96 14.01 4.07
CA VAL A 67 -8.43 13.09 3.03
C VAL A 67 -7.33 12.77 2.00
N LYS A 68 -6.55 13.76 1.55
CA LYS A 68 -5.41 13.50 0.68
C LYS A 68 -4.25 12.80 1.39
N GLY A 69 -4.26 12.78 2.71
CA GLY A 69 -3.38 11.98 3.55
C GLY A 69 -3.85 10.53 3.62
N LYS A 70 -5.15 10.32 3.65
CA LYS A 70 -5.76 9.00 3.72
C LYS A 70 -5.79 8.31 2.38
N GLU A 71 -5.81 9.06 1.27
CA GLU A 71 -5.85 8.57 -0.11
C GLU A 71 -4.88 7.39 -0.28
N PRO A 72 -3.56 7.57 -0.06
CA PRO A 72 -2.61 6.51 -0.29
C PRO A 72 -2.90 5.33 0.62
N PHE A 73 -3.15 5.55 1.92
CA PHE A 73 -3.39 4.44 2.83
C PHE A 73 -4.65 3.65 2.50
N ILE A 74 -5.72 4.28 2.01
CA ILE A 74 -6.90 3.60 1.49
C ILE A 74 -6.45 2.70 0.34
N LYS A 75 -5.82 3.32 -0.67
CA LYS A 75 -5.33 2.63 -1.86
C LYS A 75 -4.44 1.45 -1.48
N MET A 76 -3.54 1.60 -0.50
CA MET A 76 -2.69 0.52 0.03
C MET A 76 -3.49 -0.56 0.76
N LYS A 77 -4.36 -0.19 1.69
CA LYS A 77 -5.10 -1.19 2.45
C LYS A 77 -5.96 -2.04 1.52
N GLN A 78 -6.60 -1.43 0.52
CA GLN A 78 -7.46 -2.14 -0.42
C GLN A 78 -6.64 -2.93 -1.45
N PHE A 79 -5.41 -2.49 -1.74
CA PHE A 79 -4.43 -3.27 -2.48
C PHE A 79 -4.19 -4.60 -1.76
N LEU A 80 -3.92 -4.55 -0.45
CA LEU A 80 -3.59 -5.70 0.37
C LEU A 80 -4.75 -6.70 0.50
N SER A 81 -5.99 -6.30 0.23
CA SER A 81 -7.12 -7.22 0.23
C SER A 81 -6.97 -8.30 -0.85
N ASP A 82 -6.33 -7.97 -1.98
CA ASP A 82 -6.31 -8.85 -3.15
C ASP A 82 -4.87 -8.99 -3.64
N GLU A 83 -4.29 -10.16 -3.36
CA GLU A 83 -2.93 -10.52 -3.73
C GLU A 83 -2.70 -10.36 -5.25
N GLN A 84 -3.71 -10.50 -6.10
CA GLN A 84 -3.57 -10.26 -7.53
C GLN A 84 -3.03 -8.85 -7.84
N ASN A 85 -3.24 -7.88 -6.95
CA ASN A 85 -2.70 -6.54 -7.09
C ASN A 85 -1.18 -6.56 -6.98
N VAL A 86 -0.60 -7.19 -5.95
CA VAL A 86 0.85 -7.23 -5.83
C VAL A 86 1.44 -8.00 -7.02
N LEU A 87 0.76 -9.06 -7.46
CA LEU A 87 1.18 -9.86 -8.59
C LEU A 87 1.16 -9.04 -9.87
N ALA A 88 0.22 -8.10 -10.00
CA ALA A 88 0.10 -7.21 -11.15
C ALA A 88 1.16 -6.10 -11.10
N LEU A 89 1.52 -5.67 -9.89
CA LEU A 89 2.56 -4.68 -9.67
C LEU A 89 3.92 -5.24 -10.03
N ARG A 90 4.14 -6.56 -9.94
CA ARG A 90 5.33 -7.17 -10.47
C ARG A 90 5.46 -6.85 -11.96
N THR A 91 4.44 -7.12 -12.77
CA THR A 91 4.46 -6.87 -14.20
C THR A 91 4.85 -5.42 -14.52
N ILE A 92 4.42 -4.45 -13.71
CA ILE A 92 4.76 -3.04 -13.91
C ILE A 92 6.23 -2.79 -13.52
N GLN A 93 6.71 -3.44 -12.45
CA GLN A 93 8.06 -3.35 -11.93
C GLN A 93 9.06 -3.89 -12.95
N VAL A 94 8.82 -5.06 -13.53
CA VAL A 94 9.66 -5.59 -14.61
C VAL A 94 9.67 -4.64 -15.81
N ARG A 95 8.56 -3.95 -16.06
CA ARG A 95 8.41 -2.95 -17.10
C ARG A 95 8.97 -1.58 -16.72
N SER A 96 9.70 -1.44 -15.59
CA SER A 96 10.36 -0.20 -15.21
C SER A 96 11.34 0.20 -16.33
N GLY A 97 11.28 1.47 -16.75
CA GLY A 97 12.22 2.01 -17.73
C GLY A 97 11.87 1.62 -19.17
N PRO A 98 12.81 1.79 -20.10
CA PRO A 98 12.72 1.19 -21.43
C PRO A 98 12.92 -0.33 -21.30
N SER A 99 12.76 -1.06 -22.42
CA SER A 99 13.40 -2.35 -22.58
C SER A 99 14.84 -2.13 -23.06
N SER A 100 15.00 -1.51 -24.24
CA SER A 100 16.23 -1.46 -25.03
C SER A 100 16.53 -2.87 -25.56
N GLY A 101 16.38 -3.09 -26.86
CA GLY A 101 16.62 -4.37 -27.52
C GLY A 101 16.51 -4.19 -29.02
N GLY A 1 -12.19 -33.01 15.15
CA GLY A 1 -12.45 -31.79 15.92
C GLY A 1 -11.54 -31.73 17.13
N SER A 2 -11.06 -30.54 17.48
CA SER A 2 -10.29 -30.21 18.66
C SER A 2 -10.13 -28.69 18.62
N SER A 3 -9.32 -28.22 17.67
CA SER A 3 -8.83 -26.86 17.54
C SER A 3 -9.99 -25.86 17.40
N GLY A 4 -9.80 -24.65 17.87
CA GLY A 4 -10.79 -23.60 17.80
C GLY A 4 -10.22 -22.36 18.46
N SER A 5 -9.36 -21.64 17.74
CA SER A 5 -8.71 -20.45 18.25
C SER A 5 -8.53 -19.43 17.12
N SER A 6 -8.65 -18.16 17.49
CA SER A 6 -8.59 -16.96 16.64
C SER A 6 -9.80 -16.85 15.71
N GLY A 7 -10.09 -15.64 15.23
CA GLY A 7 -11.18 -15.38 14.30
C GLY A 7 -11.70 -13.96 14.44
N ALA A 8 -10.93 -12.97 13.96
CA ALA A 8 -11.36 -11.59 13.86
C ALA A 8 -10.88 -11.02 12.53
N GLY A 9 -11.69 -10.16 11.91
CA GLY A 9 -11.38 -9.57 10.61
C GLY A 9 -12.39 -8.48 10.26
N PRO A 10 -12.28 -7.28 10.84
CA PRO A 10 -13.07 -6.12 10.42
C PRO A 10 -12.64 -5.65 9.03
N GLY A 11 -13.20 -4.52 8.55
CA GLY A 11 -12.96 -3.99 7.22
C GLY A 11 -14.28 -3.69 6.55
N ALA A 12 -14.95 -2.61 6.92
CA ALA A 12 -16.10 -2.08 6.18
C ALA A 12 -16.09 -0.55 6.22
N GLU A 13 -16.57 0.07 5.14
CA GLU A 13 -16.64 1.52 4.92
C GLU A 13 -15.24 2.17 5.02
N GLU A 14 -15.17 3.50 4.99
CA GLU A 14 -13.95 4.23 5.32
C GLU A 14 -13.95 4.43 6.83
N GLU A 15 -13.12 3.68 7.52
CA GLU A 15 -12.99 3.67 8.97
C GLU A 15 -11.52 3.93 9.33
N GLN A 16 -11.16 3.86 10.61
CA GLN A 16 -9.76 4.06 11.00
C GLN A 16 -8.95 2.83 10.65
N LEU A 17 -8.02 2.99 9.71
CA LEU A 17 -7.13 1.94 9.23
C LEU A 17 -5.79 2.09 9.95
N ASP A 18 -5.12 0.98 10.26
CA ASP A 18 -3.82 1.06 10.93
C ASP A 18 -2.76 1.43 9.92
N THR A 19 -2.38 2.70 9.86
CA THR A 19 -1.40 3.17 8.92
C THR A 19 -0.03 2.52 9.16
N ALA A 20 0.36 2.33 10.43
CA ALA A 20 1.63 1.70 10.78
C ALA A 20 1.72 0.28 10.23
N GLU A 21 0.58 -0.40 10.14
CA GLU A 21 0.40 -1.75 9.65
C GLU A 21 0.42 -1.72 8.13
N ILE A 22 -0.44 -0.92 7.50
CA ILE A 22 -0.54 -0.86 6.04
C ILE A 22 0.85 -0.55 5.47
N ALA A 23 1.56 0.40 6.08
CA ALA A 23 2.92 0.74 5.71
C ALA A 23 3.85 -0.48 5.81
N PHE A 24 3.81 -1.20 6.93
CA PHE A 24 4.60 -2.39 7.19
C PHE A 24 4.28 -3.49 6.16
N GLN A 25 3.00 -3.84 5.99
CA GLN A 25 2.49 -4.87 5.12
C GLN A 25 2.82 -4.58 3.65
N VAL A 26 2.75 -3.33 3.19
CA VAL A 26 3.21 -2.99 1.85
C VAL A 26 4.70 -3.29 1.73
N LYS A 27 5.51 -2.89 2.71
CA LYS A 27 6.93 -3.19 2.69
C LYS A 27 7.20 -4.70 2.70
N GLU A 28 6.31 -5.53 3.25
CA GLU A 28 6.37 -6.99 3.12
C GLU A 28 6.15 -7.39 1.67
N GLN A 29 4.98 -7.11 1.08
CA GLN A 29 4.63 -7.65 -0.24
C GLN A 29 5.57 -7.13 -1.33
N LEU A 30 6.15 -5.93 -1.20
CA LEU A 30 7.15 -5.40 -2.11
C LEU A 30 8.45 -6.17 -1.94
N LEU A 31 8.83 -6.56 -0.73
CA LEU A 31 9.95 -7.48 -0.55
C LEU A 31 9.64 -8.87 -1.11
N LYS A 32 8.40 -9.35 -0.96
CA LYS A 32 7.95 -10.73 -1.24
C LYS A 32 8.18 -11.18 -2.68
N HIS A 33 8.11 -10.27 -3.65
CA HIS A 33 8.38 -10.48 -5.07
C HIS A 33 9.42 -9.48 -5.60
N ASN A 34 10.16 -8.81 -4.69
CA ASN A 34 11.10 -7.72 -4.96
C ASN A 34 10.55 -6.74 -5.99
N ILE A 35 9.57 -5.92 -5.60
CA ILE A 35 8.99 -4.87 -6.42
C ILE A 35 9.51 -3.52 -5.89
N GLY A 36 9.58 -2.50 -6.73
CA GLY A 36 10.13 -1.19 -6.41
C GLY A 36 9.04 -0.27 -5.89
N GLN A 37 9.30 0.40 -4.77
CA GLN A 37 8.39 1.31 -4.09
C GLN A 37 7.99 2.47 -4.99
N ARG A 38 8.92 2.95 -5.83
CA ARG A 38 8.67 4.00 -6.82
C ARG A 38 7.48 3.67 -7.71
N VAL A 39 7.50 2.52 -8.39
CA VAL A 39 6.42 2.06 -9.24
C VAL A 39 5.15 1.91 -8.39
N PHE A 40 5.24 1.41 -7.15
CA PHE A 40 4.07 1.15 -6.33
C PHE A 40 3.35 2.47 -6.05
N GLY A 41 4.11 3.49 -5.67
CA GLY A 41 3.60 4.82 -5.50
C GLY A 41 3.16 5.45 -6.81
N HIS A 42 3.68 5.03 -7.97
CA HIS A 42 3.32 5.61 -9.26
C HIS A 42 1.97 5.10 -9.77
N TYR A 43 1.49 3.94 -9.29
CA TYR A 43 0.27 3.30 -9.80
C TYR A 43 -0.75 3.12 -8.70
N VAL A 44 -0.42 2.35 -7.66
CA VAL A 44 -1.35 2.05 -6.58
C VAL A 44 -1.70 3.35 -5.87
N LEU A 45 -0.73 4.27 -5.73
CA LEU A 45 -0.93 5.50 -4.96
C LEU A 45 -1.06 6.71 -5.87
N GLY A 46 -0.34 6.73 -6.99
CA GLY A 46 -0.32 7.87 -7.91
C GLY A 46 0.33 9.09 -7.25
N LEU A 47 1.30 8.90 -6.36
CA LEU A 47 2.01 9.95 -5.65
C LEU A 47 3.46 9.91 -6.07
N SER A 48 4.15 11.01 -5.82
CA SER A 48 5.54 11.21 -6.15
C SER A 48 6.41 10.16 -5.46
N GLN A 49 7.51 9.78 -6.12
CA GLN A 49 8.45 8.75 -5.69
C GLN A 49 9.18 9.06 -4.38
N GLY A 50 9.17 10.32 -3.94
CA GLY A 50 9.56 10.74 -2.60
C GLY A 50 8.37 10.57 -1.65
N SER A 51 7.24 11.20 -1.96
CA SER A 51 6.04 11.26 -1.14
C SER A 51 5.67 9.92 -0.49
N VAL A 52 5.42 8.85 -1.24
CA VAL A 52 5.09 7.56 -0.61
C VAL A 52 6.13 7.06 0.39
N SER A 53 7.40 7.32 0.14
CA SER A 53 8.47 6.94 1.04
C SER A 53 8.34 7.66 2.38
N GLU A 54 7.90 8.92 2.45
CA GLU A 54 7.53 9.57 3.72
C GLU A 54 6.44 8.75 4.42
N ILE A 55 5.46 8.27 3.65
CA ILE A 55 4.31 7.58 4.22
C ILE A 55 4.80 6.31 4.90
N LEU A 56 5.70 5.57 4.24
CA LEU A 56 6.23 4.31 4.72
C LEU A 56 7.25 4.52 5.84
N ALA A 57 7.99 5.63 5.79
CA ALA A 57 8.95 6.06 6.79
C ALA A 57 8.26 6.40 8.10
N ARG A 58 7.26 7.29 8.04
CA ARG A 58 6.65 7.93 9.19
C ARG A 58 5.14 7.88 9.00
N PRO A 59 4.53 6.69 9.14
CA PRO A 59 3.09 6.51 9.04
C PRO A 59 2.45 7.19 10.24
N LYS A 60 1.94 8.42 10.06
CA LYS A 60 1.24 9.14 11.09
C LYS A 60 -0.09 8.45 11.34
N PRO A 61 -0.72 8.70 12.49
CA PRO A 61 -1.99 8.11 12.86
C PRO A 61 -3.03 8.50 11.82
N TRP A 62 -4.03 7.65 11.61
CA TRP A 62 -5.13 7.91 10.69
C TRP A 62 -5.80 9.25 10.98
N ARG A 63 -6.20 9.47 12.24
CA ARG A 63 -6.75 10.74 12.73
C ARG A 63 -5.80 11.95 12.63
N LYS A 64 -4.55 11.74 12.24
CA LYS A 64 -3.52 12.77 12.06
C LYS A 64 -3.09 12.85 10.59
N LEU A 65 -3.91 12.33 9.69
CA LEU A 65 -3.83 12.54 8.25
C LEU A 65 -5.19 13.10 7.81
N THR A 66 -5.16 13.91 6.76
CA THR A 66 -6.36 14.48 6.13
C THR A 66 -6.80 13.53 5.00
N VAL A 67 -7.86 13.86 4.24
CA VAL A 67 -8.28 13.13 3.05
C VAL A 67 -7.09 12.81 2.14
N LYS A 68 -6.34 13.84 1.79
CA LYS A 68 -5.18 13.72 0.92
C LYS A 68 -3.95 13.10 1.60
N GLY A 69 -4.05 12.85 2.91
CA GLY A 69 -3.17 11.98 3.67
C GLY A 69 -3.61 10.52 3.58
N LYS A 70 -4.91 10.27 3.51
CA LYS A 70 -5.53 8.96 3.55
C LYS A 70 -5.65 8.31 2.18
N GLU A 71 -5.66 9.10 1.12
CA GLU A 71 -5.70 8.67 -0.28
C GLU A 71 -4.82 7.43 -0.49
N PRO A 72 -3.50 7.49 -0.21
CA PRO A 72 -2.61 6.36 -0.39
C PRO A 72 -2.98 5.21 0.52
N PHE A 73 -3.16 5.42 1.82
CA PHE A 73 -3.41 4.35 2.77
C PHE A 73 -4.68 3.58 2.43
N ILE A 74 -5.75 4.24 1.98
CA ILE A 74 -6.96 3.58 1.52
C ILE A 74 -6.58 2.59 0.41
N LYS A 75 -5.87 3.08 -0.62
CA LYS A 75 -5.44 2.30 -1.78
C LYS A 75 -4.53 1.15 -1.33
N MET A 76 -3.55 1.41 -0.47
CA MET A 76 -2.63 0.39 0.05
C MET A 76 -3.40 -0.70 0.80
N LYS A 77 -4.33 -0.32 1.67
CA LYS A 77 -5.15 -1.30 2.38
C LYS A 77 -5.95 -2.15 1.39
N GLN A 78 -6.59 -1.53 0.39
CA GLN A 78 -7.35 -2.23 -0.64
C GLN A 78 -6.45 -3.20 -1.41
N PHE A 79 -5.24 -2.76 -1.77
CA PHE A 79 -4.22 -3.52 -2.46
C PHE A 79 -3.93 -4.82 -1.72
N LEU A 80 -3.67 -4.74 -0.41
CA LEU A 80 -3.35 -5.89 0.42
C LEU A 80 -4.54 -6.85 0.57
N SER A 81 -5.76 -6.38 0.29
CA SER A 81 -7.00 -7.14 0.42
C SER A 81 -7.17 -8.20 -0.68
N ASP A 82 -6.30 -8.23 -1.69
CA ASP A 82 -6.32 -9.22 -2.78
C ASP A 82 -4.93 -9.33 -3.39
N GLU A 83 -4.30 -10.49 -3.27
CA GLU A 83 -2.89 -10.72 -3.60
C GLU A 83 -2.57 -10.44 -5.07
N GLN A 84 -3.54 -10.59 -5.99
CA GLN A 84 -3.32 -10.29 -7.38
C GLN A 84 -2.94 -8.82 -7.61
N ASN A 85 -3.22 -7.91 -6.67
CA ASN A 85 -2.77 -6.54 -6.81
C ASN A 85 -1.23 -6.49 -6.88
N VAL A 86 -0.53 -7.14 -5.94
CA VAL A 86 0.94 -7.06 -5.97
C VAL A 86 1.49 -7.87 -7.14
N LEU A 87 0.79 -8.95 -7.54
CA LEU A 87 1.17 -9.72 -8.71
C LEU A 87 1.05 -8.86 -9.96
N ALA A 88 0.04 -7.99 -10.04
CA ALA A 88 -0.10 -7.05 -11.13
C ALA A 88 1.00 -6.00 -11.12
N LEU A 89 1.54 -5.65 -9.95
CA LEU A 89 2.65 -4.72 -9.81
C LEU A 89 3.97 -5.35 -10.26
N ARG A 90 4.11 -6.67 -10.14
CA ARG A 90 5.29 -7.36 -10.67
C ARG A 90 5.42 -7.11 -12.16
N THR A 91 4.30 -7.05 -12.90
CA THR A 91 4.29 -6.72 -14.32
C THR A 91 4.96 -5.37 -14.55
N ILE A 92 4.47 -4.34 -13.88
CA ILE A 92 4.87 -2.97 -14.10
C ILE A 92 6.34 -2.78 -13.74
N GLN A 93 6.82 -3.52 -12.75
CA GLN A 93 8.21 -3.45 -12.35
C GLN A 93 9.16 -3.83 -13.48
N VAL A 94 8.82 -4.85 -14.28
CA VAL A 94 9.64 -5.22 -15.45
C VAL A 94 9.57 -4.10 -16.50
N ARG A 95 8.45 -3.38 -16.55
CA ARG A 95 8.21 -2.23 -17.41
C ARG A 95 8.86 -0.94 -16.83
N SER A 96 9.70 -1.03 -15.81
CA SER A 96 10.58 0.04 -15.35
C SER A 96 11.39 0.59 -16.53
N GLY A 97 11.86 1.84 -16.40
CA GLY A 97 12.58 2.57 -17.44
C GLY A 97 13.98 3.02 -16.99
N PRO A 98 14.68 3.79 -17.81
CA PRO A 98 16.06 4.24 -17.58
C PRO A 98 16.12 5.37 -16.53
N SER A 99 15.67 5.12 -15.30
CA SER A 99 15.90 5.99 -14.17
C SER A 99 17.40 5.99 -13.87
N SER A 100 18.08 7.12 -14.07
CA SER A 100 19.45 7.30 -13.64
C SER A 100 19.59 8.78 -13.25
N GLY A 101 19.91 9.66 -14.20
CA GLY A 101 20.09 11.08 -13.98
C GLY A 101 18.77 11.79 -14.03
N GLY A 1 5.50 4.70 30.20
CA GLY A 1 5.02 3.31 30.25
C GLY A 1 3.56 3.35 30.63
N SER A 2 2.66 2.87 29.76
CA SER A 2 1.22 2.99 29.93
C SER A 2 0.54 1.71 29.41
N SER A 3 -0.77 1.73 29.31
CA SER A 3 -1.61 0.78 28.56
C SER A 3 -2.63 1.62 27.78
N GLY A 4 -3.25 1.04 26.76
CA GLY A 4 -4.38 1.60 26.05
C GLY A 4 -5.14 0.43 25.43
N SER A 5 -6.47 0.50 25.46
CA SER A 5 -7.33 -0.64 25.20
C SER A 5 -8.65 -0.11 24.64
N SER A 6 -8.68 0.18 23.33
CA SER A 6 -9.88 0.54 22.58
C SER A 6 -9.72 0.11 21.11
N GLY A 7 -10.82 0.08 20.37
CA GLY A 7 -10.89 -0.19 18.94
C GLY A 7 -12.32 0.05 18.47
N ALA A 8 -12.51 0.74 17.34
CA ALA A 8 -13.82 1.10 16.81
C ALA A 8 -13.67 1.55 15.37
N GLY A 9 -14.78 1.70 14.65
CA GLY A 9 -14.84 2.35 13.36
C GLY A 9 -16.28 2.67 12.97
N PRO A 10 -16.52 3.53 11.98
CA PRO A 10 -17.84 3.74 11.41
C PRO A 10 -18.29 2.50 10.64
N GLY A 11 -19.59 2.26 10.57
CA GLY A 11 -20.17 1.14 9.85
C GLY A 11 -20.49 1.52 8.40
N ALA A 12 -19.59 2.27 7.77
CA ALA A 12 -19.61 2.58 6.35
C ALA A 12 -18.17 2.48 5.83
N GLU A 13 -17.99 2.50 4.51
CA GLU A 13 -16.84 1.93 3.78
C GLU A 13 -15.44 2.50 4.04
N GLU A 14 -15.34 3.51 4.89
CA GLU A 14 -14.12 4.27 5.17
C GLU A 14 -13.91 4.36 6.68
N GLU A 15 -12.99 3.58 7.21
CA GLU A 15 -12.74 3.49 8.64
C GLU A 15 -11.30 3.91 8.95
N GLN A 16 -10.89 3.82 10.22
CA GLN A 16 -9.55 4.16 10.65
C GLN A 16 -8.64 2.96 10.42
N LEU A 17 -8.03 2.95 9.24
CA LEU A 17 -7.15 1.91 8.76
C LEU A 17 -5.79 2.04 9.46
N ASP A 18 -5.14 0.95 9.84
CA ASP A 18 -3.92 0.98 10.65
C ASP A 18 -2.71 1.33 9.81
N THR A 19 -2.23 2.56 9.89
CA THR A 19 -1.22 3.05 8.96
C THR A 19 0.10 2.30 9.08
N ALA A 20 0.60 2.09 10.30
CA ALA A 20 1.90 1.45 10.53
C ALA A 20 1.87 -0.03 10.15
N GLU A 21 0.67 -0.61 10.05
CA GLU A 21 0.41 -1.92 9.52
C GLU A 21 0.41 -1.85 8.00
N ILE A 22 -0.43 -0.99 7.40
CA ILE A 22 -0.53 -0.81 5.95
C ILE A 22 0.86 -0.57 5.35
N ALA A 23 1.66 0.28 6.00
CA ALA A 23 3.04 0.50 5.68
C ALA A 23 3.79 -0.85 5.66
N PHE A 24 3.93 -1.48 6.82
CA PHE A 24 4.62 -2.76 7.04
C PHE A 24 4.23 -3.80 5.98
N GLN A 25 2.93 -4.09 5.86
CA GLN A 25 2.31 -5.04 4.95
C GLN A 25 2.71 -4.76 3.50
N VAL A 26 2.71 -3.49 3.07
CA VAL A 26 3.20 -3.17 1.74
C VAL A 26 4.71 -3.45 1.69
N LYS A 27 5.51 -2.99 2.65
CA LYS A 27 6.97 -3.14 2.57
C LYS A 27 7.33 -4.62 2.43
N GLU A 28 6.70 -5.52 3.20
CA GLU A 28 6.95 -6.94 3.10
C GLU A 28 6.51 -7.51 1.75
N GLN A 29 5.33 -7.16 1.24
CA GLN A 29 4.84 -7.56 -0.08
C GLN A 29 5.77 -7.13 -1.21
N LEU A 30 6.21 -5.88 -1.19
CA LEU A 30 7.13 -5.30 -2.15
C LEU A 30 8.40 -6.13 -2.08
N LEU A 31 8.97 -6.39 -0.91
CA LEU A 31 10.07 -7.34 -0.76
C LEU A 31 9.76 -8.70 -1.37
N LYS A 32 8.58 -9.25 -1.12
CA LYS A 32 8.15 -10.59 -1.48
C LYS A 32 8.33 -10.89 -2.97
N HIS A 33 8.17 -9.85 -3.80
CA HIS A 33 8.35 -9.88 -5.24
C HIS A 33 9.40 -8.84 -5.71
N ASN A 34 10.21 -8.32 -4.77
CA ASN A 34 11.25 -7.29 -4.84
C ASN A 34 10.88 -6.04 -5.66
N ILE A 35 9.65 -5.54 -5.52
CA ILE A 35 9.09 -4.47 -6.35
C ILE A 35 9.54 -3.13 -5.77
N GLY A 36 10.05 -2.27 -6.64
CA GLY A 36 10.72 -1.03 -6.28
C GLY A 36 9.73 0.08 -5.99
N GLN A 37 9.71 0.56 -4.74
CA GLN A 37 8.70 1.44 -4.13
C GLN A 37 8.14 2.55 -5.04
N ARG A 38 8.96 3.17 -5.92
CA ARG A 38 8.44 4.13 -6.91
C ARG A 38 7.26 3.55 -7.67
N VAL A 39 7.35 2.34 -8.22
CA VAL A 39 6.32 1.79 -9.08
C VAL A 39 5.02 1.70 -8.31
N PHE A 40 5.02 1.12 -7.11
CA PHE A 40 3.83 1.06 -6.27
C PHE A 40 3.25 2.46 -6.05
N GLY A 41 4.09 3.43 -5.70
CA GLY A 41 3.65 4.77 -5.48
C GLY A 41 3.18 5.48 -6.74
N HIS A 42 3.48 4.98 -7.95
CA HIS A 42 3.09 5.58 -9.21
C HIS A 42 1.79 4.99 -9.77
N TYR A 43 1.44 3.75 -9.42
CA TYR A 43 0.31 3.01 -10.01
C TYR A 43 -0.76 2.64 -9.00
N VAL A 44 -0.41 2.53 -7.72
CA VAL A 44 -1.35 2.29 -6.63
C VAL A 44 -1.69 3.61 -5.95
N LEU A 45 -0.71 4.51 -5.80
CA LEU A 45 -0.86 5.73 -5.01
C LEU A 45 -0.85 6.99 -5.87
N GLY A 46 -0.13 6.98 -6.99
CA GLY A 46 -0.10 8.08 -7.96
C GLY A 46 0.73 9.27 -7.50
N LEU A 47 1.54 9.12 -6.43
CA LEU A 47 2.31 10.17 -5.78
C LEU A 47 3.77 10.06 -6.23
N SER A 48 4.60 11.05 -5.88
CA SER A 48 6.04 10.98 -6.15
C SER A 48 6.72 9.89 -5.30
N GLN A 49 7.97 9.56 -5.65
CA GLN A 49 8.78 8.61 -4.90
C GLN A 49 9.05 9.21 -3.51
N GLY A 50 9.39 10.50 -3.46
CA GLY A 50 9.51 11.30 -2.24
C GLY A 50 8.30 11.12 -1.33
N SER A 51 7.10 11.41 -1.85
CA SER A 51 5.85 11.28 -1.11
C SER A 51 5.72 9.89 -0.49
N VAL A 52 5.54 8.81 -1.27
CA VAL A 52 5.24 7.53 -0.64
C VAL A 52 6.35 7.10 0.32
N SER A 53 7.60 7.36 -0.02
CA SER A 53 8.74 7.09 0.84
C SER A 53 8.58 7.77 2.21
N GLU A 54 8.06 9.00 2.29
CA GLU A 54 7.67 9.61 3.56
C GLU A 54 6.57 8.80 4.23
N ILE A 55 5.51 8.42 3.50
CA ILE A 55 4.35 7.75 4.09
C ILE A 55 4.83 6.45 4.75
N LEU A 56 5.82 5.78 4.16
CA LEU A 56 6.36 4.52 4.67
C LEU A 56 7.35 4.73 5.80
N ALA A 57 8.15 5.80 5.71
CA ALA A 57 9.08 6.21 6.74
C ALA A 57 8.32 6.54 8.03
N ARG A 58 7.26 7.34 7.94
CA ARG A 58 6.51 7.89 9.06
C ARG A 58 5.03 7.75 8.70
N PRO A 59 4.45 6.56 8.92
CA PRO A 59 3.06 6.28 8.62
C PRO A 59 2.18 6.94 9.68
N LYS A 60 2.06 8.28 9.61
CA LYS A 60 1.42 9.10 10.59
C LYS A 60 0.00 8.62 10.80
N PRO A 61 -0.52 8.78 12.01
CA PRO A 61 -1.70 8.12 12.48
C PRO A 61 -2.89 8.58 11.68
N TRP A 62 -3.87 7.71 11.47
CA TRP A 62 -5.02 8.00 10.63
C TRP A 62 -5.71 9.29 11.12
N ARG A 63 -5.78 9.49 12.44
CA ARG A 63 -6.37 10.71 13.01
C ARG A 63 -5.58 11.99 12.69
N LYS A 64 -4.27 11.92 12.43
CA LYS A 64 -3.48 13.06 11.98
C LYS A 64 -3.80 13.39 10.53
N LEU A 65 -4.03 12.38 9.70
CA LEU A 65 -4.16 12.55 8.27
C LEU A 65 -5.53 13.18 7.94
N THR A 66 -5.70 13.52 6.67
CA THR A 66 -6.84 14.20 6.06
C THR A 66 -7.27 13.39 4.84
N VAL A 67 -8.23 13.83 4.04
CA VAL A 67 -8.60 13.16 2.78
C VAL A 67 -7.35 12.83 1.94
N LYS A 68 -6.53 13.82 1.58
CA LYS A 68 -5.34 13.53 0.78
C LYS A 68 -4.26 12.78 1.56
N GLY A 69 -4.22 12.95 2.87
CA GLY A 69 -3.40 12.14 3.76
C GLY A 69 -3.77 10.65 3.66
N LYS A 70 -5.06 10.36 3.60
CA LYS A 70 -5.66 9.03 3.67
C LYS A 70 -5.76 8.38 2.30
N GLU A 71 -5.83 9.16 1.22
CA GLU A 71 -5.97 8.70 -0.16
C GLU A 71 -5.02 7.53 -0.44
N PRO A 72 -3.70 7.66 -0.20
CA PRO A 72 -2.77 6.59 -0.42
C PRO A 72 -3.05 5.41 0.51
N PHE A 73 -3.23 5.62 1.81
CA PHE A 73 -3.46 4.55 2.77
C PHE A 73 -4.69 3.69 2.44
N ILE A 74 -5.76 4.30 1.94
CA ILE A 74 -6.93 3.59 1.44
C ILE A 74 -6.45 2.64 0.33
N LYS A 75 -5.86 3.20 -0.72
CA LYS A 75 -5.40 2.44 -1.88
C LYS A 75 -4.45 1.32 -1.45
N MET A 76 -3.57 1.56 -0.48
CA MET A 76 -2.68 0.55 0.07
C MET A 76 -3.43 -0.56 0.80
N LYS A 77 -4.33 -0.22 1.72
CA LYS A 77 -5.12 -1.24 2.42
C LYS A 77 -5.92 -2.08 1.43
N GLN A 78 -6.50 -1.43 0.42
CA GLN A 78 -7.36 -2.03 -0.58
C GLN A 78 -6.54 -2.93 -1.52
N PHE A 79 -5.30 -2.52 -1.82
CA PHE A 79 -4.29 -3.29 -2.53
C PHE A 79 -4.05 -4.60 -1.80
N LEU A 80 -3.74 -4.52 -0.52
CA LEU A 80 -3.47 -5.68 0.33
C LEU A 80 -4.71 -6.58 0.50
N SER A 81 -5.90 -6.06 0.22
CA SER A 81 -7.14 -6.82 0.35
C SER A 81 -7.34 -7.79 -0.83
N ASP A 82 -6.53 -7.70 -1.89
CA ASP A 82 -6.51 -8.68 -2.96
C ASP A 82 -5.08 -8.81 -3.47
N GLU A 83 -4.47 -9.96 -3.19
CA GLU A 83 -3.11 -10.29 -3.56
C GLU A 83 -2.85 -10.08 -5.06
N GLN A 84 -3.86 -10.24 -5.93
CA GLN A 84 -3.66 -10.04 -7.35
C GLN A 84 -3.25 -8.60 -7.69
N ASN A 85 -3.41 -7.63 -6.79
CA ASN A 85 -2.84 -6.31 -6.98
C ASN A 85 -1.32 -6.36 -6.92
N VAL A 86 -0.72 -6.99 -5.90
CA VAL A 86 0.73 -7.08 -5.83
C VAL A 86 1.23 -7.89 -7.02
N LEU A 87 0.51 -8.95 -7.41
CA LEU A 87 0.94 -9.83 -8.49
C LEU A 87 0.95 -9.08 -9.81
N ALA A 88 -0.04 -8.22 -10.03
CA ALA A 88 -0.10 -7.37 -11.19
C ALA A 88 1.00 -6.31 -11.18
N LEU A 89 1.37 -5.80 -10.01
CA LEU A 89 2.41 -4.79 -9.85
C LEU A 89 3.79 -5.36 -10.16
N ARG A 90 4.00 -6.67 -9.97
CA ARG A 90 5.26 -7.30 -10.34
C ARG A 90 5.55 -7.02 -11.80
N THR A 91 4.55 -7.27 -12.67
CA THR A 91 4.60 -7.08 -14.09
C THR A 91 5.03 -5.64 -14.39
N ILE A 92 4.55 -4.66 -13.65
CA ILE A 92 4.90 -3.27 -13.88
C ILE A 92 6.37 -3.00 -13.50
N GLN A 93 6.92 -3.70 -12.50
CA GLN A 93 8.33 -3.65 -12.24
C GLN A 93 9.13 -4.20 -13.41
N VAL A 94 8.65 -5.23 -14.10
CA VAL A 94 9.33 -5.74 -15.29
C VAL A 94 9.22 -4.74 -16.43
N ARG A 95 8.12 -3.98 -16.48
CA ARG A 95 7.91 -2.82 -17.34
C ARG A 95 8.65 -1.57 -16.82
N SER A 96 9.76 -1.70 -16.08
CA SER A 96 10.50 -0.54 -15.58
C SER A 96 11.30 0.18 -16.69
N GLY A 97 11.50 -0.45 -17.84
CA GLY A 97 12.23 0.10 -18.97
C GLY A 97 11.82 -0.65 -20.24
N PRO A 98 12.38 -0.27 -21.40
CA PRO A 98 11.92 -0.76 -22.69
C PRO A 98 12.30 -2.22 -22.93
N SER A 99 13.32 -2.72 -22.25
CA SER A 99 13.97 -4.02 -22.37
C SER A 99 13.12 -5.20 -21.86
N SER A 100 11.83 -4.99 -21.60
CA SER A 100 10.92 -6.01 -21.13
C SER A 100 10.60 -6.96 -22.30
N GLY A 101 11.48 -7.92 -22.53
CA GLY A 101 11.32 -9.04 -23.46
C GLY A 101 12.41 -10.03 -23.16
N GLY A 1 -11.68 -31.19 -17.22
CA GLY A 1 -12.01 -29.77 -17.23
C GLY A 1 -12.94 -29.54 -16.06
N SER A 2 -14.23 -29.35 -16.31
CA SER A 2 -15.28 -29.84 -15.41
C SER A 2 -15.10 -29.28 -13.98
N SER A 3 -14.83 -27.97 -13.89
CA SER A 3 -14.50 -27.29 -12.67
C SER A 3 -15.08 -25.88 -12.74
N GLY A 4 -15.35 -25.28 -11.59
CA GLY A 4 -15.68 -23.87 -11.48
C GLY A 4 -15.29 -23.35 -10.11
N SER A 5 -15.16 -22.04 -9.96
CA SER A 5 -14.84 -21.38 -8.70
C SER A 5 -15.37 -19.94 -8.73
N SER A 6 -15.55 -19.33 -7.55
CA SER A 6 -15.81 -17.92 -7.34
C SER A 6 -15.33 -17.57 -5.94
N GLY A 7 -15.24 -16.28 -5.63
CA GLY A 7 -15.25 -15.74 -4.28
C GLY A 7 -16.12 -14.49 -4.28
N ALA A 8 -16.54 -14.03 -3.10
CA ALA A 8 -17.14 -12.72 -2.87
C ALA A 8 -17.01 -12.40 -1.38
N GLY A 9 -17.04 -11.13 -1.01
CA GLY A 9 -17.06 -10.69 0.38
C GLY A 9 -17.28 -9.19 0.42
N PRO A 10 -18.49 -8.70 0.13
CA PRO A 10 -18.75 -7.29 -0.03
C PRO A 10 -18.85 -6.60 1.33
N GLY A 11 -18.24 -5.43 1.47
CA GLY A 11 -18.27 -4.62 2.67
C GLY A 11 -17.48 -3.33 2.43
N ALA A 12 -16.47 -3.08 3.26
CA ALA A 12 -15.55 -1.94 3.26
C ALA A 12 -16.21 -0.58 3.43
N GLU A 13 -15.48 0.33 4.06
CA GLU A 13 -15.96 1.64 4.51
C GLU A 13 -14.76 2.55 4.82
N GLU A 14 -14.98 3.86 4.81
CA GLU A 14 -14.00 4.88 5.18
C GLU A 14 -13.91 4.85 6.70
N GLU A 15 -12.84 4.31 7.27
CA GLU A 15 -12.70 4.11 8.71
C GLU A 15 -11.25 4.30 9.13
N GLN A 16 -10.96 4.19 10.43
CA GLN A 16 -9.61 4.27 10.95
C GLN A 16 -8.85 2.99 10.62
N LEU A 17 -7.77 3.14 9.86
CA LEU A 17 -6.91 2.06 9.38
C LEU A 17 -5.58 2.16 10.10
N ASP A 18 -4.96 1.03 10.45
CA ASP A 18 -3.62 1.07 11.06
C ASP A 18 -2.59 1.34 9.99
N THR A 19 -2.14 2.58 9.95
CA THR A 19 -1.23 3.06 8.95
C THR A 19 0.17 2.47 9.07
N ALA A 20 0.67 2.22 10.28
CA ALA A 20 1.99 1.59 10.40
C ALA A 20 1.95 0.14 9.92
N GLU A 21 0.77 -0.49 9.98
CA GLU A 21 0.49 -1.84 9.58
C GLU A 21 0.36 -1.89 8.06
N ILE A 22 -0.45 -1.02 7.46
CA ILE A 22 -0.52 -0.88 6.01
C ILE A 22 0.89 -0.63 5.50
N ALA A 23 1.58 0.37 6.05
CA ALA A 23 2.93 0.75 5.63
C ALA A 23 3.90 -0.43 5.71
N PHE A 24 3.89 -1.18 6.81
CA PHE A 24 4.67 -2.39 6.99
C PHE A 24 4.28 -3.37 5.89
N GLN A 25 3.04 -3.88 5.88
CA GLN A 25 2.54 -4.86 4.94
C GLN A 25 2.88 -4.52 3.48
N VAL A 26 2.79 -3.26 3.09
CA VAL A 26 3.19 -2.79 1.76
C VAL A 26 4.66 -3.12 1.52
N LYS A 27 5.56 -2.72 2.42
CA LYS A 27 6.98 -3.04 2.32
C LYS A 27 7.12 -4.55 2.15
N GLU A 28 6.50 -5.36 3.01
CA GLU A 28 6.66 -6.81 3.01
C GLU A 28 6.23 -7.44 1.69
N GLN A 29 5.09 -7.00 1.17
CA GLN A 29 4.53 -7.39 -0.13
C GLN A 29 5.45 -7.05 -1.29
N LEU A 30 5.93 -5.80 -1.35
CA LEU A 30 6.85 -5.38 -2.38
C LEU A 30 8.08 -6.26 -2.28
N LEU A 31 8.66 -6.44 -1.08
CA LEU A 31 9.75 -7.35 -0.83
C LEU A 31 9.50 -8.78 -1.29
N LYS A 32 8.30 -9.30 -1.03
CA LYS A 32 7.89 -10.67 -1.36
C LYS A 32 8.13 -10.99 -2.83
N HIS A 33 8.07 -9.96 -3.66
CA HIS A 33 8.30 -10.02 -5.10
C HIS A 33 9.40 -9.04 -5.57
N ASN A 34 10.21 -8.51 -4.65
CA ASN A 34 11.22 -7.45 -4.81
C ASN A 34 10.80 -6.32 -5.76
N ILE A 35 9.64 -5.71 -5.51
CA ILE A 35 9.13 -4.59 -6.31
C ILE A 35 9.66 -3.28 -5.70
N GLY A 36 9.80 -2.27 -6.55
CA GLY A 36 10.35 -0.97 -6.24
C GLY A 36 9.28 -0.03 -5.71
N GLN A 37 9.59 0.64 -4.59
CA GLN A 37 8.73 1.64 -3.96
C GLN A 37 8.42 2.84 -4.88
N ARG A 38 9.22 3.10 -5.93
CA ARG A 38 8.87 4.11 -6.93
C ARG A 38 7.63 3.66 -7.68
N VAL A 39 7.69 2.51 -8.37
CA VAL A 39 6.59 2.00 -9.18
C VAL A 39 5.32 1.90 -8.35
N PHE A 40 5.38 1.33 -7.15
CA PHE A 40 4.22 1.20 -6.29
C PHE A 40 3.53 2.55 -6.06
N GLY A 41 4.28 3.58 -5.67
CA GLY A 41 3.72 4.90 -5.50
C GLY A 41 3.32 5.53 -6.82
N HIS A 42 3.96 5.19 -7.94
CA HIS A 42 3.65 5.75 -9.23
C HIS A 42 2.32 5.20 -9.79
N TYR A 43 1.85 4.03 -9.35
CA TYR A 43 0.65 3.38 -9.92
C TYR A 43 -0.47 3.24 -8.91
N VAL A 44 -0.21 2.53 -7.82
CA VAL A 44 -1.23 2.18 -6.84
C VAL A 44 -1.67 3.47 -6.17
N LEU A 45 -0.71 4.31 -5.81
CA LEU A 45 -0.96 5.52 -5.04
C LEU A 45 -1.10 6.72 -5.96
N GLY A 46 -0.25 6.80 -6.98
CA GLY A 46 -0.25 7.87 -7.96
C GLY A 46 0.45 9.12 -7.44
N LEU A 47 1.44 8.97 -6.56
CA LEU A 47 2.13 10.02 -5.83
C LEU A 47 3.62 9.92 -6.18
N SER A 48 4.37 10.98 -5.88
CA SER A 48 5.80 10.99 -6.14
C SER A 48 6.53 9.96 -5.28
N GLN A 49 7.76 9.62 -5.68
CA GLN A 49 8.58 8.62 -5.03
C GLN A 49 8.79 9.02 -3.57
N GLY A 50 9.29 10.24 -3.33
CA GLY A 50 9.58 10.74 -2.00
C GLY A 50 8.31 10.78 -1.18
N SER A 51 7.20 11.25 -1.78
CA SER A 51 5.90 11.34 -1.15
C SER A 51 5.50 9.99 -0.53
N VAL A 52 5.37 8.90 -1.30
CA VAL A 52 5.06 7.59 -0.69
C VAL A 52 6.14 7.06 0.23
N SER A 53 7.41 7.24 -0.09
CA SER A 53 8.48 6.69 0.74
C SER A 53 8.40 7.31 2.14
N GLU A 54 8.04 8.59 2.25
CA GLU A 54 7.72 9.22 3.53
C GLU A 54 6.57 8.49 4.23
N ILE A 55 5.51 8.13 3.51
CA ILE A 55 4.35 7.49 4.11
C ILE A 55 4.80 6.18 4.78
N LEU A 56 5.70 5.45 4.11
CA LEU A 56 6.19 4.16 4.57
C LEU A 56 7.17 4.35 5.73
N ALA A 57 8.01 5.38 5.64
CA ALA A 57 9.03 5.76 6.60
C ALA A 57 8.42 6.28 7.91
N ARG A 58 7.48 7.21 7.81
CA ARG A 58 6.76 7.86 8.89
C ARG A 58 5.26 7.72 8.62
N PRO A 59 4.70 6.53 8.83
CA PRO A 59 3.26 6.34 8.87
C PRO A 59 2.76 7.10 10.11
N LYS A 60 2.19 8.28 9.92
CA LYS A 60 1.59 9.05 10.97
C LYS A 60 0.37 8.28 11.50
N PRO A 61 -0.23 8.72 12.59
CA PRO A 61 -1.53 8.23 13.04
C PRO A 61 -2.61 8.65 12.04
N TRP A 62 -3.64 7.82 11.83
CA TRP A 62 -4.76 8.11 10.93
C TRP A 62 -5.41 9.45 11.30
N ARG A 63 -5.72 9.65 12.59
CA ARG A 63 -6.21 10.93 13.11
C ARG A 63 -5.33 12.14 12.77
N LYS A 64 -4.05 11.93 12.43
CA LYS A 64 -3.08 12.98 12.10
C LYS A 64 -2.98 13.25 10.62
N LEU A 65 -3.82 12.61 9.82
CA LEU A 65 -3.98 12.84 8.39
C LEU A 65 -5.36 13.42 8.12
N THR A 66 -5.61 13.78 6.86
CA THR A 66 -6.90 14.21 6.34
C THR A 66 -7.21 13.38 5.10
N VAL A 67 -8.28 13.67 4.35
CA VAL A 67 -8.62 13.00 3.09
C VAL A 67 -7.39 12.91 2.18
N LYS A 68 -6.73 14.02 1.85
CA LYS A 68 -5.52 13.97 1.04
C LYS A 68 -4.40 13.17 1.70
N GLY A 69 -4.33 13.17 3.02
CA GLY A 69 -3.46 12.33 3.82
C GLY A 69 -3.71 10.84 3.57
N LYS A 70 -4.98 10.45 3.55
CA LYS A 70 -5.47 9.08 3.66
C LYS A 70 -5.63 8.42 2.29
N GLU A 71 -5.67 9.20 1.20
CA GLU A 71 -5.78 8.78 -0.19
C GLU A 71 -4.88 7.56 -0.47
N PRO A 72 -3.57 7.59 -0.17
CA PRO A 72 -2.70 6.46 -0.37
C PRO A 72 -3.08 5.30 0.55
N PHE A 73 -3.23 5.52 1.85
CA PHE A 73 -3.48 4.44 2.79
C PHE A 73 -4.73 3.63 2.44
N ILE A 74 -5.81 4.28 1.99
CA ILE A 74 -7.02 3.60 1.52
C ILE A 74 -6.64 2.65 0.38
N LYS A 75 -5.97 3.18 -0.65
CA LYS A 75 -5.52 2.42 -1.81
C LYS A 75 -4.63 1.26 -1.37
N MET A 76 -3.66 1.51 -0.50
CA MET A 76 -2.74 0.49 -0.02
C MET A 76 -3.49 -0.61 0.71
N LYS A 77 -4.39 -0.25 1.63
CA LYS A 77 -5.15 -1.23 2.37
C LYS A 77 -5.97 -2.14 1.44
N GLN A 78 -6.59 -1.60 0.38
CA GLN A 78 -7.33 -2.39 -0.60
C GLN A 78 -6.39 -3.30 -1.38
N PHE A 79 -5.22 -2.79 -1.75
CA PHE A 79 -4.20 -3.54 -2.43
C PHE A 79 -3.81 -4.77 -1.61
N LEU A 80 -3.70 -4.59 -0.29
CA LEU A 80 -3.32 -5.63 0.65
C LEU A 80 -4.44 -6.62 0.96
N SER A 81 -5.69 -6.31 0.63
CA SER A 81 -6.82 -7.22 0.81
C SER A 81 -6.90 -8.24 -0.33
N ASP A 82 -6.19 -8.02 -1.43
CA ASP A 82 -6.30 -8.82 -2.63
C ASP A 82 -4.93 -8.94 -3.28
N GLU A 83 -4.26 -10.04 -3.00
CA GLU A 83 -2.91 -10.39 -3.48
C GLU A 83 -2.77 -10.18 -5.01
N GLN A 84 -3.84 -10.23 -5.81
CA GLN A 84 -3.73 -10.01 -7.25
C GLN A 84 -3.13 -8.65 -7.58
N ASN A 85 -3.33 -7.65 -6.72
CA ASN A 85 -2.77 -6.32 -6.92
C ASN A 85 -1.25 -6.41 -6.93
N VAL A 86 -0.64 -6.98 -5.88
CA VAL A 86 0.81 -7.10 -5.80
C VAL A 86 1.33 -8.00 -6.93
N LEU A 87 0.60 -9.05 -7.29
CA LEU A 87 1.00 -9.99 -8.34
C LEU A 87 1.10 -9.28 -9.68
N ALA A 88 0.17 -8.37 -9.96
CA ALA A 88 0.16 -7.58 -11.17
C ALA A 88 1.25 -6.51 -11.17
N LEU A 89 1.57 -5.92 -10.00
CA LEU A 89 2.62 -4.91 -9.85
C LEU A 89 3.97 -5.48 -10.24
N ARG A 90 4.16 -6.80 -10.15
CA ARG A 90 5.38 -7.46 -10.58
C ARG A 90 5.64 -7.17 -12.05
N THR A 91 4.64 -7.35 -12.92
CA THR A 91 4.73 -7.05 -14.34
C THR A 91 5.05 -5.56 -14.54
N ILE A 92 4.48 -4.65 -13.75
CA ILE A 92 4.81 -3.23 -13.90
C ILE A 92 6.29 -3.01 -13.59
N GLN A 93 6.82 -3.66 -12.55
CA GLN A 93 8.19 -3.53 -12.13
C GLN A 93 9.15 -3.94 -13.25
N VAL A 94 8.91 -5.07 -13.92
CA VAL A 94 9.74 -5.43 -15.08
C VAL A 94 9.48 -4.48 -16.26
N ARG A 95 8.28 -3.91 -16.41
CA ARG A 95 7.94 -2.96 -17.47
C ARG A 95 8.51 -1.56 -17.22
N SER A 96 9.24 -1.30 -16.13
CA SER A 96 9.71 0.03 -15.74
C SER A 96 10.38 0.80 -16.88
N GLY A 97 10.35 2.13 -16.75
CA GLY A 97 11.14 3.05 -17.55
C GLY A 97 12.64 2.85 -17.32
N PRO A 98 13.49 3.58 -18.05
CA PRO A 98 14.93 3.33 -18.11
C PRO A 98 15.64 3.88 -16.87
N SER A 99 15.33 3.36 -15.68
CA SER A 99 16.02 3.67 -14.43
C SER A 99 15.89 2.45 -13.53
N SER A 100 17.00 1.99 -12.95
CA SER A 100 17.09 0.74 -12.23
C SER A 100 18.14 0.88 -11.13
N GLY A 101 17.70 0.94 -9.87
CA GLY A 101 18.51 1.29 -8.72
C GLY A 101 18.09 2.68 -8.29
N GLY A 1 -15.54 -24.35 25.60
CA GLY A 1 -16.49 -23.24 25.53
C GLY A 1 -17.11 -23.20 24.14
N SER A 2 -17.90 -22.17 23.85
CA SER A 2 -18.50 -21.94 22.55
C SER A 2 -18.59 -20.45 22.28
N SER A 3 -18.71 -20.07 21.01
CA SER A 3 -18.43 -18.72 20.51
C SER A 3 -17.02 -18.25 20.89
N GLY A 4 -16.60 -17.09 20.41
CA GLY A 4 -15.20 -16.69 20.45
C GLY A 4 -14.96 -15.53 19.51
N SER A 5 -13.75 -15.44 18.96
CA SER A 5 -13.34 -14.45 17.97
C SER A 5 -14.30 -14.46 16.77
N SER A 6 -14.93 -13.33 16.49
CA SER A 6 -15.86 -13.09 15.40
C SER A 6 -15.89 -11.57 15.12
N GLY A 7 -16.64 -11.14 14.11
CA GLY A 7 -16.71 -9.74 13.70
C GLY A 7 -15.35 -9.27 13.20
N ALA A 8 -14.96 -9.75 12.02
CA ALA A 8 -13.63 -9.56 11.47
C ALA A 8 -13.75 -9.13 10.01
N GLY A 9 -13.22 -7.94 9.68
CA GLY A 9 -13.35 -7.32 8.37
C GLY A 9 -14.75 -6.75 8.22
N PRO A 10 -15.00 -5.51 8.69
CA PRO A 10 -16.36 -5.00 8.87
C PRO A 10 -17.09 -4.70 7.57
N GLY A 11 -16.43 -4.66 6.42
CA GLY A 11 -17.05 -4.37 5.14
C GLY A 11 -16.16 -3.43 4.36
N ALA A 12 -16.79 -2.57 3.56
CA ALA A 12 -16.16 -1.76 2.51
C ALA A 12 -16.24 -0.27 2.84
N GLU A 13 -16.31 0.10 4.13
CA GLU A 13 -16.37 1.47 4.61
C GLU A 13 -14.97 2.11 4.65
N GLU A 14 -14.87 3.35 5.15
CA GLU A 14 -13.64 4.14 5.26
C GLU A 14 -13.53 4.60 6.72
N GLU A 15 -12.52 4.15 7.45
CA GLU A 15 -12.51 4.01 8.91
C GLU A 15 -11.08 4.10 9.44
N GLN A 16 -10.88 4.01 10.76
CA GLN A 16 -9.53 4.11 11.31
C GLN A 16 -8.72 2.85 11.01
N LEU A 17 -7.94 2.92 9.93
CA LEU A 17 -6.92 1.95 9.58
C LEU A 17 -5.69 2.24 10.44
N ASP A 18 -4.83 1.24 10.69
CA ASP A 18 -3.47 1.50 11.15
C ASP A 18 -2.61 1.74 9.93
N THR A 19 -2.28 3.00 9.72
CA THR A 19 -1.34 3.41 8.71
C THR A 19 0.01 2.73 8.90
N ALA A 20 0.49 2.61 10.15
CA ALA A 20 1.74 1.92 10.47
C ALA A 20 1.73 0.48 9.97
N GLU A 21 0.58 -0.17 10.07
CA GLU A 21 0.36 -1.54 9.67
C GLU A 21 0.38 -1.61 8.16
N ILE A 22 -0.43 -0.82 7.47
CA ILE A 22 -0.47 -0.78 6.02
C ILE A 22 0.94 -0.53 5.51
N ALA A 23 1.62 0.50 6.02
CA ALA A 23 2.99 0.84 5.65
C ALA A 23 3.91 -0.37 5.80
N PHE A 24 3.87 -1.06 6.93
CA PHE A 24 4.60 -2.29 7.19
C PHE A 24 4.27 -3.32 6.11
N GLN A 25 3.01 -3.76 6.04
CA GLN A 25 2.49 -4.78 5.15
C GLN A 25 2.87 -4.53 3.68
N VAL A 26 2.81 -3.28 3.20
CA VAL A 26 3.22 -2.95 1.84
C VAL A 26 4.70 -3.26 1.65
N LYS A 27 5.56 -2.82 2.59
CA LYS A 27 6.98 -3.11 2.52
C LYS A 27 7.17 -4.64 2.44
N GLU A 28 6.40 -5.44 3.18
CA GLU A 28 6.46 -6.90 3.10
C GLU A 28 6.16 -7.41 1.69
N GLN A 29 5.00 -7.06 1.11
CA GLN A 29 4.54 -7.56 -0.19
C GLN A 29 5.47 -7.13 -1.34
N LEU A 30 5.99 -5.91 -1.35
CA LEU A 30 6.94 -5.50 -2.38
C LEU A 30 8.17 -6.40 -2.26
N LEU A 31 8.70 -6.61 -1.05
CA LEU A 31 9.82 -7.53 -0.82
C LEU A 31 9.48 -8.99 -1.07
N LYS A 32 8.18 -9.36 -1.14
CA LYS A 32 7.75 -10.73 -1.42
C LYS A 32 8.11 -11.12 -2.86
N HIS A 33 8.12 -10.14 -3.75
CA HIS A 33 8.37 -10.32 -5.18
C HIS A 33 9.48 -9.41 -5.70
N ASN A 34 10.22 -8.73 -4.80
CA ASN A 34 11.10 -7.59 -5.03
C ASN A 34 10.48 -6.61 -6.02
N ILE A 35 9.64 -5.68 -5.54
CA ILE A 35 9.08 -4.61 -6.34
C ILE A 35 9.58 -3.26 -5.78
N GLY A 36 9.69 -2.26 -6.65
CA GLY A 36 10.21 -0.95 -6.30
C GLY A 36 9.11 -0.03 -5.78
N GLN A 37 9.44 0.78 -4.79
CA GLN A 37 8.51 1.74 -4.21
C GLN A 37 8.11 2.83 -5.18
N ARG A 38 9.01 3.25 -6.08
CA ARG A 38 8.65 4.22 -7.11
C ARG A 38 7.53 3.66 -7.98
N VAL A 39 7.62 2.40 -8.43
CA VAL A 39 6.55 1.83 -9.22
C VAL A 39 5.28 1.78 -8.40
N PHE A 40 5.33 1.17 -7.21
CA PHE A 40 4.16 1.05 -6.36
C PHE A 40 3.47 2.40 -6.15
N GLY A 41 4.23 3.44 -5.82
CA GLY A 41 3.69 4.73 -5.52
C GLY A 41 3.31 5.51 -6.76
N HIS A 42 3.93 5.29 -7.92
CA HIS A 42 3.57 6.01 -9.14
C HIS A 42 2.30 5.43 -9.77
N TYR A 43 2.03 4.14 -9.53
CA TYR A 43 0.86 3.46 -10.05
C TYR A 43 -0.23 3.46 -8.99
N VAL A 44 -0.13 2.57 -7.99
CA VAL A 44 -1.14 2.29 -6.98
C VAL A 44 -1.53 3.59 -6.33
N LEU A 45 -0.53 4.35 -5.86
CA LEU A 45 -0.80 5.53 -5.04
C LEU A 45 -0.95 6.78 -5.90
N GLY A 46 -0.21 6.87 -6.99
CA GLY A 46 -0.23 8.02 -7.91
C GLY A 46 0.63 9.18 -7.43
N LEU A 47 1.49 8.98 -6.43
CA LEU A 47 2.24 10.00 -5.75
C LEU A 47 3.69 10.00 -6.24
N SER A 48 4.49 11.00 -5.83
CA SER A 48 5.94 10.96 -6.06
C SER A 48 6.56 9.84 -5.22
N GLN A 49 7.76 9.36 -5.57
CA GLN A 49 8.46 8.39 -4.75
C GLN A 49 8.73 8.99 -3.36
N GLY A 50 9.22 10.22 -3.30
CA GLY A 50 9.48 10.93 -2.05
C GLY A 50 8.22 11.07 -1.20
N SER A 51 7.04 11.22 -1.81
CA SER A 51 5.78 11.13 -1.09
C SER A 51 5.67 9.76 -0.44
N VAL A 52 5.50 8.67 -1.18
CA VAL A 52 5.26 7.37 -0.56
C VAL A 52 6.36 6.95 0.43
N SER A 53 7.61 7.20 0.09
CA SER A 53 8.75 6.92 0.94
C SER A 53 8.56 7.61 2.31
N GLU A 54 8.15 8.88 2.34
CA GLU A 54 7.78 9.56 3.57
C GLU A 54 6.66 8.82 4.29
N ILE A 55 5.61 8.41 3.57
CA ILE A 55 4.48 7.74 4.16
C ILE A 55 4.97 6.47 4.89
N LEU A 56 5.89 5.74 4.27
CA LEU A 56 6.47 4.51 4.82
C LEU A 56 7.38 4.82 6.00
N ALA A 57 8.18 5.88 5.90
CA ALA A 57 9.15 6.33 6.87
C ALA A 57 8.51 6.79 8.18
N ARG A 58 7.49 7.63 8.08
CA ARG A 58 6.74 8.18 9.20
C ARG A 58 5.26 8.03 8.86
N PRO A 59 4.69 6.84 9.03
CA PRO A 59 3.26 6.66 8.87
C PRO A 59 2.58 7.35 10.06
N LYS A 60 2.15 8.60 9.89
CA LYS A 60 1.37 9.29 10.87
C LYS A 60 0.07 8.53 11.07
N PRO A 61 -0.53 8.67 12.25
CA PRO A 61 -1.74 7.96 12.58
C PRO A 61 -2.85 8.46 11.66
N TRP A 62 -3.83 7.60 11.35
CA TRP A 62 -4.97 7.94 10.52
C TRP A 62 -5.66 9.20 11.03
N ARG A 63 -5.85 9.29 12.35
CA ARG A 63 -6.44 10.47 12.99
C ARG A 63 -5.70 11.78 12.72
N LYS A 64 -4.41 11.76 12.35
CA LYS A 64 -3.66 12.97 12.01
C LYS A 64 -3.87 13.39 10.56
N LEU A 65 -4.15 12.47 9.64
CA LEU A 65 -4.14 12.75 8.22
C LEU A 65 -5.49 13.30 7.80
N THR A 66 -5.55 14.04 6.68
CA THR A 66 -6.79 14.40 6.01
C THR A 66 -7.02 13.41 4.86
N VAL A 67 -8.09 13.58 4.08
CA VAL A 67 -8.42 12.75 2.91
C VAL A 67 -7.21 12.57 2.00
N LYS A 68 -6.52 13.63 1.60
CA LYS A 68 -5.33 13.49 0.75
C LYS A 68 -4.18 12.72 1.40
N GLY A 69 -4.13 12.69 2.73
CA GLY A 69 -3.21 11.91 3.53
C GLY A 69 -3.63 10.45 3.61
N LYS A 70 -4.92 10.19 3.74
CA LYS A 70 -5.53 8.86 3.83
C LYS A 70 -5.59 8.18 2.48
N GLU A 71 -5.65 8.95 1.39
CA GLU A 71 -5.79 8.48 0.02
C GLU A 71 -4.86 7.31 -0.31
N PRO A 72 -3.53 7.46 -0.11
CA PRO A 72 -2.62 6.36 -0.36
C PRO A 72 -2.94 5.19 0.56
N PHE A 73 -3.11 5.42 1.87
CA PHE A 73 -3.37 4.32 2.80
C PHE A 73 -4.61 3.52 2.46
N ILE A 74 -5.69 4.17 1.99
CA ILE A 74 -6.89 3.50 1.49
C ILE A 74 -6.49 2.57 0.35
N LYS A 75 -5.87 3.13 -0.70
CA LYS A 75 -5.42 2.38 -1.87
C LYS A 75 -4.56 1.20 -1.44
N MET A 76 -3.61 1.42 -0.52
CA MET A 76 -2.72 0.38 -0.03
C MET A 76 -3.46 -0.71 0.74
N LYS A 77 -4.34 -0.34 1.66
CA LYS A 77 -5.12 -1.31 2.42
C LYS A 77 -6.01 -2.14 1.49
N GLN A 78 -6.59 -1.52 0.47
CA GLN A 78 -7.42 -2.16 -0.55
C GLN A 78 -6.58 -3.12 -1.40
N PHE A 79 -5.36 -2.71 -1.75
CA PHE A 79 -4.38 -3.51 -2.45
C PHE A 79 -4.11 -4.78 -1.63
N LEU A 80 -3.81 -4.63 -0.34
CA LEU A 80 -3.51 -5.73 0.58
C LEU A 80 -4.70 -6.64 0.87
N SER A 81 -5.92 -6.25 0.47
CA SER A 81 -7.05 -7.16 0.54
C SER A 81 -6.85 -8.33 -0.44
N ASP A 82 -6.30 -8.10 -1.64
CA ASP A 82 -6.14 -9.12 -2.66
C ASP A 82 -4.73 -9.07 -3.23
N GLU A 83 -3.96 -10.11 -2.95
CA GLU A 83 -2.60 -10.32 -3.42
C GLU A 83 -2.49 -10.22 -4.95
N GLN A 84 -3.56 -10.41 -5.72
CA GLN A 84 -3.54 -10.16 -7.17
C GLN A 84 -3.07 -8.74 -7.51
N ASN A 85 -3.29 -7.76 -6.62
CA ASN A 85 -2.79 -6.41 -6.80
C ASN A 85 -1.27 -6.41 -6.85
N VAL A 86 -0.58 -7.07 -5.91
CA VAL A 86 0.88 -7.14 -5.94
C VAL A 86 1.32 -7.92 -7.17
N LEU A 87 0.60 -8.97 -7.54
CA LEU A 87 1.01 -9.87 -8.62
C LEU A 87 0.98 -9.13 -9.96
N ALA A 88 0.03 -8.21 -10.13
CA ALA A 88 -0.02 -7.33 -11.28
C ALA A 88 1.08 -6.26 -11.24
N LEU A 89 1.43 -5.77 -10.05
CA LEU A 89 2.50 -4.78 -9.85
C LEU A 89 3.85 -5.33 -10.27
N ARG A 90 4.03 -6.66 -10.19
CA ARG A 90 5.26 -7.28 -10.65
C ARG A 90 5.46 -6.97 -12.13
N THR A 91 4.43 -7.07 -12.97
CA THR A 91 4.49 -6.70 -14.38
C THR A 91 5.08 -5.29 -14.54
N ILE A 92 4.61 -4.33 -13.76
CA ILE A 92 4.97 -2.94 -13.88
C ILE A 92 6.44 -2.74 -13.51
N GLN A 93 6.94 -3.53 -12.57
CA GLN A 93 8.34 -3.56 -12.21
C GLN A 93 9.20 -4.06 -13.37
N VAL A 94 8.71 -5.00 -14.17
CA VAL A 94 9.39 -5.46 -15.39
C VAL A 94 9.27 -4.45 -16.55
N ARG A 95 8.50 -3.38 -16.36
CA ARG A 95 8.27 -2.31 -17.35
C ARG A 95 9.02 -1.02 -16.96
N SER A 96 9.81 -1.06 -15.88
CA SER A 96 10.56 0.06 -15.34
C SER A 96 11.49 0.65 -16.40
N GLY A 97 12.49 -0.11 -16.85
CA GLY A 97 13.59 0.40 -17.67
C GLY A 97 14.71 -0.63 -17.79
N PRO A 98 15.86 -0.25 -18.39
CA PRO A 98 17.00 -1.13 -18.60
C PRO A 98 17.70 -1.40 -17.26
N SER A 99 17.50 -2.62 -16.76
CA SER A 99 17.75 -3.05 -15.38
C SER A 99 16.82 -2.34 -14.38
N SER A 100 16.82 -2.89 -13.17
CA SER A 100 16.46 -2.26 -11.93
C SER A 100 17.51 -2.75 -10.94
N GLY A 101 18.26 -1.86 -10.31
CA GLY A 101 19.33 -2.22 -9.39
C GLY A 101 20.33 -1.10 -9.22
N GLY A 1 -44.84 -16.07 -12.84
CA GLY A 1 -44.93 -16.53 -11.44
C GLY A 1 -43.52 -16.65 -10.88
N SER A 2 -43.38 -16.65 -9.55
CA SER A 2 -42.11 -16.51 -8.84
C SER A 2 -41.46 -15.14 -9.12
N SER A 3 -40.39 -14.84 -8.37
CA SER A 3 -39.51 -13.68 -8.48
C SER A 3 -38.36 -13.94 -7.50
N GLY A 4 -37.37 -13.05 -7.42
CA GLY A 4 -36.32 -13.10 -6.41
C GLY A 4 -35.18 -12.15 -6.75
N SER A 5 -34.71 -11.38 -5.76
CA SER A 5 -33.54 -10.52 -5.81
C SER A 5 -33.26 -10.07 -4.38
N SER A 6 -32.11 -10.42 -3.81
CA SER A 6 -31.60 -9.91 -2.54
C SER A 6 -30.10 -10.17 -2.46
N GLY A 7 -29.41 -9.44 -1.59
CA GLY A 7 -28.01 -9.69 -1.26
C GLY A 7 -27.12 -8.58 -1.78
N ALA A 8 -26.94 -7.51 -1.00
CA ALA A 8 -25.95 -6.48 -1.26
C ALA A 8 -25.19 -6.20 0.03
N GLY A 9 -23.95 -5.75 -0.10
CA GLY A 9 -23.10 -5.42 1.05
C GLY A 9 -21.88 -4.66 0.58
N PRO A 10 -22.01 -3.39 0.16
CA PRO A 10 -20.88 -2.49 -0.06
C PRO A 10 -20.17 -2.15 1.27
N GLY A 11 -18.99 -1.54 1.17
CA GLY A 11 -18.11 -1.26 2.29
C GLY A 11 -18.79 -0.44 3.37
N ALA A 12 -18.42 -0.69 4.63
CA ALA A 12 -18.96 -0.01 5.79
C ALA A 12 -18.30 1.37 5.90
N GLU A 13 -18.77 2.31 5.07
CA GLU A 13 -18.23 3.64 4.89
C GLU A 13 -16.70 3.62 4.90
N GLU A 14 -16.07 4.54 5.62
CA GLU A 14 -14.64 4.72 5.66
C GLU A 14 -14.21 4.77 7.12
N GLU A 15 -13.44 3.76 7.52
CA GLU A 15 -13.08 3.48 8.91
C GLU A 15 -11.75 4.16 9.29
N GLN A 16 -11.06 3.68 10.32
CA GLN A 16 -9.79 4.17 10.82
C GLN A 16 -8.74 3.06 10.68
N LEU A 17 -8.02 3.08 9.57
CA LEU A 17 -7.09 2.03 9.19
C LEU A 17 -5.80 2.13 10.02
N ASP A 18 -5.11 1.01 10.27
CA ASP A 18 -3.78 1.03 10.90
C ASP A 18 -2.77 1.43 9.84
N THR A 19 -2.46 2.71 9.73
CA THR A 19 -1.48 3.18 8.76
C THR A 19 -0.13 2.50 8.96
N ALA A 20 0.30 2.32 10.21
CA ALA A 20 1.59 1.72 10.52
C ALA A 20 1.65 0.30 9.99
N GLU A 21 0.52 -0.40 10.03
CA GLU A 21 0.37 -1.76 9.56
C GLU A 21 0.43 -1.75 8.04
N ILE A 22 -0.42 -0.97 7.39
CA ILE A 22 -0.49 -0.94 5.94
C ILE A 22 0.90 -0.57 5.39
N ALA A 23 1.57 0.41 6.00
CA ALA A 23 2.93 0.77 5.63
C ALA A 23 3.88 -0.41 5.78
N PHE A 24 3.83 -1.10 6.91
CA PHE A 24 4.62 -2.30 7.17
C PHE A 24 4.35 -3.32 6.09
N GLN A 25 3.12 -3.82 6.01
CA GLN A 25 2.66 -4.87 5.13
C GLN A 25 2.94 -4.57 3.65
N VAL A 26 2.86 -3.32 3.20
CA VAL A 26 3.31 -2.91 1.87
C VAL A 26 4.81 -3.19 1.71
N LYS A 27 5.65 -2.68 2.63
CA LYS A 27 7.09 -2.92 2.58
C LYS A 27 7.35 -4.41 2.46
N GLU A 28 6.62 -5.25 3.22
CA GLU A 28 6.73 -6.71 3.16
C GLU A 28 6.40 -7.21 1.75
N GLN A 29 5.22 -6.91 1.22
CA GLN A 29 4.77 -7.42 -0.09
C GLN A 29 5.66 -6.94 -1.25
N LEU A 30 6.20 -5.73 -1.21
CA LEU A 30 7.20 -5.28 -2.17
C LEU A 30 8.40 -6.20 -2.05
N LEU A 31 8.93 -6.42 -0.83
CA LEU A 31 10.02 -7.34 -0.59
C LEU A 31 9.71 -8.75 -1.12
N LYS A 32 8.47 -9.21 -0.90
CA LYS A 32 7.96 -10.54 -1.24
C LYS A 32 8.14 -10.89 -2.72
N HIS A 33 8.13 -9.88 -3.58
CA HIS A 33 8.28 -10.01 -5.03
C HIS A 33 9.40 -9.09 -5.55
N ASN A 34 10.25 -8.58 -4.65
CA ASN A 34 11.30 -7.59 -4.84
C ASN A 34 10.88 -6.39 -5.71
N ILE A 35 9.68 -5.83 -5.51
CA ILE A 35 9.19 -4.74 -6.35
C ILE A 35 9.78 -3.42 -5.85
N GLY A 36 10.04 -2.48 -6.78
CA GLY A 36 10.56 -1.15 -6.48
C GLY A 36 9.43 -0.23 -6.00
N GLN A 37 9.66 0.46 -4.88
CA GLN A 37 8.72 1.39 -4.26
C GLN A 37 8.26 2.50 -5.20
N ARG A 38 9.14 3.02 -6.08
CA ARG A 38 8.75 4.03 -7.06
C ARG A 38 7.58 3.55 -7.88
N VAL A 39 7.63 2.34 -8.45
CA VAL A 39 6.54 1.84 -9.26
C VAL A 39 5.27 1.77 -8.43
N PHE A 40 5.35 1.19 -7.24
CA PHE A 40 4.19 1.07 -6.37
C PHE A 40 3.56 2.45 -6.13
N GLY A 41 4.34 3.47 -5.77
CA GLY A 41 3.82 4.80 -5.54
C GLY A 41 3.41 5.52 -6.82
N HIS A 42 4.02 5.25 -7.98
CA HIS A 42 3.72 5.95 -9.22
C HIS A 42 2.43 5.45 -9.88
N TYR A 43 2.09 4.17 -9.67
CA TYR A 43 0.93 3.53 -10.31
C TYR A 43 -0.20 3.38 -9.31
N VAL A 44 0.05 2.68 -8.20
CA VAL A 44 -0.97 2.31 -7.23
C VAL A 44 -1.45 3.59 -6.55
N LEU A 45 -0.52 4.35 -6.00
CA LEU A 45 -0.82 5.52 -5.18
C LEU A 45 -0.93 6.76 -6.06
N GLY A 46 -0.07 6.86 -7.08
CA GLY A 46 -0.03 8.02 -7.97
C GLY A 46 0.59 9.22 -7.26
N LEU A 47 1.60 9.01 -6.41
CA LEU A 47 2.30 10.02 -5.65
C LEU A 47 3.79 9.95 -6.01
N SER A 48 4.51 11.01 -5.68
CA SER A 48 5.96 11.10 -5.81
C SER A 48 6.62 9.93 -5.08
N GLN A 49 7.73 9.41 -5.61
CA GLN A 49 8.54 8.41 -4.92
C GLN A 49 9.03 8.96 -3.56
N GLY A 50 9.18 10.28 -3.44
CA GLY A 50 9.53 10.96 -2.20
C GLY A 50 8.37 11.03 -1.22
N SER A 51 7.15 11.22 -1.75
CA SER A 51 5.95 11.23 -0.93
C SER A 51 5.70 9.83 -0.36
N VAL A 52 5.52 8.79 -1.18
CA VAL A 52 5.21 7.48 -0.61
C VAL A 52 6.29 6.96 0.35
N SER A 53 7.55 7.25 0.08
CA SER A 53 8.61 6.83 0.99
C SER A 53 8.44 7.46 2.37
N GLU A 54 8.02 8.73 2.47
CA GLU A 54 7.63 9.35 3.73
C GLU A 54 6.55 8.52 4.42
N ILE A 55 5.60 7.97 3.65
CA ILE A 55 4.45 7.29 4.20
C ILE A 55 4.95 6.00 4.86
N LEU A 56 5.80 5.26 4.14
CA LEU A 56 6.30 3.97 4.58
C LEU A 56 7.33 4.12 5.70
N ALA A 57 8.07 5.23 5.70
CA ALA A 57 9.00 5.63 6.72
C ALA A 57 8.27 6.02 8.01
N ARG A 58 7.36 6.99 7.93
CA ARG A 58 6.73 7.62 9.08
C ARG A 58 5.22 7.61 8.85
N PRO A 59 4.58 6.45 8.99
CA PRO A 59 3.14 6.33 8.90
C PRO A 59 2.55 7.03 10.11
N LYS A 60 2.15 8.28 9.94
CA LYS A 60 1.39 9.01 10.92
C LYS A 60 0.04 8.33 11.09
N PRO A 61 -0.61 8.58 12.22
CA PRO A 61 -1.83 7.91 12.57
C PRO A 61 -2.90 8.40 11.62
N TRP A 62 -3.88 7.56 11.32
CA TRP A 62 -5.01 7.93 10.47
C TRP A 62 -5.64 9.23 10.98
N ARG A 63 -5.79 9.36 12.31
CA ARG A 63 -6.35 10.56 12.91
C ARG A 63 -5.53 11.84 12.72
N LYS A 64 -4.26 11.80 12.29
CA LYS A 64 -3.53 13.02 11.92
C LYS A 64 -3.74 13.41 10.47
N LEU A 65 -4.24 12.53 9.62
CA LEU A 65 -4.26 12.77 8.18
C LEU A 65 -5.60 13.38 7.80
N THR A 66 -5.58 14.19 6.76
CA THR A 66 -6.79 14.63 6.05
C THR A 66 -6.95 13.75 4.80
N VAL A 67 -7.99 13.95 3.98
CA VAL A 67 -8.30 13.11 2.82
C VAL A 67 -7.07 12.88 1.93
N LYS A 68 -6.34 13.91 1.51
CA LYS A 68 -5.14 13.67 0.70
C LYS A 68 -4.10 12.81 1.41
N GLY A 69 -3.99 12.94 2.73
CA GLY A 69 -3.15 12.09 3.57
C GLY A 69 -3.65 10.64 3.60
N LYS A 70 -4.95 10.42 3.57
CA LYS A 70 -5.59 9.10 3.61
C LYS A 70 -5.59 8.40 2.24
N GLU A 71 -5.57 9.18 1.16
CA GLU A 71 -5.66 8.78 -0.23
C GLU A 71 -4.82 7.53 -0.53
N PRO A 72 -3.51 7.52 -0.18
CA PRO A 72 -2.66 6.37 -0.41
C PRO A 72 -3.13 5.20 0.46
N PHE A 73 -3.22 5.36 1.78
CA PHE A 73 -3.51 4.26 2.70
C PHE A 73 -4.84 3.56 2.41
N ILE A 74 -5.85 4.27 1.89
CA ILE A 74 -7.10 3.68 1.42
C ILE A 74 -6.76 2.63 0.36
N LYS A 75 -6.08 3.08 -0.69
CA LYS A 75 -5.64 2.22 -1.78
C LYS A 75 -4.83 1.08 -1.17
N MET A 76 -3.87 1.34 -0.29
CA MET A 76 -2.94 0.29 0.10
C MET A 76 -3.57 -0.76 0.98
N LYS A 77 -4.51 -0.38 1.83
CA LYS A 77 -5.28 -1.36 2.57
C LYS A 77 -6.07 -2.24 1.59
N GLN A 78 -6.67 -1.64 0.54
CA GLN A 78 -7.38 -2.36 -0.52
C GLN A 78 -6.43 -3.23 -1.37
N PHE A 79 -5.20 -2.77 -1.59
CA PHE A 79 -4.12 -3.51 -2.27
C PHE A 79 -3.87 -4.79 -1.49
N LEU A 80 -3.55 -4.66 -0.19
CA LEU A 80 -3.28 -5.76 0.72
C LEU A 80 -4.51 -6.65 0.99
N SER A 81 -5.67 -6.29 0.46
CA SER A 81 -6.87 -7.11 0.47
C SER A 81 -6.90 -8.14 -0.67
N ASP A 82 -5.96 -8.14 -1.63
CA ASP A 82 -5.86 -9.22 -2.62
C ASP A 82 -4.44 -9.37 -3.14
N GLU A 83 -3.93 -10.60 -3.23
CA GLU A 83 -2.61 -10.92 -3.78
C GLU A 83 -2.50 -10.49 -5.23
N GLN A 84 -3.59 -10.59 -6.01
CA GLN A 84 -3.56 -10.26 -7.42
C GLN A 84 -3.12 -8.81 -7.61
N ASN A 85 -3.35 -7.93 -6.63
CA ASN A 85 -2.92 -6.56 -6.69
C ASN A 85 -1.40 -6.45 -6.74
N VAL A 86 -0.66 -7.23 -5.95
CA VAL A 86 0.80 -7.22 -6.01
C VAL A 86 1.30 -7.98 -7.25
N LEU A 87 0.59 -9.03 -7.67
CA LEU A 87 1.01 -9.85 -8.80
C LEU A 87 0.95 -9.04 -10.09
N ALA A 88 -0.07 -8.20 -10.23
CA ALA A 88 -0.16 -7.27 -11.34
C ALA A 88 1.02 -6.29 -11.31
N LEU A 89 1.39 -5.80 -10.12
CA LEU A 89 2.47 -4.84 -9.94
C LEU A 89 3.82 -5.45 -10.31
N ARG A 90 3.99 -6.78 -10.20
CA ARG A 90 5.21 -7.43 -10.65
C ARG A 90 5.45 -7.12 -12.13
N THR A 91 4.40 -7.07 -12.95
CA THR A 91 4.52 -6.69 -14.35
C THR A 91 4.94 -5.23 -14.49
N ILE A 92 4.32 -4.30 -13.76
CA ILE A 92 4.62 -2.89 -13.90
C ILE A 92 6.08 -2.61 -13.52
N GLN A 93 6.62 -3.38 -12.58
CA GLN A 93 8.00 -3.26 -12.14
C GLN A 93 8.96 -3.41 -13.34
N VAL A 94 8.73 -4.38 -14.22
CA VAL A 94 9.57 -4.59 -15.40
C VAL A 94 9.40 -3.42 -16.38
N ARG A 95 8.20 -2.84 -16.42
CA ARG A 95 7.85 -1.70 -17.27
C ARG A 95 8.41 -0.39 -16.72
N SER A 96 9.07 -0.39 -15.55
CA SER A 96 9.59 0.82 -14.93
C SER A 96 10.63 1.52 -15.81
N GLY A 97 11.28 0.81 -16.74
CA GLY A 97 12.30 1.34 -17.63
C GLY A 97 12.47 0.43 -18.84
N PRO A 98 13.29 0.83 -19.83
CA PRO A 98 13.57 0.05 -21.02
C PRO A 98 14.74 -0.93 -20.79
N SER A 99 14.67 -1.74 -19.74
CA SER A 99 15.66 -2.75 -19.34
C SER A 99 16.97 -2.13 -18.83
N SER A 100 17.74 -2.89 -18.03
CA SER A 100 19.01 -2.52 -17.41
C SER A 100 18.83 -1.52 -16.25
N GLY A 101 19.58 -1.72 -15.17
CA GLY A 101 19.54 -0.91 -13.97
C GLY A 101 18.47 -1.40 -13.02
N GLY A 1 12.36 -16.93 0.65
CA GLY A 1 11.27 -17.89 0.39
C GLY A 1 10.55 -18.37 1.65
N SER A 2 10.53 -17.57 2.72
CA SER A 2 9.75 -17.75 3.93
C SER A 2 9.39 -16.32 4.32
N SER A 3 8.10 -16.00 4.25
CA SER A 3 7.53 -14.73 4.67
C SER A 3 6.07 -15.01 4.98
N GLY A 4 5.69 -14.87 6.25
CA GLY A 4 4.31 -15.00 6.68
C GLY A 4 3.43 -13.94 6.03
N SER A 5 2.11 -14.10 6.10
CA SER A 5 1.14 -13.19 5.51
C SER A 5 -0.21 -13.36 6.24
N SER A 6 -0.19 -13.25 7.56
CA SER A 6 -1.36 -13.40 8.42
C SER A 6 -2.24 -12.12 8.36
N GLY A 7 -3.24 -12.05 9.24
CA GLY A 7 -4.12 -10.91 9.39
C GLY A 7 -5.41 -11.15 8.61
N ALA A 8 -6.54 -10.93 9.29
CA ALA A 8 -7.87 -10.89 8.71
C ALA A 8 -8.60 -9.79 9.47
N GLY A 9 -9.36 -8.94 8.77
CA GLY A 9 -10.13 -7.86 9.37
C GLY A 9 -10.82 -7.10 8.24
N PRO A 10 -12.04 -7.48 7.85
CA PRO A 10 -12.76 -6.81 6.78
C PRO A 10 -13.21 -5.42 7.21
N GLY A 11 -13.35 -4.54 6.22
CA GLY A 11 -13.96 -3.21 6.28
C GLY A 11 -14.41 -2.88 4.85
N ALA A 12 -15.17 -1.80 4.66
CA ALA A 12 -15.69 -1.41 3.35
C ALA A 12 -16.06 0.08 3.27
N GLU A 13 -16.01 0.84 4.37
CA GLU A 13 -16.47 2.22 4.43
C GLU A 13 -15.25 3.15 4.46
N GLU A 14 -15.43 4.47 4.59
CA GLU A 14 -14.35 5.26 5.17
C GLU A 14 -14.39 4.97 6.67
N GLU A 15 -13.37 4.28 7.17
CA GLU A 15 -13.30 3.74 8.51
C GLU A 15 -12.04 4.28 9.19
N GLN A 16 -11.43 3.51 10.08
CA GLN A 16 -10.12 3.77 10.66
C GLN A 16 -9.22 2.61 10.28
N LEU A 17 -7.96 2.91 9.92
CA LEU A 17 -6.99 1.96 9.39
C LEU A 17 -5.72 2.14 10.21
N ASP A 18 -4.95 1.09 10.46
CA ASP A 18 -3.64 1.28 11.09
C ASP A 18 -2.62 1.57 9.99
N THR A 19 -2.11 2.79 9.97
CA THR A 19 -1.20 3.21 8.92
C THR A 19 0.14 2.50 9.01
N ALA A 20 0.70 2.29 10.21
CA ALA A 20 1.99 1.62 10.36
C ALA A 20 1.91 0.14 9.99
N GLU A 21 0.72 -0.43 10.04
CA GLU A 21 0.40 -1.77 9.57
C GLU A 21 0.35 -1.72 8.05
N ILE A 22 -0.45 -0.84 7.45
CA ILE A 22 -0.51 -0.72 5.99
C ILE A 22 0.90 -0.49 5.43
N ALA A 23 1.69 0.39 6.05
CA ALA A 23 3.08 0.62 5.72
C ALA A 23 3.88 -0.68 5.76
N PHE A 24 3.82 -1.42 6.87
CA PHE A 24 4.52 -2.69 7.05
C PHE A 24 4.09 -3.69 5.96
N GLN A 25 2.79 -3.91 5.81
CA GLN A 25 2.14 -4.85 4.91
C GLN A 25 2.54 -4.55 3.45
N VAL A 26 2.55 -3.29 3.04
CA VAL A 26 3.06 -2.92 1.72
C VAL A 26 4.55 -3.26 1.65
N LYS A 27 5.38 -2.77 2.57
CA LYS A 27 6.82 -3.00 2.52
C LYS A 27 7.12 -4.49 2.37
N GLU A 28 6.48 -5.37 3.14
CA GLU A 28 6.73 -6.77 3.05
C GLU A 28 6.22 -7.37 1.74
N GLN A 29 5.05 -7.00 1.21
CA GLN A 29 4.57 -7.48 -0.09
C GLN A 29 5.49 -7.01 -1.23
N LEU A 30 6.04 -5.79 -1.17
CA LEU A 30 7.01 -5.30 -2.13
C LEU A 30 8.21 -6.23 -2.07
N LEU A 31 8.77 -6.47 -0.89
CA LEU A 31 9.92 -7.38 -0.75
C LEU A 31 9.56 -8.83 -1.11
N LYS A 32 8.31 -9.23 -0.92
CA LYS A 32 7.82 -10.60 -1.15
C LYS A 32 8.09 -11.01 -2.59
N HIS A 33 7.96 -10.08 -3.53
CA HIS A 33 8.13 -10.32 -4.95
C HIS A 33 9.22 -9.45 -5.58
N ASN A 34 10.00 -8.71 -4.77
CA ASN A 34 10.95 -7.66 -5.14
C ASN A 34 10.31 -6.60 -6.03
N ILE A 35 9.53 -5.67 -5.45
CA ILE A 35 8.95 -4.56 -6.19
C ILE A 35 9.45 -3.25 -5.55
N GLY A 36 9.56 -2.19 -6.35
CA GLY A 36 10.11 -0.92 -5.92
C GLY A 36 9.00 0.04 -5.48
N GLN A 37 9.27 0.82 -4.43
CA GLN A 37 8.37 1.82 -3.88
C GLN A 37 7.97 2.88 -4.90
N ARG A 38 8.87 3.23 -5.85
CA ARG A 38 8.51 4.14 -6.93
C ARG A 38 7.35 3.59 -7.74
N VAL A 39 7.49 2.43 -8.39
CA VAL A 39 6.42 1.88 -9.24
C VAL A 39 5.14 1.64 -8.43
N PHE A 40 5.23 1.21 -7.17
CA PHE A 40 4.04 1.12 -6.34
C PHE A 40 3.37 2.49 -6.19
N GLY A 41 4.11 3.51 -5.76
CA GLY A 41 3.60 4.83 -5.53
C GLY A 41 3.19 5.53 -6.81
N HIS A 42 3.75 5.16 -7.97
CA HIS A 42 3.48 5.82 -9.25
C HIS A 42 2.17 5.32 -9.87
N TYR A 43 1.66 4.14 -9.47
CA TYR A 43 0.46 3.55 -10.06
C TYR A 43 -0.63 3.32 -9.02
N VAL A 44 -0.31 2.66 -7.91
CA VAL A 44 -1.28 2.34 -6.87
C VAL A 44 -1.68 3.66 -6.22
N LEU A 45 -0.67 4.44 -5.81
CA LEU A 45 -0.91 5.66 -5.05
C LEU A 45 -0.96 6.88 -5.96
N GLY A 46 -0.26 6.83 -7.09
CA GLY A 46 -0.26 7.91 -8.07
C GLY A 46 0.49 9.15 -7.59
N LEU A 47 1.33 9.01 -6.56
CA LEU A 47 2.10 10.08 -5.95
C LEU A 47 3.52 10.02 -6.49
N SER A 48 4.33 11.04 -6.21
CA SER A 48 5.76 10.95 -6.48
C SER A 48 6.37 9.92 -5.51
N GLN A 49 7.52 9.35 -5.90
CA GLN A 49 8.24 8.36 -5.10
C GLN A 49 8.49 8.93 -3.69
N GLY A 50 9.04 10.14 -3.59
CA GLY A 50 9.43 10.73 -2.32
C GLY A 50 8.24 10.96 -1.40
N SER A 51 7.04 11.12 -1.97
CA SER A 51 5.80 11.18 -1.21
C SER A 51 5.58 9.83 -0.53
N VAL A 52 5.29 8.74 -1.26
CA VAL A 52 4.98 7.44 -0.63
C VAL A 52 6.09 6.96 0.29
N SER A 53 7.32 7.23 -0.09
CA SER A 53 8.53 6.92 0.64
C SER A 53 8.53 7.62 2.00
N GLU A 54 8.07 8.88 2.12
CA GLU A 54 7.80 9.50 3.42
C GLU A 54 6.73 8.69 4.15
N ILE A 55 5.65 8.32 3.47
CA ILE A 55 4.52 7.67 4.11
C ILE A 55 4.99 6.33 4.73
N LEU A 56 5.98 5.66 4.11
CA LEU A 56 6.56 4.43 4.62
C LEU A 56 7.67 4.69 5.64
N ALA A 57 8.28 5.86 5.61
CA ALA A 57 9.31 6.28 6.55
C ALA A 57 8.69 6.63 7.89
N ARG A 58 7.62 7.44 7.88
CA ARG A 58 6.83 7.80 9.04
C ARG A 58 5.37 7.70 8.66
N PRO A 59 4.77 6.51 8.79
CA PRO A 59 3.34 6.35 8.69
C PRO A 59 2.74 7.01 9.92
N LYS A 60 2.34 8.29 9.83
CA LYS A 60 1.60 8.96 10.85
C LYS A 60 0.24 8.31 10.96
N PRO A 61 -0.43 8.47 12.10
CA PRO A 61 -1.61 7.72 12.45
C PRO A 61 -2.77 8.20 11.60
N TRP A 62 -3.73 7.32 11.36
CA TRP A 62 -4.94 7.67 10.62
C TRP A 62 -5.62 8.90 11.23
N ARG A 63 -5.69 8.99 12.57
CA ARG A 63 -6.28 10.14 13.27
C ARG A 63 -5.56 11.47 13.00
N LYS A 64 -4.32 11.46 12.51
CA LYS A 64 -3.57 12.66 12.17
C LYS A 64 -3.83 13.09 10.73
N LEU A 65 -3.98 12.13 9.81
CA LEU A 65 -3.86 12.47 8.41
C LEU A 65 -5.11 13.20 7.92
N THR A 66 -4.89 14.11 6.98
CA THR A 66 -5.93 14.73 6.18
C THR A 66 -6.51 13.73 5.18
N VAL A 67 -7.56 14.11 4.44
CA VAL A 67 -8.10 13.35 3.32
C VAL A 67 -7.01 12.94 2.34
N LYS A 68 -6.27 13.91 1.85
CA LYS A 68 -5.15 13.68 0.93
C LYS A 68 -3.96 13.01 1.64
N GLY A 69 -4.00 12.82 2.95
CA GLY A 69 -3.08 11.99 3.72
C GLY A 69 -3.56 10.54 3.71
N LYS A 70 -4.86 10.32 3.86
CA LYS A 70 -5.51 9.02 3.92
C LYS A 70 -5.65 8.37 2.55
N GLU A 71 -5.68 9.17 1.48
CA GLU A 71 -5.80 8.77 0.07
C GLU A 71 -4.93 7.54 -0.21
N PRO A 72 -3.60 7.62 -0.05
CA PRO A 72 -2.71 6.52 -0.35
C PRO A 72 -3.02 5.32 0.54
N PHE A 73 -3.25 5.52 1.84
CA PHE A 73 -3.51 4.42 2.74
C PHE A 73 -4.77 3.65 2.37
N ILE A 74 -5.84 4.32 1.95
CA ILE A 74 -7.06 3.66 1.48
C ILE A 74 -6.69 2.70 0.34
N LYS A 75 -5.97 3.21 -0.66
CA LYS A 75 -5.52 2.46 -1.83
C LYS A 75 -4.66 1.28 -1.42
N MET A 76 -3.69 1.49 -0.53
CA MET A 76 -2.78 0.46 -0.04
C MET A 76 -3.55 -0.64 0.70
N LYS A 77 -4.44 -0.27 1.61
CA LYS A 77 -5.22 -1.25 2.36
C LYS A 77 -6.08 -2.10 1.40
N GLN A 78 -6.69 -1.49 0.37
CA GLN A 78 -7.48 -2.19 -0.65
C GLN A 78 -6.60 -3.08 -1.52
N PHE A 79 -5.39 -2.64 -1.81
CA PHE A 79 -4.38 -3.43 -2.50
C PHE A 79 -4.13 -4.72 -1.73
N LEU A 80 -3.93 -4.61 -0.42
CA LEU A 80 -3.62 -5.73 0.47
C LEU A 80 -4.80 -6.67 0.70
N SER A 81 -6.03 -6.29 0.33
CA SER A 81 -7.20 -7.17 0.37
C SER A 81 -7.06 -8.36 -0.59
N ASP A 82 -6.26 -8.21 -1.66
CA ASP A 82 -6.32 -9.09 -2.83
C ASP A 82 -4.90 -9.22 -3.35
N GLU A 83 -4.27 -10.39 -3.11
CA GLU A 83 -2.87 -10.62 -3.43
C GLU A 83 -2.62 -10.49 -4.94
N GLN A 84 -3.62 -10.65 -5.82
CA GLN A 84 -3.42 -10.44 -7.23
C GLN A 84 -2.97 -9.00 -7.55
N ASN A 85 -3.25 -8.02 -6.69
CA ASN A 85 -2.75 -6.67 -6.89
C ASN A 85 -1.21 -6.62 -6.87
N VAL A 86 -0.55 -7.39 -5.99
CA VAL A 86 0.92 -7.40 -5.98
C VAL A 86 1.45 -8.16 -7.19
N LEU A 87 0.74 -9.22 -7.60
CA LEU A 87 1.13 -10.09 -8.70
C LEU A 87 0.99 -9.38 -10.05
N ALA A 88 0.15 -8.35 -10.12
CA ALA A 88 0.10 -7.42 -11.24
C ALA A 88 1.31 -6.49 -11.21
N LEU A 89 1.60 -5.89 -10.05
CA LEU A 89 2.58 -4.84 -9.87
C LEU A 89 3.97 -5.30 -10.24
N ARG A 90 4.26 -6.60 -10.10
CA ARG A 90 5.54 -7.16 -10.48
C ARG A 90 5.81 -6.87 -11.95
N THR A 91 4.84 -7.10 -12.82
CA THR A 91 4.95 -6.88 -14.25
C THR A 91 5.27 -5.40 -14.55
N ILE A 92 4.68 -4.46 -13.80
CA ILE A 92 4.99 -3.05 -14.03
C ILE A 92 6.44 -2.75 -13.62
N GLN A 93 6.99 -3.47 -12.65
CA GLN A 93 8.36 -3.28 -12.19
C GLN A 93 9.36 -3.75 -13.25
N VAL A 94 9.19 -4.92 -13.86
CA VAL A 94 10.06 -5.31 -14.99
C VAL A 94 9.89 -4.34 -16.18
N ARG A 95 8.77 -3.61 -16.24
CA ARG A 95 8.52 -2.52 -17.20
C ARG A 95 9.02 -1.17 -16.67
N SER A 96 9.94 -1.10 -15.70
CA SER A 96 10.45 0.17 -15.19
C SER A 96 11.49 0.84 -16.11
N GLY A 97 11.55 0.44 -17.38
CA GLY A 97 12.31 1.04 -18.47
C GLY A 97 11.48 1.00 -19.75
N PRO A 98 12.01 1.48 -20.89
CA PRO A 98 11.37 1.39 -22.21
C PRO A 98 11.59 -0.02 -22.78
N SER A 99 11.14 -1.03 -22.03
CA SER A 99 11.66 -2.39 -22.01
C SER A 99 13.16 -2.46 -21.68
N SER A 100 13.58 -3.66 -21.28
CA SER A 100 14.97 -4.04 -21.08
C SER A 100 15.78 -3.10 -20.16
N GLY A 101 15.12 -2.49 -19.17
CA GLY A 101 15.80 -2.10 -17.95
C GLY A 101 16.09 -3.34 -17.12
N GLY A 1 -0.84 -20.92 34.08
CA GLY A 1 -1.53 -20.90 32.78
C GLY A 1 -2.70 -19.94 32.85
N SER A 2 -3.27 -19.56 31.72
CA SER A 2 -4.53 -18.84 31.61
C SER A 2 -5.19 -19.23 30.28
N SER A 3 -6.47 -18.92 30.12
CA SER A 3 -7.19 -19.07 28.88
C SER A 3 -8.39 -18.10 28.91
N GLY A 4 -9.21 -18.12 27.87
CA GLY A 4 -10.24 -17.15 27.56
C GLY A 4 -10.56 -17.29 26.07
N SER A 5 -11.38 -16.38 25.54
CA SER A 5 -11.72 -16.36 24.13
C SER A 5 -11.94 -14.92 23.66
N SER A 6 -11.66 -14.65 22.40
CA SER A 6 -12.02 -13.44 21.67
C SER A 6 -11.97 -13.71 20.16
N GLY A 7 -12.74 -12.93 19.42
CA GLY A 7 -12.85 -13.05 17.97
C GLY A 7 -14.14 -12.38 17.57
N ALA A 8 -14.12 -11.04 17.55
CA ALA A 8 -15.27 -10.21 17.31
C ALA A 8 -14.72 -8.88 16.84
N GLY A 9 -14.88 -8.54 15.56
CA GLY A 9 -14.26 -7.33 15.01
C GLY A 9 -14.90 -6.96 13.67
N PRO A 10 -16.05 -6.26 13.66
CA PRO A 10 -16.64 -5.72 12.44
C PRO A 10 -15.74 -4.63 11.87
N GLY A 11 -15.97 -4.21 10.62
CA GLY A 11 -15.17 -3.18 9.97
C GLY A 11 -15.64 -3.03 8.53
N ALA A 12 -16.44 -2.02 8.25
CA ALA A 12 -16.90 -1.63 6.93
C ALA A 12 -16.78 -0.12 6.81
N GLU A 13 -17.36 0.46 5.75
CA GLU A 13 -17.29 1.90 5.49
C GLU A 13 -15.84 2.38 5.37
N GLU A 14 -15.62 3.69 5.44
CA GLU A 14 -14.30 4.28 5.56
C GLU A 14 -14.09 4.64 7.03
N GLU A 15 -13.32 3.77 7.66
CA GLU A 15 -13.19 3.59 9.09
C GLU A 15 -11.85 4.17 9.57
N GLN A 16 -11.24 3.55 10.57
CA GLN A 16 -9.88 3.79 10.99
C GLN A 16 -9.02 2.61 10.59
N LEU A 17 -7.96 2.88 9.84
CA LEU A 17 -7.05 1.87 9.32
C LEU A 17 -5.72 2.01 10.06
N ASP A 18 -5.02 0.91 10.35
CA ASP A 18 -3.69 1.01 10.96
C ASP A 18 -2.69 1.40 9.89
N THR A 19 -2.35 2.67 9.81
CA THR A 19 -1.42 3.17 8.80
C THR A 19 -0.06 2.49 8.89
N ALA A 20 0.47 2.30 10.10
CA ALA A 20 1.77 1.68 10.29
C ALA A 20 1.75 0.21 9.88
N GLU A 21 0.57 -0.43 9.95
CA GLU A 21 0.36 -1.75 9.43
C GLU A 21 0.40 -1.66 7.91
N ILE A 22 -0.47 -0.85 7.28
CA ILE A 22 -0.59 -0.79 5.83
C ILE A 22 0.78 -0.49 5.20
N ALA A 23 1.50 0.47 5.77
CA ALA A 23 2.85 0.81 5.35
C ALA A 23 3.78 -0.40 5.47
N PHE A 24 3.82 -1.05 6.64
CA PHE A 24 4.57 -2.27 6.90
C PHE A 24 4.20 -3.30 5.84
N GLN A 25 2.97 -3.81 5.89
CA GLN A 25 2.41 -4.84 5.05
C GLN A 25 2.80 -4.69 3.58
N VAL A 26 2.72 -3.47 3.04
CA VAL A 26 3.12 -3.17 1.67
C VAL A 26 4.64 -3.30 1.50
N LYS A 27 5.47 -2.70 2.36
CA LYS A 27 6.92 -2.89 2.31
C LYS A 27 7.23 -4.39 2.23
N GLU A 28 6.58 -5.21 3.05
CA GLU A 28 6.79 -6.66 3.10
C GLU A 28 6.41 -7.31 1.79
N GLN A 29 5.18 -7.11 1.30
CA GLN A 29 4.63 -7.64 0.05
C GLN A 29 5.49 -7.27 -1.16
N LEU A 30 6.00 -6.05 -1.25
CA LEU A 30 6.83 -5.66 -2.36
C LEU A 30 8.09 -6.50 -2.29
N LEU A 31 8.75 -6.57 -1.12
CA LEU A 31 9.90 -7.44 -0.91
C LEU A 31 9.58 -8.90 -1.25
N LYS A 32 8.37 -9.35 -0.93
CA LYS A 32 7.85 -10.70 -1.15
C LYS A 32 7.95 -11.16 -2.61
N HIS A 33 7.97 -10.21 -3.55
CA HIS A 33 8.16 -10.48 -4.97
C HIS A 33 9.32 -9.65 -5.57
N ASN A 34 10.18 -9.10 -4.70
CA ASN A 34 11.19 -8.08 -4.91
C ASN A 34 10.69 -6.97 -5.83
N ILE A 35 9.83 -6.09 -5.33
CA ILE A 35 9.32 -4.94 -6.07
C ILE A 35 9.84 -3.70 -5.35
N GLY A 36 10.00 -2.60 -6.08
CA GLY A 36 10.50 -1.33 -5.56
C GLY A 36 9.34 -0.38 -5.28
N GLN A 37 9.62 0.77 -4.65
CA GLN A 37 8.59 1.69 -4.18
C GLN A 37 8.27 2.81 -5.16
N ARG A 38 9.16 3.12 -6.11
CA ARG A 38 8.91 4.14 -7.12
C ARG A 38 7.68 3.78 -7.93
N VAL A 39 7.66 2.59 -8.52
CA VAL A 39 6.54 2.13 -9.33
C VAL A 39 5.29 2.09 -8.45
N PHE A 40 5.31 1.43 -7.29
CA PHE A 40 4.12 1.27 -6.46
C PHE A 40 3.49 2.64 -6.14
N GLY A 41 4.29 3.63 -5.77
CA GLY A 41 3.82 4.95 -5.49
C GLY A 41 3.40 5.69 -6.75
N HIS A 42 3.90 5.36 -7.93
CA HIS A 42 3.49 6.00 -9.19
C HIS A 42 2.18 5.41 -9.71
N TYR A 43 1.94 4.10 -9.55
CA TYR A 43 0.75 3.44 -10.08
C TYR A 43 -0.35 3.47 -9.03
N VAL A 44 -0.19 2.68 -7.95
CA VAL A 44 -1.20 2.44 -6.92
C VAL A 44 -1.60 3.78 -6.33
N LEU A 45 -0.61 4.58 -5.91
CA LEU A 45 -0.83 5.80 -5.15
C LEU A 45 -0.87 7.03 -6.04
N GLY A 46 -0.04 7.08 -7.09
CA GLY A 46 0.00 8.20 -8.04
C GLY A 46 0.89 9.36 -7.57
N LEU A 47 1.61 9.20 -6.47
CA LEU A 47 2.39 10.23 -5.80
C LEU A 47 3.82 10.21 -6.33
N SER A 48 4.62 11.19 -5.91
CA SER A 48 6.06 11.15 -6.06
C SER A 48 6.63 9.98 -5.25
N GLN A 49 7.78 9.49 -5.69
CA GLN A 49 8.61 8.50 -5.00
C GLN A 49 9.12 9.03 -3.65
N GLY A 50 9.17 10.36 -3.49
CA GLY A 50 9.45 11.02 -2.23
C GLY A 50 8.23 10.88 -1.32
N SER A 51 7.10 11.42 -1.79
CA SER A 51 5.86 11.48 -1.05
C SER A 51 5.47 10.14 -0.43
N VAL A 52 5.42 9.01 -1.17
CA VAL A 52 5.12 7.70 -0.57
C VAL A 52 6.19 7.20 0.39
N SER A 53 7.46 7.44 0.07
CA SER A 53 8.56 6.98 0.91
C SER A 53 8.47 7.59 2.31
N GLU A 54 7.99 8.83 2.44
CA GLU A 54 7.62 9.42 3.73
C GLU A 54 6.55 8.58 4.41
N ILE A 55 5.47 8.22 3.70
CA ILE A 55 4.34 7.49 4.26
C ILE A 55 4.85 6.17 4.86
N LEU A 56 5.79 5.53 4.16
CA LEU A 56 6.40 4.27 4.55
C LEU A 56 7.43 4.39 5.64
N ALA A 57 8.17 5.49 5.62
CA ALA A 57 9.16 5.82 6.61
C ALA A 57 8.45 6.03 7.93
N ARG A 58 7.54 7.01 7.96
CA ARG A 58 6.96 7.58 9.16
C ARG A 58 5.46 7.69 8.97
N PRO A 59 4.74 6.57 9.01
CA PRO A 59 3.29 6.56 8.98
C PRO A 59 2.83 7.20 10.28
N LYS A 60 2.31 8.42 10.19
CA LYS A 60 1.51 9.00 11.24
C LYS A 60 0.23 8.20 11.34
N PRO A 61 -0.46 8.26 12.48
CA PRO A 61 -1.72 7.57 12.67
C PRO A 61 -2.77 8.18 11.77
N TRP A 62 -3.73 7.35 11.34
CA TRP A 62 -4.88 7.73 10.52
C TRP A 62 -5.53 9.01 11.07
N ARG A 63 -5.75 9.06 12.38
CA ARG A 63 -6.39 10.20 13.04
C ARG A 63 -5.70 11.54 12.81
N LYS A 64 -4.37 11.58 12.66
CA LYS A 64 -3.64 12.83 12.43
C LYS A 64 -3.90 13.37 11.01
N LEU A 65 -4.17 12.48 10.05
CA LEU A 65 -4.01 12.81 8.63
C LEU A 65 -5.21 13.58 8.11
N THR A 66 -5.00 14.31 7.01
CA THR A 66 -6.06 14.86 6.19
C THR A 66 -6.62 13.76 5.29
N VAL A 67 -7.66 14.08 4.54
CA VAL A 67 -8.22 13.24 3.48
C VAL A 67 -7.16 12.82 2.46
N LYS A 68 -6.36 13.74 1.89
CA LYS A 68 -5.31 13.33 0.96
C LYS A 68 -4.14 12.65 1.67
N GLY A 69 -4.00 12.86 2.98
CA GLY A 69 -3.16 12.03 3.84
C GLY A 69 -3.63 10.58 3.83
N LYS A 70 -4.94 10.34 3.83
CA LYS A 70 -5.55 9.02 3.90
C LYS A 70 -5.69 8.35 2.54
N GLU A 71 -5.82 9.11 1.45
CA GLU A 71 -5.97 8.59 0.09
C GLU A 71 -4.99 7.45 -0.20
N PRO A 72 -3.66 7.62 0.02
CA PRO A 72 -2.72 6.55 -0.24
C PRO A 72 -3.05 5.35 0.63
N PHE A 73 -3.20 5.50 1.94
CA PHE A 73 -3.45 4.38 2.83
C PHE A 73 -4.72 3.61 2.48
N ILE A 74 -5.76 4.27 1.98
CA ILE A 74 -6.96 3.61 1.46
C ILE A 74 -6.52 2.72 0.28
N LYS A 75 -5.87 3.31 -0.74
CA LYS A 75 -5.39 2.60 -1.93
C LYS A 75 -4.51 1.41 -1.54
N MET A 76 -3.59 1.54 -0.59
CA MET A 76 -2.82 0.43 -0.06
C MET A 76 -3.65 -0.61 0.70
N LYS A 77 -4.56 -0.22 1.61
CA LYS A 77 -5.34 -1.22 2.34
C LYS A 77 -6.20 -2.04 1.36
N GLN A 78 -6.69 -1.38 0.29
CA GLN A 78 -7.41 -1.98 -0.84
C GLN A 78 -6.49 -2.98 -1.57
N PHE A 79 -5.27 -2.55 -1.90
CA PHE A 79 -4.25 -3.37 -2.55
C PHE A 79 -4.05 -4.69 -1.81
N LEU A 80 -3.89 -4.61 -0.48
CA LEU A 80 -3.65 -5.77 0.39
C LEU A 80 -4.86 -6.72 0.49
N SER A 81 -6.01 -6.35 -0.07
CA SER A 81 -7.23 -7.14 0.04
C SER A 81 -7.13 -8.45 -0.78
N ASP A 82 -6.29 -8.52 -1.83
CA ASP A 82 -6.12 -9.71 -2.67
C ASP A 82 -4.68 -9.77 -3.16
N GLU A 83 -4.08 -10.96 -3.21
CA GLU A 83 -2.69 -11.16 -3.58
C GLU A 83 -2.42 -10.69 -5.01
N GLN A 84 -3.39 -10.82 -5.91
CA GLN A 84 -3.23 -10.49 -7.30
C GLN A 84 -2.75 -9.06 -7.47
N ASN A 85 -3.10 -8.16 -6.57
CA ASN A 85 -2.74 -6.77 -6.73
C ASN A 85 -1.22 -6.61 -6.69
N VAL A 86 -0.51 -7.39 -5.86
CA VAL A 86 0.95 -7.34 -5.86
C VAL A 86 1.52 -8.11 -7.07
N LEU A 87 0.85 -9.16 -7.54
CA LEU A 87 1.24 -9.93 -8.73
C LEU A 87 1.21 -9.03 -9.94
N ALA A 88 0.18 -8.19 -10.03
CA ALA A 88 0.04 -7.23 -11.10
C ALA A 88 1.15 -6.19 -11.03
N LEU A 89 1.57 -5.78 -9.83
CA LEU A 89 2.66 -4.85 -9.65
C LEU A 89 3.99 -5.45 -10.08
N ARG A 90 4.19 -6.77 -9.99
CA ARG A 90 5.38 -7.39 -10.52
C ARG A 90 5.47 -7.15 -12.02
N THR A 91 4.37 -7.31 -12.75
CA THR A 91 4.32 -7.04 -14.18
C THR A 91 4.84 -5.63 -14.48
N ILE A 92 4.35 -4.62 -13.76
CA ILE A 92 4.77 -3.24 -13.92
C ILE A 92 6.26 -3.09 -13.55
N GLN A 93 6.74 -3.83 -12.56
CA GLN A 93 8.13 -3.82 -12.16
C GLN A 93 9.03 -4.40 -13.26
N VAL A 94 8.60 -5.41 -14.02
CA VAL A 94 9.33 -5.82 -15.22
C VAL A 94 9.30 -4.67 -16.23
N ARG A 95 8.17 -3.96 -16.35
CA ARG A 95 8.00 -2.84 -17.28
C ARG A 95 8.70 -1.57 -16.79
N SER A 96 9.48 -1.64 -15.71
CA SER A 96 10.33 -0.56 -15.29
C SER A 96 11.49 -0.44 -16.29
N GLY A 97 11.89 0.80 -16.56
CA GLY A 97 13.03 1.16 -17.38
C GLY A 97 14.36 0.91 -16.66
N PRO A 98 15.46 1.49 -17.17
CA PRO A 98 16.79 1.34 -16.60
C PRO A 98 16.87 2.01 -15.22
N SER A 99 17.81 1.54 -14.42
CA SER A 99 18.11 1.84 -13.03
C SER A 99 18.64 0.54 -12.42
N SER A 100 19.76 0.63 -11.73
CA SER A 100 20.30 -0.42 -10.86
C SER A 100 21.01 0.31 -9.70
N GLY A 101 21.18 -0.38 -8.58
CA GLY A 101 21.70 0.15 -7.33
C GLY A 101 21.15 -0.73 -6.21
N GLY A 1 -3.92 -21.90 34.18
CA GLY A 1 -5.26 -22.07 33.60
C GLY A 1 -5.91 -20.70 33.47
N SER A 2 -6.11 -20.22 32.25
CA SER A 2 -6.64 -18.92 31.88
C SER A 2 -7.07 -19.06 30.43
N SER A 3 -8.14 -18.39 30.00
CA SER A 3 -8.63 -18.45 28.62
C SER A 3 -9.47 -17.20 28.33
N GLY A 4 -9.99 -17.08 27.11
CA GLY A 4 -10.95 -16.07 26.70
C GLY A 4 -10.28 -14.81 26.15
N SER A 5 -10.90 -14.21 25.12
CA SER A 5 -10.58 -12.86 24.65
C SER A 5 -11.83 -12.18 24.08
N SER A 6 -12.56 -12.88 23.18
CA SER A 6 -13.49 -12.28 22.22
C SER A 6 -12.76 -11.25 21.32
N GLY A 7 -13.48 -10.54 20.45
CA GLY A 7 -12.93 -9.51 19.59
C GLY A 7 -13.48 -9.64 18.17
N ALA A 8 -14.50 -8.84 17.84
CA ALA A 8 -15.19 -8.81 16.57
C ALA A 8 -15.41 -7.35 16.17
N GLY A 9 -14.99 -6.96 14.96
CA GLY A 9 -15.13 -5.60 14.46
C GLY A 9 -15.57 -5.60 13.00
N PRO A 10 -16.85 -5.90 12.69
CA PRO A 10 -17.37 -5.74 11.35
C PRO A 10 -17.47 -4.25 10.99
N GLY A 11 -17.20 -3.96 9.72
CA GLY A 11 -17.34 -2.66 9.08
C GLY A 11 -17.77 -2.87 7.63
N ALA A 12 -17.81 -1.79 6.83
CA ALA A 12 -18.09 -1.79 5.39
C ALA A 12 -17.85 -0.41 4.75
N GLU A 13 -17.15 0.52 5.40
CA GLU A 13 -16.96 1.86 4.89
C GLU A 13 -15.47 2.26 4.93
N GLU A 14 -15.15 3.43 4.38
CA GLU A 14 -13.88 4.10 4.65
C GLU A 14 -13.88 4.51 6.13
N GLU A 15 -13.01 3.89 6.93
CA GLU A 15 -12.99 3.96 8.39
C GLU A 15 -11.56 4.28 8.86
N GLN A 16 -11.17 3.85 10.06
CA GLN A 16 -9.84 4.11 10.63
C GLN A 16 -8.94 2.90 10.47
N LEU A 17 -7.94 3.03 9.60
CA LEU A 17 -7.05 1.94 9.22
C LEU A 17 -5.74 2.05 10.00
N ASP A 18 -5.08 0.92 10.28
CA ASP A 18 -3.78 0.91 10.94
C ASP A 18 -2.72 1.29 9.93
N THR A 19 -2.36 2.57 9.90
CA THR A 19 -1.39 3.12 8.97
C THR A 19 -0.03 2.45 9.13
N ALA A 20 0.42 2.24 10.37
CA ALA A 20 1.67 1.55 10.67
C ALA A 20 1.66 0.13 10.10
N GLU A 21 0.49 -0.54 10.11
CA GLU A 21 0.33 -1.86 9.55
C GLU A 21 0.43 -1.77 8.03
N ILE A 22 -0.38 -0.92 7.41
CA ILE A 22 -0.40 -0.78 5.96
C ILE A 22 1.01 -0.46 5.47
N ALA A 23 1.72 0.43 6.17
CA ALA A 23 3.09 0.79 5.89
C ALA A 23 3.98 -0.44 5.88
N PHE A 24 3.98 -1.21 6.98
CA PHE A 24 4.71 -2.45 7.13
C PHE A 24 4.37 -3.41 5.99
N GLN A 25 3.10 -3.81 5.87
CA GLN A 25 2.60 -4.79 4.94
C GLN A 25 2.93 -4.46 3.48
N VAL A 26 2.90 -3.19 3.10
CA VAL A 26 3.32 -2.79 1.76
C VAL A 26 4.81 -3.12 1.59
N LYS A 27 5.66 -2.74 2.55
CA LYS A 27 7.07 -3.06 2.47
C LYS A 27 7.28 -4.58 2.37
N GLU A 28 6.48 -5.40 3.07
CA GLU A 28 6.49 -6.86 2.95
C GLU A 28 6.13 -7.29 1.52
N GLN A 29 4.96 -6.91 1.00
CA GLN A 29 4.47 -7.31 -0.31
C GLN A 29 5.39 -6.83 -1.44
N LEU A 30 6.04 -5.67 -1.34
CA LEU A 30 7.04 -5.17 -2.26
C LEU A 30 8.32 -5.96 -2.09
N LEU A 31 8.68 -6.41 -0.90
CA LEU A 31 9.77 -7.37 -0.73
C LEU A 31 9.45 -8.73 -1.37
N LYS A 32 8.20 -9.17 -1.28
CA LYS A 32 7.75 -10.53 -1.52
C LYS A 32 8.09 -11.05 -2.91
N HIS A 33 8.00 -10.16 -3.89
CA HIS A 33 8.25 -10.35 -5.31
C HIS A 33 9.31 -9.37 -5.84
N ASN A 34 10.02 -8.68 -4.93
CA ASN A 34 10.96 -7.58 -5.17
C ASN A 34 10.41 -6.58 -6.17
N ILE A 35 9.50 -5.70 -5.72
CA ILE A 35 8.94 -4.59 -6.46
C ILE A 35 9.37 -3.32 -5.73
N GLY A 36 9.51 -2.20 -6.42
CA GLY A 36 10.02 -0.97 -5.86
C GLY A 36 8.89 -0.05 -5.40
N GLN A 37 9.19 0.76 -4.38
CA GLN A 37 8.33 1.80 -3.84
C GLN A 37 7.96 2.81 -4.94
N ARG A 38 8.89 3.15 -5.83
CA ARG A 38 8.65 4.09 -6.92
C ARG A 38 7.47 3.63 -7.77
N VAL A 39 7.54 2.45 -8.41
CA VAL A 39 6.45 1.92 -9.23
C VAL A 39 5.18 1.85 -8.38
N PHE A 40 5.23 1.28 -7.18
CA PHE A 40 4.05 1.13 -6.35
C PHE A 40 3.37 2.48 -6.09
N GLY A 41 4.14 3.49 -5.71
CA GLY A 41 3.65 4.83 -5.47
C GLY A 41 3.22 5.50 -6.75
N HIS A 42 3.84 5.20 -7.89
CA HIS A 42 3.47 5.80 -9.16
C HIS A 42 2.13 5.27 -9.65
N TYR A 43 1.76 4.03 -9.32
CA TYR A 43 0.60 3.33 -9.85
C TYR A 43 -0.52 3.19 -8.83
N VAL A 44 -0.24 2.55 -7.70
CA VAL A 44 -1.25 2.26 -6.69
C VAL A 44 -1.62 3.59 -6.04
N LEU A 45 -0.62 4.38 -5.64
CA LEU A 45 -0.86 5.58 -4.84
C LEU A 45 -0.99 6.82 -5.72
N GLY A 46 -0.33 6.81 -6.87
CA GLY A 46 -0.36 7.93 -7.81
C GLY A 46 0.44 9.13 -7.31
N LEU A 47 1.37 8.94 -6.37
CA LEU A 47 2.17 9.98 -5.77
C LEU A 47 3.61 9.81 -6.28
N SER A 48 4.43 10.83 -6.10
CA SER A 48 5.84 10.72 -6.45
C SER A 48 6.55 9.82 -5.43
N GLN A 49 7.73 9.33 -5.82
CA GLN A 49 8.48 8.33 -5.07
C GLN A 49 8.79 8.83 -3.67
N GLY A 50 9.31 10.06 -3.55
CA GLY A 50 9.69 10.64 -2.27
C GLY A 50 8.49 10.70 -1.33
N SER A 51 7.32 11.08 -1.85
CA SER A 51 6.08 11.14 -1.09
C SER A 51 5.76 9.79 -0.46
N VAL A 52 5.45 8.72 -1.22
CA VAL A 52 5.11 7.43 -0.59
C VAL A 52 6.20 6.93 0.35
N SER A 53 7.46 7.16 0.01
CA SER A 53 8.57 6.74 0.85
C SER A 53 8.66 7.53 2.17
N GLU A 54 8.11 8.75 2.27
CA GLU A 54 7.81 9.42 3.54
C GLU A 54 6.71 8.64 4.25
N ILE A 55 5.65 8.26 3.53
CA ILE A 55 4.49 7.63 4.15
C ILE A 55 4.95 6.32 4.81
N LEU A 56 5.83 5.57 4.14
CA LEU A 56 6.39 4.31 4.64
C LEU A 56 7.43 4.51 5.73
N ALA A 57 8.16 5.63 5.68
CA ALA A 57 9.09 6.03 6.71
C ALA A 57 8.32 6.36 8.00
N ARG A 58 7.29 7.19 7.90
CA ARG A 58 6.63 7.83 9.02
C ARG A 58 5.13 7.76 8.80
N PRO A 59 4.50 6.61 9.06
CA PRO A 59 3.06 6.50 9.10
C PRO A 59 2.57 7.25 10.34
N LYS A 60 1.97 8.43 10.17
CA LYS A 60 1.30 9.17 11.22
C LYS A 60 0.13 8.35 11.74
N PRO A 61 -0.53 8.81 12.82
CA PRO A 61 -1.83 8.29 13.19
C PRO A 61 -2.81 8.53 12.03
N TRP A 62 -3.74 7.61 11.76
CA TRP A 62 -4.80 7.85 10.77
C TRP A 62 -5.55 9.14 11.10
N ARG A 63 -6.00 9.30 12.36
CA ARG A 63 -6.67 10.54 12.80
C ARG A 63 -5.89 11.83 12.50
N LYS A 64 -4.57 11.80 12.31
CA LYS A 64 -3.80 12.99 11.97
C LYS A 64 -3.96 13.35 10.50
N LEU A 65 -4.18 12.37 9.62
CA LEU A 65 -4.20 12.61 8.19
C LEU A 65 -5.45 13.40 7.82
N THR A 66 -5.35 14.18 6.75
CA THR A 66 -6.53 14.66 6.04
C THR A 66 -7.01 13.59 5.04
N VAL A 67 -8.08 13.84 4.30
CA VAL A 67 -8.57 13.03 3.19
C VAL A 67 -7.43 12.73 2.20
N LYS A 68 -6.76 13.74 1.65
CA LYS A 68 -5.63 13.49 0.76
C LYS A 68 -4.45 12.82 1.46
N GLY A 69 -4.39 12.91 2.80
CA GLY A 69 -3.52 12.12 3.67
C GLY A 69 -3.83 10.64 3.58
N LYS A 70 -5.11 10.29 3.71
CA LYS A 70 -5.61 8.92 3.73
C LYS A 70 -5.60 8.27 2.35
N GLU A 71 -5.68 9.06 1.28
CA GLU A 71 -5.80 8.64 -0.10
C GLU A 71 -4.86 7.48 -0.43
N PRO A 72 -3.54 7.59 -0.19
CA PRO A 72 -2.61 6.51 -0.43
C PRO A 72 -2.92 5.33 0.48
N PHE A 73 -3.12 5.54 1.78
CA PHE A 73 -3.34 4.45 2.73
C PHE A 73 -4.58 3.62 2.39
N ILE A 74 -5.65 4.23 1.90
CA ILE A 74 -6.85 3.52 1.45
C ILE A 74 -6.42 2.61 0.30
N LYS A 75 -5.79 3.17 -0.74
CA LYS A 75 -5.34 2.41 -1.91
C LYS A 75 -4.42 1.26 -1.46
N MET A 76 -3.47 1.53 -0.57
CA MET A 76 -2.60 0.50 -0.01
C MET A 76 -3.40 -0.59 0.72
N LYS A 77 -4.26 -0.23 1.64
CA LYS A 77 -5.02 -1.23 2.38
C LYS A 77 -5.89 -2.08 1.44
N GLN A 78 -6.51 -1.48 0.42
CA GLN A 78 -7.34 -2.20 -0.55
C GLN A 78 -6.49 -3.08 -1.46
N PHE A 79 -5.27 -2.66 -1.75
CA PHE A 79 -4.27 -3.44 -2.45
C PHE A 79 -3.97 -4.69 -1.63
N LEU A 80 -3.67 -4.50 -0.34
CA LEU A 80 -3.45 -5.56 0.65
C LEU A 80 -4.73 -6.30 1.06
N SER A 81 -5.85 -5.98 0.43
CA SER A 81 -7.08 -6.75 0.54
C SER A 81 -7.15 -7.81 -0.56
N ASP A 82 -6.22 -7.86 -1.52
CA ASP A 82 -6.21 -8.84 -2.58
C ASP A 82 -4.82 -8.90 -3.22
N GLU A 83 -4.09 -9.97 -2.94
CA GLU A 83 -2.75 -10.22 -3.46
C GLU A 83 -2.65 -10.19 -5.00
N GLN A 84 -3.74 -10.36 -5.77
CA GLN A 84 -3.66 -10.21 -7.21
C GLN A 84 -3.17 -8.83 -7.61
N ASN A 85 -3.34 -7.81 -6.75
CA ASN A 85 -2.80 -6.48 -6.94
C ASN A 85 -1.26 -6.50 -6.93
N VAL A 86 -0.61 -7.13 -5.95
CA VAL A 86 0.85 -7.18 -5.95
C VAL A 86 1.35 -7.97 -7.16
N LEU A 87 0.63 -9.04 -7.51
CA LEU A 87 0.99 -9.92 -8.61
C LEU A 87 0.88 -9.16 -9.93
N ALA A 88 -0.01 -8.18 -10.01
CA ALA A 88 -0.09 -7.24 -11.12
C ALA A 88 1.13 -6.32 -11.14
N LEU A 89 1.50 -5.76 -9.98
CA LEU A 89 2.57 -4.79 -9.84
C LEU A 89 3.92 -5.40 -10.18
N ARG A 90 4.08 -6.73 -10.06
CA ARG A 90 5.30 -7.41 -10.47
C ARG A 90 5.61 -7.08 -11.92
N THR A 91 4.63 -7.29 -12.81
CA THR A 91 4.72 -7.01 -14.23
C THR A 91 5.11 -5.54 -14.46
N ILE A 92 4.57 -4.61 -13.68
CA ILE A 92 4.87 -3.20 -13.83
C ILE A 92 6.31 -2.93 -13.43
N GLN A 93 6.86 -3.63 -12.44
CA GLN A 93 8.25 -3.47 -12.02
C GLN A 93 9.19 -3.82 -13.17
N VAL A 94 8.97 -4.94 -13.85
CA VAL A 94 9.76 -5.32 -15.03
C VAL A 94 9.49 -4.38 -16.21
N ARG A 95 8.37 -3.66 -16.21
CA ARG A 95 8.09 -2.57 -17.15
C ARG A 95 8.46 -1.20 -16.56
N SER A 96 9.25 -1.12 -15.48
CA SER A 96 9.76 0.16 -14.99
C SER A 96 10.58 0.80 -16.11
N GLY A 97 10.54 2.12 -16.19
CA GLY A 97 11.18 2.94 -17.21
C GLY A 97 12.69 3.04 -16.99
N PRO A 98 13.34 3.96 -17.70
CA PRO A 98 14.76 4.23 -17.49
C PRO A 98 14.98 4.71 -16.05
N SER A 99 16.20 4.52 -15.57
CA SER A 99 16.67 5.04 -14.30
C SER A 99 17.95 5.83 -14.56
N SER A 100 18.55 6.38 -13.51
CA SER A 100 19.76 7.19 -13.59
C SER A 100 20.63 6.88 -12.37
N GLY A 101 20.64 5.64 -11.90
CA GLY A 101 21.34 5.21 -10.71
C GLY A 101 21.16 3.73 -10.53
N GLY A 1 0.32 -0.40 17.19
CA GLY A 1 -0.56 -0.88 16.12
C GLY A 1 0.22 -1.78 15.18
N SER A 2 0.17 -3.09 15.41
CA SER A 2 0.94 -4.10 14.71
C SER A 2 0.18 -5.42 14.84
N SER A 3 -0.17 -6.04 13.70
CA SER A 3 -1.14 -7.11 13.54
C SER A 3 -2.52 -6.65 14.04
N GLY A 4 -3.50 -6.49 13.13
CA GLY A 4 -4.74 -5.80 13.46
C GLY A 4 -5.90 -6.17 12.55
N SER A 5 -6.87 -6.91 13.08
CA SER A 5 -8.15 -7.18 12.43
C SER A 5 -8.99 -5.93 12.19
N SER A 6 -9.07 -4.99 13.14
CA SER A 6 -9.94 -3.82 13.15
C SER A 6 -11.30 -4.05 12.44
N GLY A 7 -12.02 -5.11 12.81
CA GLY A 7 -13.28 -5.43 12.17
C GLY A 7 -14.09 -6.42 12.96
N ALA A 8 -15.41 -6.42 12.73
CA ALA A 8 -16.36 -7.36 13.28
C ALA A 8 -17.39 -7.61 12.17
N GLY A 9 -17.19 -8.66 11.39
CA GLY A 9 -17.97 -8.86 10.17
C GLY A 9 -17.59 -7.82 9.11
N PRO A 10 -18.42 -7.65 8.05
CA PRO A 10 -18.14 -6.71 6.97
C PRO A 10 -17.94 -5.25 7.43
N GLY A 11 -17.53 -4.42 6.48
CA GLY A 11 -17.42 -2.97 6.65
C GLY A 11 -17.70 -2.29 5.31
N ALA A 12 -17.76 -0.97 5.32
CA ALA A 12 -17.95 -0.09 4.17
C ALA A 12 -17.53 1.32 4.59
N GLU A 13 -17.85 2.32 3.77
CA GLU A 13 -17.46 3.72 3.95
C GLU A 13 -15.94 3.85 4.09
N GLU A 14 -15.47 4.90 4.77
CA GLU A 14 -14.10 5.09 5.18
C GLU A 14 -14.11 4.99 6.71
N GLU A 15 -13.06 4.39 7.28
CA GLU A 15 -12.94 4.15 8.71
C GLU A 15 -11.46 4.15 9.07
N GLN A 16 -11.12 3.95 10.35
CA GLN A 16 -9.74 3.92 10.78
C GLN A 16 -9.03 2.71 10.21
N LEU A 17 -7.82 2.94 9.72
CA LEU A 17 -6.93 1.93 9.17
C LEU A 17 -5.60 2.08 9.89
N ASP A 18 -4.93 0.97 10.20
CA ASP A 18 -3.65 1.00 10.88
C ASP A 18 -2.59 1.43 9.88
N THR A 19 -2.23 2.70 9.87
CA THR A 19 -1.25 3.18 8.91
C THR A 19 0.10 2.47 9.05
N ALA A 20 0.53 2.13 10.26
CA ALA A 20 1.79 1.45 10.48
C ALA A 20 1.74 0.01 9.94
N GLU A 21 0.55 -0.60 9.92
CA GLU A 21 0.31 -1.93 9.42
C GLU A 21 0.26 -1.86 7.91
N ILE A 22 -0.49 -0.94 7.31
CA ILE A 22 -0.53 -0.74 5.87
C ILE A 22 0.89 -0.48 5.38
N ALA A 23 1.64 0.41 6.06
CA ALA A 23 3.03 0.66 5.76
C ALA A 23 3.83 -0.63 5.79
N PHE A 24 3.74 -1.39 6.89
CA PHE A 24 4.45 -2.64 7.09
C PHE A 24 4.12 -3.65 5.97
N GLN A 25 2.84 -3.98 5.81
CA GLN A 25 2.30 -4.90 4.83
C GLN A 25 2.70 -4.50 3.41
N VAL A 26 2.71 -3.20 3.06
CA VAL A 26 3.25 -2.78 1.77
C VAL A 26 4.73 -3.11 1.68
N LYS A 27 5.52 -2.70 2.67
CA LYS A 27 6.97 -2.89 2.63
C LYS A 27 7.30 -4.38 2.52
N GLU A 28 6.62 -5.22 3.30
CA GLU A 28 6.80 -6.65 3.27
C GLU A 28 6.49 -7.19 1.88
N GLN A 29 5.34 -6.82 1.32
CA GLN A 29 4.89 -7.18 -0.02
C GLN A 29 5.88 -6.83 -1.13
N LEU A 30 6.40 -5.59 -1.12
CA LEU A 30 7.40 -5.17 -2.07
C LEU A 30 8.62 -6.06 -1.91
N LEU A 31 9.08 -6.37 -0.70
CA LEU A 31 10.14 -7.35 -0.49
C LEU A 31 9.75 -8.77 -0.97
N LYS A 32 8.52 -9.20 -0.71
CA LYS A 32 7.95 -10.54 -0.94
C LYS A 32 8.02 -10.92 -2.41
N HIS A 33 7.77 -9.95 -3.29
CA HIS A 33 7.80 -10.15 -4.74
C HIS A 33 8.91 -9.34 -5.42
N ASN A 34 9.84 -8.80 -4.63
CA ASN A 34 10.88 -7.84 -4.99
C ASN A 34 10.41 -6.79 -5.99
N ILE A 35 9.67 -5.80 -5.52
CA ILE A 35 9.16 -4.69 -6.31
C ILE A 35 9.76 -3.41 -5.71
N GLY A 36 9.97 -2.38 -6.53
CA GLY A 36 10.53 -1.10 -6.10
C GLY A 36 9.44 -0.14 -5.68
N GLN A 37 9.71 0.65 -4.64
CA GLN A 37 8.76 1.57 -4.03
C GLN A 37 8.24 2.63 -5.00
N ARG A 38 9.07 3.13 -5.93
CA ARG A 38 8.64 4.15 -6.90
C ARG A 38 7.45 3.65 -7.67
N VAL A 39 7.55 2.50 -8.34
CA VAL A 39 6.49 1.99 -9.20
C VAL A 39 5.22 1.79 -8.36
N PHE A 40 5.33 1.24 -7.15
CA PHE A 40 4.18 1.12 -6.25
C PHE A 40 3.51 2.48 -6.00
N GLY A 41 4.27 3.50 -5.64
CA GLY A 41 3.74 4.81 -5.36
C GLY A 41 3.27 5.53 -6.61
N HIS A 42 3.82 5.21 -7.78
CA HIS A 42 3.50 5.87 -9.04
C HIS A 42 2.18 5.35 -9.62
N TYR A 43 1.84 4.07 -9.39
CA TYR A 43 0.66 3.41 -9.99
C TYR A 43 -0.45 3.14 -8.98
N VAL A 44 -0.12 2.64 -7.80
CA VAL A 44 -1.12 2.28 -6.80
C VAL A 44 -1.54 3.57 -6.12
N LEU A 45 -0.56 4.41 -5.75
CA LEU A 45 -0.81 5.59 -4.91
C LEU A 45 -0.93 6.85 -5.76
N GLY A 46 -0.20 6.86 -6.87
CA GLY A 46 -0.22 7.96 -7.82
C GLY A 46 0.70 9.11 -7.41
N LEU A 47 1.45 8.98 -6.32
CA LEU A 47 2.28 10.02 -5.74
C LEU A 47 3.70 9.93 -6.30
N SER A 48 4.57 10.85 -5.87
CA SER A 48 5.99 10.75 -6.16
C SER A 48 6.62 9.64 -5.31
N GLN A 49 7.78 9.15 -5.74
CA GLN A 49 8.67 8.29 -4.96
C GLN A 49 8.94 8.93 -3.61
N GLY A 50 9.21 10.24 -3.61
CA GLY A 50 9.47 11.04 -2.43
C GLY A 50 8.32 10.95 -1.42
N SER A 51 7.10 11.24 -1.86
CA SER A 51 5.92 11.19 -1.01
C SER A 51 5.77 9.80 -0.39
N VAL A 52 5.53 8.73 -1.16
CA VAL A 52 5.23 7.44 -0.54
C VAL A 52 6.35 6.98 0.38
N SER A 53 7.60 7.24 0.02
CA SER A 53 8.71 6.88 0.87
C SER A 53 8.69 7.60 2.22
N GLU A 54 8.14 8.82 2.33
CA GLU A 54 7.82 9.43 3.62
C GLU A 54 6.78 8.57 4.32
N ILE A 55 5.70 8.20 3.64
CA ILE A 55 4.57 7.50 4.23
C ILE A 55 5.09 6.20 4.87
N LEU A 56 5.97 5.48 4.17
CA LEU A 56 6.54 4.21 4.64
C LEU A 56 7.64 4.40 5.69
N ALA A 57 8.32 5.54 5.66
CA ALA A 57 9.35 5.91 6.61
C ALA A 57 8.74 6.31 7.96
N ARG A 58 7.65 7.06 7.92
CA ARG A 58 6.95 7.64 9.06
C ARG A 58 5.46 7.62 8.74
N PRO A 59 4.78 6.49 8.96
CA PRO A 59 3.34 6.40 8.75
C PRO A 59 2.66 7.08 9.93
N LYS A 60 2.28 8.36 9.80
CA LYS A 60 1.60 9.06 10.86
C LYS A 60 0.28 8.37 11.15
N PRO A 61 -0.26 8.58 12.35
CA PRO A 61 -1.45 7.89 12.80
C PRO A 61 -2.61 8.30 11.90
N TRP A 62 -3.59 7.42 11.69
CA TRP A 62 -4.72 7.71 10.81
C TRP A 62 -5.44 8.99 11.28
N ARG A 63 -5.65 9.11 12.59
CA ARG A 63 -6.23 10.30 13.21
C ARG A 63 -5.44 11.60 12.99
N LYS A 64 -4.19 11.54 12.50
CA LYS A 64 -3.34 12.69 12.15
C LYS A 64 -3.44 13.10 10.69
N LEU A 65 -4.13 12.32 9.86
CA LEU A 65 -4.16 12.53 8.41
C LEU A 65 -5.52 13.11 7.99
N THR A 66 -5.51 13.87 6.90
CA THR A 66 -6.71 14.36 6.24
C THR A 66 -7.24 13.31 5.25
N VAL A 67 -8.35 13.57 4.56
CA VAL A 67 -8.75 12.80 3.37
C VAL A 67 -7.62 12.71 2.35
N LYS A 68 -6.91 13.81 2.08
CA LYS A 68 -5.77 13.75 1.19
C LYS A 68 -4.68 12.87 1.80
N GLY A 69 -4.44 12.98 3.10
CA GLY A 69 -3.51 12.14 3.83
C GLY A 69 -3.85 10.66 3.77
N LYS A 70 -5.13 10.32 3.66
CA LYS A 70 -5.65 8.95 3.70
C LYS A 70 -5.76 8.36 2.31
N GLU A 71 -5.76 9.18 1.26
CA GLU A 71 -5.77 8.82 -0.15
C GLU A 71 -4.82 7.64 -0.44
N PRO A 72 -3.52 7.73 -0.12
CA PRO A 72 -2.60 6.63 -0.37
C PRO A 72 -2.95 5.43 0.50
N PHE A 73 -3.23 5.61 1.79
CA PHE A 73 -3.42 4.50 2.70
C PHE A 73 -4.66 3.68 2.35
N ILE A 74 -5.73 4.27 1.85
CA ILE A 74 -6.90 3.52 1.37
C ILE A 74 -6.44 2.66 0.19
N LYS A 75 -5.82 3.28 -0.83
CA LYS A 75 -5.32 2.59 -2.01
C LYS A 75 -4.40 1.42 -1.60
N MET A 76 -3.48 1.64 -0.66
CA MET A 76 -2.60 0.59 -0.13
C MET A 76 -3.39 -0.50 0.59
N LYS A 77 -4.29 -0.13 1.50
CA LYS A 77 -5.06 -1.12 2.26
C LYS A 77 -5.86 -2.01 1.30
N GLN A 78 -6.44 -1.43 0.25
CA GLN A 78 -7.19 -2.14 -0.77
C GLN A 78 -6.28 -3.08 -1.55
N PHE A 79 -5.09 -2.60 -1.93
CA PHE A 79 -4.04 -3.40 -2.57
C PHE A 79 -3.73 -4.65 -1.73
N LEU A 80 -3.60 -4.49 -0.42
CA LEU A 80 -3.24 -5.54 0.52
C LEU A 80 -4.39 -6.49 0.87
N SER A 81 -5.62 -6.17 0.47
CA SER A 81 -6.80 -7.00 0.72
C SER A 81 -6.82 -8.22 -0.22
N ASP A 82 -5.97 -8.24 -1.25
CA ASP A 82 -6.20 -9.00 -2.46
C ASP A 82 -4.88 -9.15 -3.21
N GLU A 83 -4.17 -10.26 -3.00
CA GLU A 83 -2.82 -10.50 -3.50
C GLU A 83 -2.74 -10.24 -5.02
N GLN A 84 -3.83 -10.44 -5.75
CA GLN A 84 -3.87 -10.20 -7.18
C GLN A 84 -3.42 -8.79 -7.59
N ASN A 85 -3.47 -7.79 -6.70
CA ASN A 85 -2.92 -6.48 -6.95
C ASN A 85 -1.39 -6.51 -7.04
N VAL A 86 -0.68 -7.23 -6.15
CA VAL A 86 0.79 -7.20 -6.17
C VAL A 86 1.31 -8.02 -7.35
N LEU A 87 0.66 -9.13 -7.70
CA LEU A 87 0.97 -10.01 -8.80
C LEU A 87 0.95 -9.26 -10.12
N ALA A 88 0.04 -8.29 -10.22
CA ALA A 88 -0.04 -7.35 -11.32
C ALA A 88 1.08 -6.31 -11.26
N LEU A 89 1.37 -5.74 -10.09
CA LEU A 89 2.45 -4.78 -9.90
C LEU A 89 3.79 -5.38 -10.27
N ARG A 90 3.96 -6.70 -10.11
CA ARG A 90 5.16 -7.37 -10.56
C ARG A 90 5.31 -7.22 -12.08
N THR A 91 4.24 -7.33 -12.88
CA THR A 91 4.30 -7.07 -14.32
C THR A 91 4.79 -5.63 -14.55
N ILE A 92 4.25 -4.64 -13.84
CA ILE A 92 4.71 -3.26 -14.00
C ILE A 92 6.21 -3.16 -13.67
N GLN A 93 6.70 -3.97 -12.74
CA GLN A 93 8.10 -3.91 -12.32
C GLN A 93 9.04 -4.48 -13.39
N VAL A 94 8.71 -5.60 -14.03
CA VAL A 94 9.49 -6.08 -15.20
C VAL A 94 9.30 -5.12 -16.40
N ARG A 95 8.25 -4.30 -16.41
CA ARG A 95 8.03 -3.21 -17.37
C ARG A 95 8.72 -1.90 -16.96
N SER A 96 9.37 -1.83 -15.79
CA SER A 96 9.80 -0.59 -15.16
C SER A 96 10.88 0.13 -15.97
N GLY A 97 11.67 -0.59 -16.77
CA GLY A 97 12.74 -0.05 -17.58
C GLY A 97 13.22 -1.14 -18.54
N PRO A 98 14.36 -0.94 -19.22
CA PRO A 98 14.93 -1.94 -20.11
C PRO A 98 15.47 -3.13 -19.30
N SER A 99 14.59 -4.11 -19.04
CA SER A 99 14.89 -5.43 -18.50
C SER A 99 15.68 -5.35 -17.19
N SER A 100 15.22 -4.55 -16.22
CA SER A 100 15.99 -4.26 -15.01
C SER A 100 16.50 -5.49 -14.27
N GLY A 101 15.67 -6.52 -14.08
CA GLY A 101 15.97 -7.62 -13.16
C GLY A 101 14.87 -7.72 -12.13
N GLY A 1 -5.23 -25.60 8.72
CA GLY A 1 -4.99 -24.61 7.67
C GLY A 1 -3.50 -24.36 7.52
N SER A 2 -2.99 -24.32 6.29
CA SER A 2 -1.58 -23.97 6.05
C SER A 2 -1.39 -22.48 6.35
N SER A 3 -1.98 -21.59 5.55
CA SER A 3 -1.94 -20.17 5.80
C SER A 3 -2.76 -19.82 7.05
N GLY A 4 -2.39 -18.72 7.71
CA GLY A 4 -3.26 -18.02 8.63
C GLY A 4 -4.22 -17.14 7.83
N SER A 5 -5.35 -16.78 8.43
CA SER A 5 -6.42 -16.06 7.75
C SER A 5 -5.94 -14.68 7.32
N SER A 6 -5.34 -13.91 8.24
CA SER A 6 -5.49 -12.45 8.32
C SER A 6 -6.98 -12.04 8.27
N GLY A 7 -7.24 -10.74 8.44
CA GLY A 7 -8.55 -10.13 8.27
C GLY A 7 -9.60 -10.51 9.31
N ALA A 8 -10.66 -9.69 9.35
CA ALA A 8 -11.88 -9.86 10.14
C ALA A 8 -12.81 -8.66 9.91
N GLY A 9 -13.46 -8.59 8.75
CA GLY A 9 -14.67 -7.79 8.54
C GLY A 9 -14.82 -7.37 7.08
N PRO A 10 -16.06 -7.07 6.64
CA PRO A 10 -16.34 -6.69 5.26
C PRO A 10 -15.72 -5.33 4.96
N GLY A 11 -14.71 -5.32 4.08
CA GLY A 11 -13.96 -4.14 3.69
C GLY A 11 -14.84 -3.13 2.97
N ALA A 12 -15.30 -2.11 3.69
CA ALA A 12 -16.16 -1.02 3.21
C ALA A 12 -15.96 0.23 4.08
N GLU A 13 -16.73 1.29 3.79
CA GLU A 13 -16.76 2.55 4.50
C GLU A 13 -15.38 3.26 4.57
N GLU A 14 -15.35 4.42 5.22
CA GLU A 14 -14.13 5.04 5.69
C GLU A 14 -14.12 4.84 7.21
N GLU A 15 -13.17 4.08 7.70
CA GLU A 15 -12.99 3.68 9.10
C GLU A 15 -11.71 4.33 9.66
N GLN A 16 -11.09 3.75 10.69
CA GLN A 16 -9.76 4.12 11.14
C GLN A 16 -8.78 2.99 10.81
N LEU A 17 -8.25 2.96 9.59
CA LEU A 17 -7.27 1.97 9.19
C LEU A 17 -6.01 2.13 10.04
N ASP A 18 -5.21 1.08 10.21
CA ASP A 18 -3.94 1.15 10.94
C ASP A 18 -2.82 1.49 9.95
N THR A 19 -2.37 2.74 9.93
CA THR A 19 -1.41 3.19 8.93
C THR A 19 -0.05 2.50 9.07
N ALA A 20 0.45 2.31 10.30
CA ALA A 20 1.78 1.73 10.50
C ALA A 20 1.83 0.30 9.98
N GLU A 21 0.68 -0.37 10.05
CA GLU A 21 0.42 -1.74 9.67
C GLU A 21 0.35 -1.82 8.14
N ILE A 22 -0.45 -0.96 7.50
CA ILE A 22 -0.53 -0.86 6.05
C ILE A 22 0.87 -0.55 5.48
N ALA A 23 1.60 0.40 6.09
CA ALA A 23 2.95 0.73 5.69
C ALA A 23 3.86 -0.49 5.80
N PHE A 24 3.85 -1.17 6.95
CA PHE A 24 4.61 -2.39 7.21
C PHE A 24 4.30 -3.42 6.13
N GLN A 25 3.06 -3.90 6.08
CA GLN A 25 2.56 -4.89 5.13
C GLN A 25 3.01 -4.62 3.70
N VAL A 26 2.96 -3.37 3.23
CA VAL A 26 3.42 -3.04 1.89
C VAL A 26 4.92 -3.21 1.75
N LYS A 27 5.73 -2.78 2.72
CA LYS A 27 7.17 -3.01 2.69
C LYS A 27 7.43 -4.52 2.57
N GLU A 28 6.61 -5.36 3.19
CA GLU A 28 6.69 -6.81 3.05
C GLU A 28 6.31 -7.24 1.64
N GLN A 29 5.12 -6.88 1.16
CA GLN A 29 4.64 -7.33 -0.13
C GLN A 29 5.55 -6.92 -1.28
N LEU A 30 6.12 -5.71 -1.28
CA LEU A 30 7.07 -5.26 -2.25
C LEU A 30 8.30 -6.15 -2.18
N LEU A 31 8.83 -6.43 -0.98
CA LEU A 31 9.94 -7.36 -0.81
C LEU A 31 9.59 -8.75 -1.38
N LYS A 32 8.37 -9.24 -1.15
CA LYS A 32 7.91 -10.57 -1.52
C LYS A 32 8.10 -10.91 -2.99
N HIS A 33 8.03 -9.90 -3.86
CA HIS A 33 8.22 -10.03 -5.30
C HIS A 33 9.38 -9.17 -5.82
N ASN A 34 10.15 -8.56 -4.90
CA ASN A 34 11.19 -7.56 -5.12
C ASN A 34 10.66 -6.41 -5.99
N ILE A 35 9.93 -5.46 -5.40
CA ILE A 35 9.42 -4.30 -6.11
C ILE A 35 9.97 -3.03 -5.47
N GLY A 36 10.38 -2.09 -6.31
CA GLY A 36 10.84 -0.76 -5.97
C GLY A 36 9.65 0.12 -5.65
N GLN A 37 9.75 0.86 -4.54
CA GLN A 37 8.69 1.71 -4.00
C GLN A 37 8.16 2.72 -5.02
N ARG A 38 8.99 3.20 -5.94
CA ARG A 38 8.53 4.14 -6.97
C ARG A 38 7.41 3.53 -7.79
N VAL A 39 7.54 2.30 -8.28
CA VAL A 39 6.51 1.71 -9.14
C VAL A 39 5.20 1.64 -8.36
N PHE A 40 5.23 1.10 -7.14
CA PHE A 40 4.04 1.03 -6.33
C PHE A 40 3.41 2.40 -6.09
N GLY A 41 4.23 3.42 -5.86
CA GLY A 41 3.77 4.77 -5.65
C GLY A 41 3.25 5.38 -6.93
N HIS A 42 3.81 5.08 -8.10
CA HIS A 42 3.34 5.60 -9.37
C HIS A 42 1.97 5.01 -9.73
N TYR A 43 1.74 3.72 -9.46
CA TYR A 43 0.55 3.01 -9.92
C TYR A 43 -0.55 2.94 -8.87
N VAL A 44 -0.25 2.35 -7.72
CA VAL A 44 -1.24 2.07 -6.69
C VAL A 44 -1.63 3.40 -6.06
N LEU A 45 -0.62 4.20 -5.70
CA LEU A 45 -0.83 5.44 -4.97
C LEU A 45 -1.06 6.61 -5.93
N GLY A 46 -0.31 6.65 -7.03
CA GLY A 46 -0.35 7.77 -7.96
C GLY A 46 0.44 8.97 -7.43
N LEU A 47 1.38 8.77 -6.51
CA LEU A 47 2.14 9.79 -5.82
C LEU A 47 3.59 9.76 -6.29
N SER A 48 4.28 10.87 -6.06
CA SER A 48 5.70 11.03 -6.33
C SER A 48 6.50 10.06 -5.41
N GLN A 49 7.69 9.64 -5.85
CA GLN A 49 8.52 8.66 -5.15
C GLN A 49 8.75 9.07 -3.68
N GLY A 50 9.03 10.35 -3.46
CA GLY A 50 9.35 10.88 -2.15
C GLY A 50 8.11 11.23 -1.32
N SER A 51 6.91 11.24 -1.90
CA SER A 51 5.71 11.17 -1.10
C SER A 51 5.65 9.77 -0.49
N VAL A 52 5.46 8.70 -1.26
CA VAL A 52 5.22 7.38 -0.67
C VAL A 52 6.32 6.93 0.29
N SER A 53 7.58 7.24 -0.03
CA SER A 53 8.69 6.90 0.85
C SER A 53 8.52 7.58 2.21
N GLU A 54 8.12 8.86 2.26
CA GLU A 54 7.76 9.54 3.50
C GLU A 54 6.67 8.75 4.21
N ILE A 55 5.64 8.33 3.48
CA ILE A 55 4.51 7.65 4.09
C ILE A 55 5.00 6.36 4.77
N LEU A 56 5.87 5.61 4.10
CA LEU A 56 6.43 4.35 4.59
C LEU A 56 7.40 4.57 5.74
N ALA A 57 8.15 5.66 5.68
CA ALA A 57 9.18 6.05 6.62
C ALA A 57 8.56 6.47 7.95
N ARG A 58 7.58 7.38 7.92
CA ARG A 58 6.87 7.86 9.10
C ARG A 58 5.36 7.85 8.81
N PRO A 59 4.71 6.68 8.95
CA PRO A 59 3.26 6.56 8.89
C PRO A 59 2.66 7.23 10.13
N LYS A 60 2.25 8.50 10.01
CA LYS A 60 1.51 9.17 11.03
C LYS A 60 0.20 8.41 11.21
N PRO A 61 -0.43 8.53 12.37
CA PRO A 61 -1.65 7.82 12.68
C PRO A 61 -2.72 8.28 11.70
N TRP A 62 -3.69 7.42 11.42
CA TRP A 62 -4.83 7.75 10.58
C TRP A 62 -5.53 9.01 11.09
N ARG A 63 -5.77 9.05 12.40
CA ARG A 63 -6.31 10.22 13.11
C ARG A 63 -5.40 11.48 13.10
N LYS A 64 -4.24 11.47 12.42
CA LYS A 64 -3.46 12.67 12.12
C LYS A 64 -3.53 13.10 10.65
N LEU A 65 -4.02 12.23 9.76
CA LEU A 65 -4.04 12.50 8.33
C LEU A 65 -5.37 13.14 7.95
N THR A 66 -5.37 13.97 6.91
CA THR A 66 -6.59 14.46 6.27
C THR A 66 -6.92 13.55 5.07
N VAL A 67 -8.00 13.82 4.34
CA VAL A 67 -8.41 13.06 3.15
C VAL A 67 -7.25 12.88 2.17
N LYS A 68 -6.51 13.93 1.81
CA LYS A 68 -5.33 13.77 0.94
C LYS A 68 -4.23 12.95 1.63
N GLY A 69 -4.13 12.97 2.97
CA GLY A 69 -3.20 12.14 3.71
C GLY A 69 -3.58 10.66 3.69
N LYS A 70 -4.88 10.38 3.78
CA LYS A 70 -5.48 9.05 3.83
C LYS A 70 -5.55 8.41 2.45
N GLU A 71 -5.57 9.22 1.39
CA GLU A 71 -5.67 8.87 -0.02
C GLU A 71 -4.80 7.66 -0.38
N PRO A 72 -3.49 7.66 -0.08
CA PRO A 72 -2.63 6.50 -0.25
C PRO A 72 -3.12 5.32 0.57
N PHE A 73 -3.22 5.47 1.89
CA PHE A 73 -3.50 4.36 2.80
C PHE A 73 -4.77 3.60 2.48
N ILE A 74 -5.80 4.27 1.96
CA ILE A 74 -7.02 3.66 1.45
C ILE A 74 -6.63 2.67 0.33
N LYS A 75 -5.96 3.18 -0.70
CA LYS A 75 -5.49 2.40 -1.85
C LYS A 75 -4.68 1.21 -1.33
N MET A 76 -3.67 1.43 -0.48
CA MET A 76 -2.88 0.35 0.06
C MET A 76 -3.66 -0.71 0.81
N LYS A 77 -4.55 -0.33 1.74
CA LYS A 77 -5.29 -1.31 2.52
C LYS A 77 -6.10 -2.21 1.57
N GLN A 78 -6.73 -1.62 0.55
CA GLN A 78 -7.55 -2.34 -0.41
C GLN A 78 -6.69 -3.21 -1.34
N PHE A 79 -5.46 -2.75 -1.67
CA PHE A 79 -4.51 -3.48 -2.49
C PHE A 79 -4.18 -4.82 -1.83
N LEU A 80 -3.92 -4.78 -0.52
CA LEU A 80 -3.56 -5.97 0.25
C LEU A 80 -4.72 -6.96 0.35
N SER A 81 -5.97 -6.52 0.16
CA SER A 81 -7.14 -7.39 0.24
C SER A 81 -7.40 -8.16 -1.07
N ASP A 82 -6.57 -8.00 -2.11
CA ASP A 82 -6.71 -8.78 -3.34
C ASP A 82 -5.33 -8.99 -3.95
N GLU A 83 -4.74 -10.17 -3.70
CA GLU A 83 -3.34 -10.44 -4.00
C GLU A 83 -3.01 -10.32 -5.50
N GLN A 84 -3.99 -10.44 -6.39
CA GLN A 84 -3.78 -10.19 -7.80
C GLN A 84 -3.26 -8.78 -8.08
N ASN A 85 -3.47 -7.80 -7.18
CA ASN A 85 -2.92 -6.47 -7.31
C ASN A 85 -1.40 -6.51 -7.23
N VAL A 86 -0.84 -7.22 -6.25
CA VAL A 86 0.62 -7.27 -6.10
C VAL A 86 1.25 -8.11 -7.23
N LEU A 87 0.53 -9.13 -7.69
CA LEU A 87 0.95 -9.99 -8.80
C LEU A 87 0.92 -9.22 -10.12
N ALA A 88 0.12 -8.15 -10.22
CA ALA A 88 0.13 -7.23 -11.34
C ALA A 88 1.27 -6.22 -11.20
N LEU A 89 1.59 -5.78 -9.98
CA LEU A 89 2.60 -4.77 -9.74
C LEU A 89 3.97 -5.30 -10.11
N ARG A 90 4.24 -6.58 -9.82
CA ARG A 90 5.52 -7.13 -10.20
C ARG A 90 5.68 -7.11 -11.71
N THR A 91 4.60 -7.32 -12.47
CA THR A 91 4.65 -7.24 -13.92
C THR A 91 5.20 -5.88 -14.33
N ILE A 92 4.64 -4.80 -13.80
CA ILE A 92 5.00 -3.45 -14.18
C ILE A 92 6.48 -3.20 -13.91
N GLN A 93 6.98 -3.72 -12.79
CA GLN A 93 8.35 -3.58 -12.35
C GLN A 93 9.33 -4.25 -13.31
N VAL A 94 9.06 -5.49 -13.77
CA VAL A 94 9.90 -6.08 -14.81
C VAL A 94 9.75 -5.29 -16.11
N ARG A 95 8.55 -4.82 -16.43
CA ARG A 95 8.26 -4.01 -17.62
C ARG A 95 8.71 -2.54 -17.45
N SER A 96 9.68 -2.24 -16.59
CA SER A 96 10.19 -0.88 -16.50
C SER A 96 11.01 -0.55 -17.74
N GLY A 97 11.13 0.74 -18.06
CA GLY A 97 11.88 1.17 -19.24
C GLY A 97 11.15 0.75 -20.51
N PRO A 98 11.82 0.80 -21.67
CA PRO A 98 11.25 0.46 -22.97
C PRO A 98 10.83 -1.02 -23.02
N SER A 99 9.60 -1.29 -22.59
CA SER A 99 9.02 -2.61 -22.47
C SER A 99 7.58 -2.56 -22.95
N SER A 100 7.39 -2.68 -24.26
CA SER A 100 6.09 -2.93 -24.89
C SER A 100 6.35 -3.75 -26.16
N GLY A 101 5.36 -3.84 -27.04
CA GLY A 101 5.50 -4.40 -28.38
C GLY A 101 5.17 -3.33 -29.38
N GLY A 1 -29.61 -26.17 26.57
CA GLY A 1 -30.05 -24.96 27.26
C GLY A 1 -29.20 -23.84 26.72
N SER A 2 -29.79 -22.97 25.90
CA SER A 2 -29.07 -22.21 24.90
C SER A 2 -30.07 -21.24 24.26
N SER A 3 -29.58 -20.21 23.56
CA SER A 3 -30.40 -19.24 22.86
C SER A 3 -29.64 -18.76 21.63
N GLY A 4 -28.69 -17.84 21.81
CA GLY A 4 -27.87 -17.27 20.77
C GLY A 4 -26.73 -16.47 21.39
N SER A 5 -25.87 -15.88 20.57
CA SER A 5 -24.81 -14.94 20.97
C SER A 5 -24.50 -14.06 19.75
N SER A 6 -23.63 -13.06 19.90
CA SER A 6 -23.38 -12.05 18.88
C SER A 6 -24.67 -11.31 18.50
N GLY A 7 -24.69 -10.65 17.33
CA GLY A 7 -25.74 -9.73 16.90
C GLY A 7 -25.08 -8.43 16.48
N ALA A 8 -25.01 -8.16 15.18
CA ALA A 8 -24.27 -7.03 14.62
C ALA A 8 -25.03 -6.39 13.44
N GLY A 9 -24.37 -5.45 12.75
CA GLY A 9 -24.81 -4.83 11.51
C GLY A 9 -23.62 -4.59 10.58
N PRO A 10 -23.87 -4.30 9.29
CA PRO A 10 -22.84 -4.12 8.27
C PRO A 10 -22.26 -2.70 8.29
N GLY A 11 -21.16 -2.44 7.60
CA GLY A 11 -20.60 -1.11 7.43
C GLY A 11 -19.59 -1.11 6.29
N ALA A 12 -19.75 -0.19 5.32
CA ALA A 12 -18.95 -0.10 4.11
C ALA A 12 -18.69 1.38 3.83
N GLU A 13 -17.71 1.96 4.52
CA GLU A 13 -17.40 3.38 4.52
C GLU A 13 -15.88 3.54 4.65
N GLU A 14 -15.37 4.76 4.55
CA GLU A 14 -14.07 5.05 5.13
C GLU A 14 -14.19 4.83 6.63
N GLU A 15 -13.17 4.23 7.22
CA GLU A 15 -13.03 4.08 8.65
C GLU A 15 -11.55 4.17 8.98
N GLN A 16 -11.17 4.06 10.25
CA GLN A 16 -9.77 4.17 10.62
C GLN A 16 -9.04 2.89 10.25
N LEU A 17 -7.75 3.02 9.96
CA LEU A 17 -6.91 1.94 9.48
C LEU A 17 -5.58 2.03 10.22
N ASP A 18 -4.88 0.92 10.46
CA ASP A 18 -3.56 0.98 11.06
C ASP A 18 -2.58 1.33 9.97
N THR A 19 -2.19 2.59 9.90
CA THR A 19 -1.29 3.06 8.88
C THR A 19 0.08 2.39 8.98
N ALA A 20 0.60 2.10 10.18
CA ALA A 20 1.89 1.45 10.32
C ALA A 20 1.81 -0.03 9.92
N GLU A 21 0.63 -0.63 9.99
CA GLU A 21 0.36 -1.98 9.51
C GLU A 21 0.34 -1.93 8.01
N ILE A 22 -0.47 -1.08 7.39
CA ILE A 22 -0.56 -0.95 5.94
C ILE A 22 0.85 -0.68 5.40
N ALA A 23 1.55 0.31 5.95
CA ALA A 23 2.90 0.64 5.56
C ALA A 23 3.84 -0.56 5.66
N PHE A 24 3.82 -1.28 6.79
CA PHE A 24 4.57 -2.50 7.01
C PHE A 24 4.23 -3.52 5.92
N GLN A 25 2.97 -3.92 5.84
CA GLN A 25 2.42 -4.92 4.94
C GLN A 25 2.77 -4.63 3.48
N VAL A 26 2.73 -3.37 3.06
CA VAL A 26 3.21 -2.97 1.74
C VAL A 26 4.71 -3.24 1.63
N LYS A 27 5.54 -2.76 2.58
CA LYS A 27 6.97 -3.08 2.58
C LYS A 27 7.18 -4.60 2.50
N GLU A 28 6.39 -5.42 3.21
CA GLU A 28 6.44 -6.87 3.16
C GLU A 28 6.16 -7.38 1.75
N GLN A 29 4.99 -7.08 1.16
CA GLN A 29 4.57 -7.58 -0.14
C GLN A 29 5.52 -7.12 -1.26
N LEU A 30 6.05 -5.89 -1.19
CA LEU A 30 7.02 -5.40 -2.13
C LEU A 30 8.26 -6.26 -1.97
N LEU A 31 8.80 -6.43 -0.76
CA LEU A 31 9.94 -7.32 -0.53
C LEU A 31 9.65 -8.75 -1.00
N LYS A 32 8.44 -9.25 -0.79
CA LYS A 32 7.97 -10.59 -1.11
C LYS A 32 8.30 -10.92 -2.57
N HIS A 33 7.94 -10.03 -3.48
CA HIS A 33 8.13 -10.20 -4.92
C HIS A 33 9.28 -9.32 -5.43
N ASN A 34 10.06 -8.79 -4.50
CA ASN A 34 11.12 -7.79 -4.59
C ASN A 34 10.79 -6.70 -5.61
N ILE A 35 9.66 -5.99 -5.39
CA ILE A 35 9.20 -4.88 -6.20
C ILE A 35 9.72 -3.57 -5.60
N GLY A 36 9.83 -2.51 -6.40
CA GLY A 36 10.39 -1.24 -5.99
C GLY A 36 9.31 -0.23 -5.62
N GLN A 37 9.66 0.69 -4.72
CA GLN A 37 8.74 1.67 -4.16
C GLN A 37 8.32 2.76 -5.15
N ARG A 38 9.16 3.14 -6.13
CA ARG A 38 8.78 4.19 -7.07
C ARG A 38 7.52 3.79 -7.80
N VAL A 39 7.56 2.67 -8.51
CA VAL A 39 6.45 2.25 -9.33
C VAL A 39 5.19 2.07 -8.47
N PHE A 40 5.30 1.46 -7.29
CA PHE A 40 4.14 1.27 -6.43
C PHE A 40 3.47 2.62 -6.12
N GLY A 41 4.24 3.63 -5.73
CA GLY A 41 3.70 4.94 -5.45
C GLY A 41 3.25 5.66 -6.71
N HIS A 42 3.89 5.42 -7.86
CA HIS A 42 3.54 6.04 -9.12
C HIS A 42 2.21 5.50 -9.68
N TYR A 43 1.87 4.24 -9.38
CA TYR A 43 0.67 3.59 -9.91
C TYR A 43 -0.42 3.47 -8.84
N VAL A 44 -0.20 2.64 -7.83
CA VAL A 44 -1.22 2.26 -6.85
C VAL A 44 -1.64 3.51 -6.07
N LEU A 45 -0.68 4.37 -5.75
CA LEU A 45 -0.95 5.57 -4.97
C LEU A 45 -1.15 6.73 -5.91
N GLY A 46 -0.32 6.83 -6.95
CA GLY A 46 -0.36 7.96 -7.86
C GLY A 46 0.17 9.22 -7.18
N LEU A 47 1.13 9.08 -6.27
CA LEU A 47 1.84 10.17 -5.62
C LEU A 47 3.26 10.14 -6.15
N SER A 48 4.04 11.20 -5.93
CA SER A 48 5.44 11.19 -6.32
C SER A 48 6.22 10.25 -5.39
N GLN A 49 7.41 9.82 -5.83
CA GLN A 49 8.20 8.79 -5.16
C GLN A 49 8.52 9.17 -3.72
N GLY A 50 8.97 10.40 -3.51
CA GLY A 50 9.37 10.91 -2.21
C GLY A 50 8.18 10.98 -1.27
N SER A 51 6.99 11.25 -1.80
CA SER A 51 5.75 11.28 -1.05
C SER A 51 5.54 9.91 -0.42
N VAL A 52 5.32 8.85 -1.19
CA VAL A 52 5.06 7.53 -0.59
C VAL A 52 6.21 7.04 0.29
N SER A 53 7.45 7.31 -0.11
CA SER A 53 8.62 6.93 0.67
C SER A 53 8.56 7.53 2.08
N GLU A 54 8.12 8.78 2.23
CA GLU A 54 7.84 9.38 3.52
C GLU A 54 6.73 8.61 4.24
N ILE A 55 5.64 8.25 3.56
CA ILE A 55 4.51 7.59 4.20
C ILE A 55 5.01 6.27 4.82
N LEU A 56 5.84 5.53 4.08
CA LEU A 56 6.39 4.26 4.52
C LEU A 56 7.42 4.42 5.62
N ALA A 57 8.21 5.49 5.57
CA ALA A 57 9.16 5.85 6.59
C ALA A 57 8.44 6.23 7.88
N ARG A 58 7.39 7.04 7.77
CA ARG A 58 6.68 7.64 8.88
C ARG A 58 5.18 7.52 8.63
N PRO A 59 4.60 6.33 8.89
CA PRO A 59 3.16 6.16 8.94
C PRO A 59 2.67 6.84 10.21
N LYS A 60 2.06 8.02 10.07
CA LYS A 60 1.46 8.77 11.14
C LYS A 60 0.07 8.19 11.41
N PRO A 61 -0.53 8.51 12.57
CA PRO A 61 -1.82 7.98 12.95
C PRO A 61 -2.83 8.33 11.86
N TRP A 62 -3.75 7.42 11.51
CA TRP A 62 -4.82 7.73 10.58
C TRP A 62 -5.54 9.02 10.99
N ARG A 63 -5.91 9.16 12.27
CA ARG A 63 -6.52 10.38 12.80
C ARG A 63 -5.70 11.65 12.61
N LYS A 64 -4.38 11.59 12.41
CA LYS A 64 -3.56 12.77 12.17
C LYS A 64 -3.72 13.25 10.74
N LEU A 65 -3.89 12.32 9.81
CA LEU A 65 -3.93 12.58 8.39
C LEU A 65 -5.32 13.12 8.03
N THR A 66 -5.44 13.72 6.85
CA THR A 66 -6.66 14.27 6.27
C THR A 66 -6.86 13.60 4.91
N VAL A 67 -7.87 13.93 4.09
CA VAL A 67 -8.20 13.16 2.88
C VAL A 67 -6.98 12.79 2.04
N LYS A 68 -6.17 13.78 1.68
CA LYS A 68 -5.02 13.56 0.80
C LYS A 68 -3.86 12.84 1.49
N GLY A 69 -3.85 12.92 2.82
CA GLY A 69 -3.06 12.08 3.70
C GLY A 69 -3.52 10.62 3.70
N LYS A 70 -4.82 10.37 3.64
CA LYS A 70 -5.47 9.07 3.79
C LYS A 70 -5.63 8.35 2.45
N GLU A 71 -5.71 9.10 1.35
CA GLU A 71 -5.77 8.70 -0.04
C GLU A 71 -4.88 7.49 -0.32
N PRO A 72 -3.56 7.56 -0.05
CA PRO A 72 -2.66 6.45 -0.33
C PRO A 72 -3.01 5.25 0.54
N PHE A 73 -3.18 5.43 1.85
CA PHE A 73 -3.48 4.34 2.76
C PHE A 73 -4.76 3.60 2.40
N ILE A 74 -5.79 4.29 1.88
CA ILE A 74 -7.03 3.66 1.42
C ILE A 74 -6.68 2.69 0.29
N LYS A 75 -5.99 3.18 -0.74
CA LYS A 75 -5.56 2.39 -1.89
C LYS A 75 -4.74 1.21 -1.41
N MET A 76 -3.74 1.46 -0.56
CA MET A 76 -2.86 0.41 -0.06
C MET A 76 -3.62 -0.68 0.70
N LYS A 77 -4.49 -0.28 1.63
CA LYS A 77 -5.29 -1.24 2.40
C LYS A 77 -6.15 -2.10 1.48
N GLN A 78 -6.70 -1.56 0.38
CA GLN A 78 -7.49 -2.34 -0.57
C GLN A 78 -6.60 -3.22 -1.44
N PHE A 79 -5.42 -2.74 -1.84
CA PHE A 79 -4.41 -3.52 -2.55
C PHE A 79 -4.05 -4.76 -1.73
N LEU A 80 -3.95 -4.61 -0.41
CA LEU A 80 -3.60 -5.72 0.47
C LEU A 80 -4.74 -6.71 0.66
N SER A 81 -6.01 -6.36 0.39
CA SER A 81 -7.13 -7.27 0.59
C SER A 81 -6.99 -8.52 -0.29
N ASP A 82 -6.39 -8.40 -1.48
CA ASP A 82 -6.22 -9.48 -2.45
C ASP A 82 -4.81 -9.39 -3.04
N GLU A 83 -3.98 -10.41 -2.81
CA GLU A 83 -2.60 -10.51 -3.28
C GLU A 83 -2.49 -10.42 -4.81
N GLN A 84 -3.59 -10.59 -5.55
CA GLN A 84 -3.57 -10.34 -6.99
C GLN A 84 -3.16 -8.91 -7.33
N ASN A 85 -3.27 -7.94 -6.41
CA ASN A 85 -2.83 -6.59 -6.67
C ASN A 85 -1.31 -6.52 -6.73
N VAL A 86 -0.59 -7.07 -5.76
CA VAL A 86 0.88 -7.09 -5.82
C VAL A 86 1.34 -7.94 -7.01
N LEU A 87 0.62 -9.01 -7.36
CA LEU A 87 0.93 -9.83 -8.54
C LEU A 87 0.80 -8.96 -9.77
N ALA A 88 -0.25 -8.15 -9.84
CA ALA A 88 -0.47 -7.15 -10.86
C ALA A 88 0.49 -5.95 -10.79
N LEU A 89 1.39 -5.87 -9.81
CA LEU A 89 2.52 -4.93 -9.77
C LEU A 89 3.85 -5.50 -10.28
N ARG A 90 4.04 -6.83 -10.36
CA ARG A 90 5.34 -7.40 -10.73
C ARG A 90 5.71 -7.05 -12.17
N THR A 91 4.83 -7.30 -13.15
CA THR A 91 5.04 -6.92 -14.54
C THR A 91 5.36 -5.42 -14.65
N ILE A 92 4.75 -4.53 -13.85
CA ILE A 92 5.08 -3.10 -13.94
C ILE A 92 6.54 -2.85 -13.55
N GLN A 93 7.09 -3.61 -12.60
CA GLN A 93 8.44 -3.36 -12.13
C GLN A 93 9.46 -3.63 -13.22
N VAL A 94 9.29 -4.74 -13.94
CA VAL A 94 10.03 -5.08 -15.16
C VAL A 94 9.69 -4.14 -16.34
N ARG A 95 8.78 -3.17 -16.14
CA ARG A 95 8.47 -2.07 -17.05
C ARG A 95 8.78 -0.71 -16.42
N SER A 96 9.58 -0.64 -15.35
CA SER A 96 10.18 0.62 -14.92
C SER A 96 11.18 1.08 -15.98
N GLY A 97 11.69 2.30 -15.85
CA GLY A 97 12.69 2.87 -16.73
C GLY A 97 13.36 4.06 -16.07
N PRO A 98 14.35 4.68 -16.71
CA PRO A 98 15.07 5.82 -16.17
C PRO A 98 14.08 6.97 -15.96
N SER A 99 14.09 7.59 -14.78
CA SER A 99 13.12 8.60 -14.36
C SER A 99 11.69 8.23 -14.78
N SER A 100 11.13 7.20 -14.14
CA SER A 100 9.71 6.89 -14.25
C SER A 100 8.92 8.03 -13.59
N GLY A 101 8.57 9.03 -14.39
CA GLY A 101 7.99 10.31 -14.03
C GLY A 101 7.83 11.08 -15.32
N GLY A 1 0.70 -21.11 10.04
CA GLY A 1 -0.15 -20.08 10.65
C GLY A 1 0.46 -19.63 11.94
N SER A 2 0.60 -18.32 12.17
CA SER A 2 1.18 -17.81 13.40
C SER A 2 0.45 -16.54 13.86
N SER A 3 0.27 -15.53 12.98
CA SER A 3 -0.36 -14.28 13.40
C SER A 3 -1.77 -14.51 13.96
N GLY A 4 -2.15 -13.69 14.95
CA GLY A 4 -3.44 -13.66 15.61
C GLY A 4 -4.58 -13.09 14.76
N SER A 5 -4.53 -13.32 13.44
CA SER A 5 -5.54 -12.97 12.44
C SER A 5 -6.89 -13.55 12.90
N SER A 6 -7.71 -12.75 13.58
CA SER A 6 -8.94 -13.15 14.25
C SER A 6 -9.74 -11.89 14.57
N GLY A 7 -10.67 -11.52 13.69
CA GLY A 7 -11.62 -10.42 13.89
C GLY A 7 -12.65 -10.39 12.78
N ALA A 8 -13.85 -9.88 13.06
CA ALA A 8 -14.95 -9.75 12.13
C ALA A 8 -15.69 -8.43 12.37
N GLY A 9 -15.40 -7.43 11.52
CA GLY A 9 -16.18 -6.23 11.36
C GLY A 9 -16.58 -6.18 9.89
N PRO A 10 -17.87 -6.04 9.53
CA PRO A 10 -18.30 -5.91 8.13
C PRO A 10 -18.10 -4.47 7.61
N GLY A 11 -16.92 -3.90 7.86
CA GLY A 11 -16.56 -2.51 7.58
C GLY A 11 -16.50 -2.26 6.09
N ALA A 12 -17.24 -1.26 5.61
CA ALA A 12 -17.36 -0.93 4.19
C ALA A 12 -17.33 0.58 3.91
N GLU A 13 -17.05 1.42 4.90
CA GLU A 13 -16.86 2.86 4.73
C GLU A 13 -15.39 3.20 4.96
N GLU A 14 -15.06 4.49 4.87
CA GLU A 14 -13.78 4.99 5.34
C GLU A 14 -13.75 4.85 6.87
N GLU A 15 -12.98 3.90 7.38
CA GLU A 15 -12.81 3.59 8.80
C GLU A 15 -11.33 3.71 9.20
N GLN A 16 -11.02 3.56 10.50
CA GLN A 16 -9.71 3.86 11.05
C GLN A 16 -8.76 2.71 10.78
N LEU A 17 -8.06 2.78 9.66
CA LEU A 17 -7.08 1.78 9.26
C LEU A 17 -5.80 1.99 10.07
N ASP A 18 -5.07 0.92 10.40
CA ASP A 18 -3.76 1.09 11.02
C ASP A 18 -2.72 1.36 9.95
N THR A 19 -2.37 2.63 9.81
CA THR A 19 -1.43 3.13 8.84
C THR A 19 -0.06 2.48 8.99
N ALA A 20 0.46 2.42 10.22
CA ALA A 20 1.76 1.83 10.52
C ALA A 20 1.79 0.34 10.17
N GLU A 21 0.62 -0.31 10.13
CA GLU A 21 0.46 -1.68 9.72
C GLU A 21 0.43 -1.73 8.20
N ILE A 22 -0.44 -0.99 7.51
CA ILE A 22 -0.52 -0.93 6.05
C ILE A 22 0.89 -0.68 5.50
N ALA A 23 1.57 0.34 6.01
CA ALA A 23 2.91 0.71 5.61
C ALA A 23 3.88 -0.47 5.68
N PHE A 24 3.88 -1.19 6.81
CA PHE A 24 4.68 -2.38 7.01
C PHE A 24 4.26 -3.47 6.03
N GLN A 25 2.96 -3.79 5.93
CA GLN A 25 2.43 -4.84 5.07
C GLN A 25 2.75 -4.60 3.60
N VAL A 26 2.68 -3.35 3.12
CA VAL A 26 3.14 -2.99 1.78
C VAL A 26 4.63 -3.29 1.67
N LYS A 27 5.44 -2.84 2.62
CA LYS A 27 6.87 -3.09 2.61
C LYS A 27 7.19 -4.58 2.64
N GLU A 28 6.37 -5.45 3.24
CA GLU A 28 6.47 -6.91 3.13
C GLU A 28 6.22 -7.30 1.67
N GLN A 29 5.01 -7.09 1.15
CA GLN A 29 4.55 -7.58 -0.16
C GLN A 29 5.45 -7.13 -1.30
N LEU A 30 5.95 -5.89 -1.29
CA LEU A 30 6.84 -5.44 -2.33
C LEU A 30 8.08 -6.33 -2.28
N LEU A 31 8.69 -6.48 -1.10
CA LEU A 31 9.86 -7.33 -0.92
C LEU A 31 9.56 -8.80 -1.23
N LYS A 32 8.32 -9.25 -1.03
CA LYS A 32 7.87 -10.60 -1.33
C LYS A 32 8.07 -10.96 -2.80
N HIS A 33 8.11 -9.95 -3.68
CA HIS A 33 8.39 -10.09 -5.11
C HIS A 33 9.50 -9.13 -5.57
N ASN A 34 10.28 -8.57 -4.64
CA ASN A 34 11.23 -7.46 -4.80
C ASN A 34 10.71 -6.40 -5.80
N ILE A 35 9.67 -5.65 -5.42
CA ILE A 35 9.10 -4.58 -6.24
C ILE A 35 9.62 -3.24 -5.69
N GLY A 36 9.79 -2.26 -6.57
CA GLY A 36 10.32 -0.96 -6.25
C GLY A 36 9.21 -0.02 -5.83
N GLN A 37 9.43 0.70 -4.72
CA GLN A 37 8.46 1.64 -4.16
C GLN A 37 8.04 2.73 -5.15
N ARG A 38 8.96 3.18 -6.01
CA ARG A 38 8.66 4.20 -7.02
C ARG A 38 7.48 3.78 -7.89
N VAL A 39 7.54 2.59 -8.51
CA VAL A 39 6.45 2.08 -9.33
C VAL A 39 5.19 1.98 -8.47
N PHE A 40 5.27 1.40 -7.27
CA PHE A 40 4.11 1.26 -6.41
C PHE A 40 3.43 2.62 -6.16
N GLY A 41 4.20 3.65 -5.83
CA GLY A 41 3.69 4.98 -5.58
C GLY A 41 3.26 5.67 -6.85
N HIS A 42 3.80 5.37 -8.03
CA HIS A 42 3.31 5.91 -9.29
C HIS A 42 1.94 5.29 -9.63
N TYR A 43 1.81 3.97 -9.51
CA TYR A 43 0.66 3.23 -9.98
C TYR A 43 -0.43 3.18 -8.94
N VAL A 44 -0.19 2.48 -7.84
CA VAL A 44 -1.22 2.22 -6.84
C VAL A 44 -1.66 3.54 -6.25
N LEU A 45 -0.70 4.43 -5.93
CA LEU A 45 -0.96 5.65 -5.18
C LEU A 45 -1.08 6.86 -6.10
N GLY A 46 -0.24 6.96 -7.12
CA GLY A 46 -0.13 8.14 -7.97
C GLY A 46 0.41 9.34 -7.20
N LEU A 47 1.52 9.15 -6.49
CA LEU A 47 2.28 10.18 -5.80
C LEU A 47 3.74 10.02 -6.24
N SER A 48 4.59 11.00 -5.93
CA SER A 48 6.01 10.85 -6.23
C SER A 48 6.61 9.73 -5.37
N GLN A 49 7.72 9.17 -5.84
CA GLN A 49 8.49 8.16 -5.13
C GLN A 49 8.99 8.68 -3.78
N GLY A 50 9.19 10.00 -3.66
CA GLY A 50 9.56 10.63 -2.41
C GLY A 50 8.38 10.65 -1.46
N SER A 51 7.21 11.08 -1.93
CA SER A 51 6.00 11.22 -1.14
C SER A 51 5.67 9.90 -0.45
N VAL A 52 5.38 8.82 -1.18
CA VAL A 52 5.01 7.53 -0.57
C VAL A 52 6.10 7.01 0.35
N SER A 53 7.37 7.18 -0.03
CA SER A 53 8.49 6.74 0.78
C SER A 53 8.50 7.48 2.13
N GLU A 54 8.16 8.78 2.18
CA GLU A 54 7.94 9.48 3.44
C GLU A 54 6.80 8.81 4.18
N ILE A 55 5.68 8.50 3.51
CA ILE A 55 4.53 7.93 4.18
C ILE A 55 4.94 6.58 4.81
N LEU A 56 5.73 5.76 4.11
CA LEU A 56 6.19 4.46 4.59
C LEU A 56 7.20 4.60 5.71
N ALA A 57 8.09 5.57 5.57
CA ALA A 57 9.14 5.88 6.52
C ALA A 57 8.53 6.39 7.83
N ARG A 58 7.46 7.17 7.75
CA ARG A 58 6.83 7.91 8.84
C ARG A 58 5.31 7.78 8.67
N PRO A 59 4.75 6.59 8.90
CA PRO A 59 3.33 6.34 8.72
C PRO A 59 2.61 6.90 9.93
N LYS A 60 2.14 8.16 9.86
CA LYS A 60 1.49 8.81 10.96
C LYS A 60 0.17 8.12 11.26
N PRO A 61 -0.36 8.32 12.47
CA PRO A 61 -1.59 7.71 12.89
C PRO A 61 -2.70 8.12 11.92
N TRP A 62 -3.65 7.24 11.62
CA TRP A 62 -4.78 7.56 10.75
C TRP A 62 -5.49 8.82 11.23
N ARG A 63 -5.81 8.88 12.53
CA ARG A 63 -6.43 10.04 13.15
C ARG A 63 -5.67 11.34 12.90
N LYS A 64 -4.36 11.32 12.64
CA LYS A 64 -3.56 12.52 12.39
C LYS A 64 -3.68 13.03 10.96
N LEU A 65 -4.15 12.20 10.02
CA LEU A 65 -4.11 12.51 8.59
C LEU A 65 -5.34 13.30 8.15
N THR A 66 -5.25 13.93 6.99
CA THR A 66 -6.33 14.55 6.24
C THR A 66 -6.89 13.57 5.21
N VAL A 67 -7.88 13.96 4.40
CA VAL A 67 -8.29 13.15 3.24
C VAL A 67 -7.13 12.91 2.28
N LYS A 68 -6.38 13.97 1.97
CA LYS A 68 -5.19 13.84 1.14
C LYS A 68 -4.15 12.91 1.78
N GLY A 69 -4.08 12.89 3.12
CA GLY A 69 -3.28 11.97 3.89
C GLY A 69 -3.76 10.52 3.76
N LYS A 70 -5.07 10.30 3.76
CA LYS A 70 -5.71 8.98 3.73
C LYS A 70 -5.75 8.37 2.32
N GLU A 71 -5.75 9.19 1.26
CA GLU A 71 -5.86 8.77 -0.14
C GLU A 71 -4.96 7.56 -0.41
N PRO A 72 -3.64 7.65 -0.16
CA PRO A 72 -2.73 6.55 -0.42
C PRO A 72 -3.03 5.33 0.47
N PHE A 73 -3.29 5.50 1.76
CA PHE A 73 -3.47 4.38 2.68
C PHE A 73 -4.69 3.54 2.35
N ILE A 74 -5.78 4.16 1.89
CA ILE A 74 -6.97 3.42 1.46
C ILE A 74 -6.56 2.52 0.30
N LYS A 75 -5.96 3.09 -0.76
CA LYS A 75 -5.47 2.37 -1.92
C LYS A 75 -4.56 1.21 -1.48
N MET A 76 -3.59 1.46 -0.59
CA MET A 76 -2.69 0.43 -0.09
C MET A 76 -3.44 -0.68 0.66
N LYS A 77 -4.35 -0.32 1.56
CA LYS A 77 -5.09 -1.31 2.33
C LYS A 77 -5.95 -2.18 1.40
N GLN A 78 -6.58 -1.59 0.37
CA GLN A 78 -7.38 -2.29 -0.62
C GLN A 78 -6.50 -3.19 -1.47
N PHE A 79 -5.28 -2.75 -1.78
CA PHE A 79 -4.29 -3.55 -2.49
C PHE A 79 -3.92 -4.80 -1.67
N LEU A 80 -3.80 -4.65 -0.35
CA LEU A 80 -3.53 -5.75 0.58
C LEU A 80 -4.75 -6.66 0.78
N SER A 81 -5.91 -6.25 0.27
CA SER A 81 -7.17 -6.97 0.39
C SER A 81 -7.28 -8.12 -0.62
N ASP A 82 -6.41 -8.19 -1.63
CA ASP A 82 -6.45 -9.24 -2.65
C ASP A 82 -5.07 -9.38 -3.29
N GLU A 83 -4.46 -10.56 -3.17
CA GLU A 83 -3.06 -10.81 -3.53
C GLU A 83 -2.75 -10.54 -5.02
N GLN A 84 -3.71 -10.63 -5.94
CA GLN A 84 -3.40 -10.36 -7.34
C GLN A 84 -2.96 -8.91 -7.57
N ASN A 85 -3.26 -7.99 -6.64
CA ASN A 85 -2.82 -6.62 -6.75
C ASN A 85 -1.28 -6.54 -6.79
N VAL A 86 -0.59 -7.24 -5.87
CA VAL A 86 0.87 -7.18 -5.84
C VAL A 86 1.45 -7.94 -7.03
N LEU A 87 0.79 -9.03 -7.45
CA LEU A 87 1.23 -9.82 -8.59
C LEU A 87 1.20 -8.98 -9.84
N ALA A 88 0.15 -8.18 -10.04
CA ALA A 88 0.05 -7.27 -11.17
C ALA A 88 1.15 -6.19 -11.13
N LEU A 89 1.56 -5.78 -9.93
CA LEU A 89 2.61 -4.77 -9.74
C LEU A 89 3.99 -5.30 -10.12
N ARG A 90 4.21 -6.62 -10.07
CA ARG A 90 5.46 -7.20 -10.53
C ARG A 90 5.67 -6.92 -12.01
N THR A 91 4.64 -7.15 -12.82
CA THR A 91 4.66 -6.88 -14.25
C THR A 91 5.10 -5.43 -14.48
N ILE A 92 4.53 -4.49 -13.73
CA ILE A 92 4.85 -3.08 -13.85
C ILE A 92 6.32 -2.84 -13.43
N GLN A 93 6.83 -3.57 -12.45
CA GLN A 93 8.21 -3.44 -12.01
C GLN A 93 9.18 -3.82 -13.12
N VAL A 94 9.04 -4.98 -13.76
CA VAL A 94 9.90 -5.30 -14.90
C VAL A 94 9.70 -4.26 -16.01
N ARG A 95 8.47 -3.82 -16.24
CA ARG A 95 8.12 -2.82 -17.25
C ARG A 95 8.49 -1.39 -16.83
N SER A 96 9.22 -1.16 -15.74
CA SER A 96 9.64 0.19 -15.34
C SER A 96 10.60 0.83 -16.34
N GLY A 97 11.23 0.02 -17.21
CA GLY A 97 12.19 0.40 -18.22
C GLY A 97 12.09 -0.62 -19.36
N PRO A 98 13.13 -0.70 -20.21
CA PRO A 98 13.24 -1.79 -21.16
C PRO A 98 13.45 -3.12 -20.43
N SER A 99 13.37 -4.22 -21.18
CA SER A 99 13.66 -5.57 -20.72
C SER A 99 14.91 -6.10 -21.42
N SER A 100 15.26 -7.35 -21.13
CA SER A 100 16.39 -8.06 -21.71
C SER A 100 15.96 -9.51 -21.93
N GLY A 101 16.28 -10.05 -23.11
CA GLY A 101 16.45 -11.48 -23.28
C GLY A 101 17.71 -11.83 -22.52
N GLY A 1 16.34 -7.74 17.97
CA GLY A 1 15.89 -8.78 17.03
C GLY A 1 14.37 -8.90 17.00
N SER A 2 13.82 -9.75 17.87
CA SER A 2 12.45 -10.23 17.97
C SER A 2 11.41 -9.24 17.42
N SER A 3 10.72 -9.64 16.34
CA SER A 3 9.59 -8.93 15.73
C SER A 3 8.78 -9.88 14.86
N GLY A 4 7.49 -9.59 14.67
CA GLY A 4 6.51 -10.41 13.95
C GLY A 4 5.10 -10.09 14.43
N SER A 5 4.14 -10.96 14.10
CA SER A 5 2.77 -10.97 14.59
C SER A 5 1.98 -9.72 14.21
N SER A 6 1.32 -9.77 13.05
CA SER A 6 0.23 -8.89 12.64
C SER A 6 -0.78 -9.75 11.86
N GLY A 7 -2.00 -9.27 11.62
CA GLY A 7 -3.01 -10.01 10.88
C GLY A 7 -4.44 -9.73 11.32
N ALA A 8 -4.76 -8.51 11.75
CA ALA A 8 -6.12 -8.02 11.96
C ALA A 8 -6.29 -6.72 11.18
N GLY A 9 -7.54 -6.29 10.97
CA GLY A 9 -7.85 -5.09 10.21
C GLY A 9 -9.10 -5.28 9.35
N PRO A 10 -10.31 -5.09 9.90
CA PRO A 10 -11.54 -5.02 9.13
C PRO A 10 -11.56 -3.74 8.25
N GLY A 11 -12.70 -3.44 7.64
CA GLY A 11 -12.85 -2.26 6.80
C GLY A 11 -14.31 -2.07 6.43
N ALA A 12 -14.97 -1.11 7.05
CA ALA A 12 -16.27 -0.62 6.65
C ALA A 12 -16.28 0.90 6.64
N GLU A 13 -17.24 1.44 5.89
CA GLU A 13 -17.53 2.86 5.72
C GLU A 13 -16.25 3.68 5.67
N GLU A 14 -16.08 4.58 6.62
CA GLU A 14 -14.76 5.06 7.04
C GLU A 14 -14.46 4.46 8.40
N GLU A 15 -13.35 3.73 8.53
CA GLU A 15 -12.80 3.33 9.81
C GLU A 15 -11.29 3.59 9.84
N GLN A 16 -10.67 3.29 10.98
CA GLN A 16 -9.46 3.97 11.42
C GLN A 16 -8.26 3.11 11.09
N LEU A 17 -7.98 2.97 9.80
CA LEU A 17 -7.03 2.01 9.26
C LEU A 17 -5.65 2.17 9.91
N ASP A 18 -5.00 1.09 10.31
CA ASP A 18 -3.68 1.16 10.89
C ASP A 18 -2.67 1.51 9.81
N THR A 19 -2.20 2.74 9.79
CA THR A 19 -1.29 3.19 8.78
C THR A 19 0.09 2.54 8.89
N ALA A 20 0.61 2.35 10.10
CA ALA A 20 1.91 1.69 10.29
C ALA A 20 1.84 0.23 9.87
N GLU A 21 0.65 -0.35 9.84
CA GLU A 21 0.37 -1.70 9.40
C GLU A 21 0.30 -1.71 7.89
N ILE A 22 -0.51 -0.87 7.27
CA ILE A 22 -0.61 -0.77 5.81
C ILE A 22 0.77 -0.50 5.22
N ALA A 23 1.53 0.43 5.81
CA ALA A 23 2.88 0.72 5.41
C ALA A 23 3.77 -0.52 5.50
N PHE A 24 3.69 -1.27 6.60
CA PHE A 24 4.44 -2.50 6.81
C PHE A 24 4.06 -3.55 5.77
N GLN A 25 2.78 -3.84 5.64
CA GLN A 25 2.23 -4.83 4.73
C GLN A 25 2.64 -4.51 3.29
N VAL A 26 2.67 -3.24 2.89
CA VAL A 26 3.19 -2.86 1.59
C VAL A 26 4.68 -3.16 1.52
N LYS A 27 5.49 -2.73 2.49
CA LYS A 27 6.94 -2.98 2.44
C LYS A 27 7.21 -4.48 2.29
N GLU A 28 6.57 -5.34 3.09
CA GLU A 28 6.80 -6.76 3.07
C GLU A 28 6.31 -7.39 1.77
N GLN A 29 5.11 -7.10 1.27
CA GLN A 29 4.59 -7.59 -0.02
C GLN A 29 5.51 -7.24 -1.20
N LEU A 30 6.00 -5.99 -1.26
CA LEU A 30 6.84 -5.57 -2.34
C LEU A 30 8.11 -6.40 -2.25
N LEU A 31 8.74 -6.51 -1.07
CA LEU A 31 9.89 -7.38 -0.89
C LEU A 31 9.54 -8.85 -1.20
N LYS A 32 8.32 -9.29 -0.93
CA LYS A 32 7.81 -10.64 -1.16
C LYS A 32 7.91 -11.03 -2.63
N HIS A 33 8.00 -10.06 -3.55
CA HIS A 33 8.31 -10.32 -4.95
C HIS A 33 9.48 -9.46 -5.49
N ASN A 34 10.28 -8.83 -4.62
CA ASN A 34 11.29 -7.79 -4.91
C ASN A 34 10.75 -6.72 -5.87
N ILE A 35 9.68 -6.03 -5.47
CA ILE A 35 9.11 -4.92 -6.19
C ILE A 35 9.63 -3.62 -5.53
N GLY A 36 9.71 -2.52 -6.28
CA GLY A 36 10.26 -1.26 -5.82
C GLY A 36 9.16 -0.26 -5.47
N GLN A 37 9.44 0.63 -4.52
CA GLN A 37 8.51 1.63 -4.01
C GLN A 37 8.24 2.81 -4.98
N ARG A 38 9.03 3.01 -6.03
CA ARG A 38 8.75 4.06 -7.03
C ARG A 38 7.54 3.66 -7.86
N VAL A 39 7.57 2.51 -8.53
CA VAL A 39 6.48 2.07 -9.38
C VAL A 39 5.19 2.03 -8.57
N PHE A 40 5.19 1.43 -7.37
CA PHE A 40 3.99 1.33 -6.56
C PHE A 40 3.39 2.71 -6.26
N GLY A 41 4.23 3.71 -5.95
CA GLY A 41 3.75 5.05 -5.68
C GLY A 41 3.33 5.77 -6.95
N HIS A 42 3.86 5.44 -8.12
CA HIS A 42 3.41 5.99 -9.40
C HIS A 42 2.07 5.36 -9.81
N TYR A 43 1.91 4.06 -9.61
CA TYR A 43 0.81 3.27 -10.15
C TYR A 43 -0.37 3.22 -9.19
N VAL A 44 -0.19 2.62 -8.01
CA VAL A 44 -1.27 2.37 -7.05
C VAL A 44 -1.73 3.70 -6.47
N LEU A 45 -0.79 4.64 -6.25
CA LEU A 45 -1.03 5.82 -5.46
C LEU A 45 -1.06 7.07 -6.35
N GLY A 46 -0.14 7.19 -7.29
CA GLY A 46 0.01 8.35 -8.17
C GLY A 46 0.66 9.53 -7.45
N LEU A 47 1.55 9.29 -6.50
CA LEU A 47 2.19 10.30 -5.66
C LEU A 47 3.65 10.42 -6.06
N SER A 48 4.27 11.55 -5.71
CA SER A 48 5.64 11.87 -6.10
C SER A 48 6.61 10.85 -5.50
N GLN A 49 7.81 10.77 -6.08
CA GLN A 49 8.76 9.68 -5.87
C GLN A 49 9.07 9.46 -4.38
N GLY A 50 9.26 10.55 -3.63
CA GLY A 50 9.58 10.53 -2.22
C GLY A 50 8.37 10.66 -1.31
N SER A 51 7.19 10.97 -1.84
CA SER A 51 5.98 11.12 -1.04
C SER A 51 5.66 9.77 -0.39
N VAL A 52 5.46 8.70 -1.17
CA VAL A 52 5.15 7.40 -0.59
C VAL A 52 6.27 6.87 0.31
N SER A 53 7.51 7.15 -0.05
CA SER A 53 8.66 6.77 0.75
C SER A 53 8.56 7.41 2.15
N GLU A 54 8.12 8.67 2.26
CA GLU A 54 7.78 9.25 3.54
C GLU A 54 6.66 8.44 4.21
N ILE A 55 5.59 8.07 3.50
CA ILE A 55 4.47 7.36 4.11
C ILE A 55 4.97 6.04 4.73
N LEU A 56 6.01 5.43 4.17
CA LEU A 56 6.59 4.19 4.67
C LEU A 56 7.65 4.40 5.74
N ALA A 57 8.31 5.55 5.75
CA ALA A 57 9.31 5.94 6.74
C ALA A 57 8.65 6.47 8.01
N ARG A 58 7.60 7.26 7.83
CA ARG A 58 6.79 7.99 8.80
C ARG A 58 5.34 7.77 8.41
N PRO A 59 4.80 6.56 8.65
CA PRO A 59 3.38 6.33 8.56
C PRO A 59 2.76 7.08 9.73
N LYS A 60 2.29 8.31 9.51
CA LYS A 60 1.64 9.05 10.56
C LYS A 60 0.34 8.31 10.85
N PRO A 61 -0.18 8.48 12.06
CA PRO A 61 -1.41 7.85 12.47
C PRO A 61 -2.54 8.28 11.53
N TRP A 62 -3.54 7.42 11.33
CA TRP A 62 -4.75 7.77 10.59
C TRP A 62 -5.34 9.07 11.16
N ARG A 63 -5.52 9.13 12.48
CA ARG A 63 -6.00 10.30 13.21
C ARG A 63 -5.09 11.54 13.18
N LYS A 64 -3.95 11.53 12.47
CA LYS A 64 -3.17 12.74 12.17
C LYS A 64 -3.45 13.27 10.76
N LEU A 65 -3.98 12.46 9.86
CA LEU A 65 -3.98 12.74 8.44
C LEU A 65 -5.35 13.29 8.02
N THR A 66 -5.36 14.13 7.01
CA THR A 66 -6.60 14.58 6.34
C THR A 66 -6.94 13.58 5.24
N VAL A 67 -8.03 13.75 4.49
CA VAL A 67 -8.39 12.96 3.31
C VAL A 67 -7.20 12.70 2.42
N LYS A 68 -6.55 13.76 1.93
CA LYS A 68 -5.40 13.63 1.04
C LYS A 68 -4.18 12.98 1.70
N GLY A 69 -4.15 12.91 3.03
CA GLY A 69 -3.23 12.12 3.84
C GLY A 69 -3.59 10.65 3.88
N LYS A 70 -4.89 10.35 3.98
CA LYS A 70 -5.48 9.03 4.12
C LYS A 70 -5.65 8.34 2.77
N GLU A 71 -5.75 9.10 1.68
CA GLU A 71 -5.95 8.67 0.31
C GLU A 71 -5.03 7.50 -0.06
N PRO A 72 -3.70 7.61 0.14
CA PRO A 72 -2.80 6.53 -0.18
C PRO A 72 -3.16 5.31 0.66
N PHE A 73 -3.34 5.47 1.97
CA PHE A 73 -3.56 4.34 2.85
C PHE A 73 -4.87 3.59 2.52
N ILE A 74 -5.92 4.27 2.07
CA ILE A 74 -7.15 3.63 1.60
C ILE A 74 -6.78 2.72 0.41
N LYS A 75 -6.12 3.28 -0.62
CA LYS A 75 -5.69 2.55 -1.80
C LYS A 75 -4.85 1.34 -1.38
N MET A 76 -3.83 1.57 -0.55
CA MET A 76 -2.92 0.54 -0.09
C MET A 76 -3.65 -0.56 0.69
N LYS A 77 -4.52 -0.23 1.63
CA LYS A 77 -5.25 -1.27 2.36
C LYS A 77 -6.07 -2.14 1.39
N GLN A 78 -6.67 -1.55 0.35
CA GLN A 78 -7.43 -2.29 -0.64
C GLN A 78 -6.52 -3.12 -1.54
N PHE A 79 -5.35 -2.59 -1.90
CA PHE A 79 -4.29 -3.31 -2.59
C PHE A 79 -3.93 -4.58 -1.81
N LEU A 80 -3.84 -4.47 -0.49
CA LEU A 80 -3.52 -5.61 0.38
C LEU A 80 -4.71 -6.56 0.55
N SER A 81 -5.92 -6.16 0.15
CA SER A 81 -7.12 -6.97 0.28
C SER A 81 -7.25 -8.01 -0.85
N ASP A 82 -6.28 -8.12 -1.78
CA ASP A 82 -6.12 -9.27 -2.65
C ASP A 82 -4.67 -9.32 -3.14
N GLU A 83 -4.03 -10.48 -3.06
CA GLU A 83 -2.68 -10.69 -3.57
C GLU A 83 -2.57 -10.36 -5.07
N GLN A 84 -3.65 -10.46 -5.86
CA GLN A 84 -3.59 -10.08 -7.28
C GLN A 84 -3.05 -8.67 -7.50
N ASN A 85 -3.25 -7.74 -6.57
CA ASN A 85 -2.72 -6.41 -6.73
C ASN A 85 -1.19 -6.44 -6.74
N VAL A 86 -0.56 -7.09 -5.77
CA VAL A 86 0.90 -7.17 -5.73
C VAL A 86 1.43 -8.03 -6.87
N LEU A 87 0.70 -9.08 -7.25
CA LEU A 87 1.06 -9.97 -8.35
C LEU A 87 1.16 -9.14 -9.60
N ALA A 88 0.14 -8.32 -9.87
CA ALA A 88 0.11 -7.48 -11.04
C ALA A 88 1.27 -6.48 -11.06
N LEU A 89 1.65 -5.93 -9.91
CA LEU A 89 2.72 -4.95 -9.76
C LEU A 89 4.08 -5.54 -10.13
N ARG A 90 4.26 -6.86 -10.04
CA ARG A 90 5.50 -7.49 -10.45
C ARG A 90 5.78 -7.20 -11.91
N THR A 91 4.79 -7.39 -12.80
CA THR A 91 4.95 -7.09 -14.22
C THR A 91 5.37 -5.63 -14.41
N ILE A 92 4.73 -4.69 -13.70
CA ILE A 92 5.03 -3.27 -13.86
C ILE A 92 6.48 -2.96 -13.46
N GLN A 93 7.04 -3.71 -12.51
CA GLN A 93 8.41 -3.57 -12.09
C GLN A 93 9.38 -4.09 -13.16
N VAL A 94 9.01 -5.10 -13.96
CA VAL A 94 9.79 -5.48 -15.14
C VAL A 94 9.72 -4.35 -16.16
N ARG A 95 8.55 -3.74 -16.31
CA ARG A 95 8.28 -2.61 -17.19
C ARG A 95 8.81 -1.29 -16.62
N SER A 96 9.63 -1.30 -15.57
CA SER A 96 10.31 -0.10 -15.09
C SER A 96 11.44 0.26 -16.06
N GLY A 97 11.99 1.48 -15.95
CA GLY A 97 13.04 1.97 -16.84
C GLY A 97 14.37 1.25 -16.66
N PRO A 98 15.35 1.50 -17.55
CA PRO A 98 16.54 0.67 -17.72
C PRO A 98 17.41 0.66 -16.47
N SER A 99 18.00 1.79 -16.07
CA SER A 99 19.00 1.90 -15.01
C SER A 99 20.12 0.87 -15.18
N SER A 100 21.12 1.20 -16.01
CA SER A 100 22.24 0.32 -16.34
C SER A 100 23.53 1.10 -16.16
N GLY A 101 24.24 0.85 -15.06
CA GLY A 101 25.28 1.70 -14.49
C GLY A 101 25.24 1.50 -12.99
N GLY A 1 -30.31 -18.83 32.27
CA GLY A 1 -30.61 -17.69 31.40
C GLY A 1 -29.81 -16.49 31.87
N SER A 2 -30.23 -15.29 31.45
CA SER A 2 -29.47 -14.05 31.61
C SER A 2 -28.16 -14.08 30.80
N SER A 3 -27.44 -12.96 30.79
CA SER A 3 -26.35 -12.67 29.88
C SER A 3 -26.81 -12.67 28.40
N GLY A 4 -25.87 -12.39 27.49
CA GLY A 4 -26.14 -12.21 26.07
C GLY A 4 -25.88 -10.76 25.68
N SER A 5 -25.19 -10.55 24.57
CA SER A 5 -25.05 -9.28 23.87
C SER A 5 -24.55 -9.61 22.45
N SER A 6 -24.67 -8.70 21.50
CA SER A 6 -24.13 -8.84 20.15
C SER A 6 -23.99 -7.44 19.53
N GLY A 7 -23.18 -7.33 18.47
CA GLY A 7 -22.93 -6.07 17.78
C GLY A 7 -21.62 -6.22 17.02
N ALA A 8 -21.69 -6.52 15.73
CA ALA A 8 -20.51 -6.68 14.89
C ALA A 8 -20.80 -6.03 13.53
N GLY A 9 -20.48 -4.75 13.40
CA GLY A 9 -20.79 -3.96 12.22
C GLY A 9 -20.63 -2.47 12.51
N PRO A 10 -19.52 -1.83 12.10
CA PRO A 10 -19.26 -0.40 12.30
C PRO A 10 -20.05 0.46 11.29
N GLY A 11 -21.29 0.08 10.98
CA GLY A 11 -22.08 0.65 9.92
C GLY A 11 -21.48 0.24 8.58
N ALA A 12 -21.16 1.25 7.76
CA ALA A 12 -20.36 1.21 6.55
C ALA A 12 -19.97 2.65 6.30
N GLU A 13 -18.74 3.02 6.63
CA GLU A 13 -18.13 4.29 6.25
C GLU A 13 -16.64 4.03 6.09
N GLU A 14 -15.91 5.07 5.67
CA GLU A 14 -14.47 5.09 5.74
C GLU A 14 -14.03 4.96 7.20
N GLU A 15 -13.52 3.78 7.56
CA GLU A 15 -13.11 3.43 8.91
C GLU A 15 -11.70 3.93 9.24
N GLN A 16 -11.13 3.45 10.35
CA GLN A 16 -9.80 3.82 10.81
C GLN A 16 -8.83 2.71 10.44
N LEU A 17 -7.98 2.95 9.45
CA LEU A 17 -7.02 1.95 8.99
C LEU A 17 -5.72 2.18 9.75
N ASP A 18 -5.08 1.14 10.27
CA ASP A 18 -3.78 1.28 10.95
C ASP A 18 -2.72 1.57 9.90
N THR A 19 -2.36 2.84 9.79
CA THR A 19 -1.40 3.30 8.81
C THR A 19 -0.04 2.62 9.01
N ALA A 20 0.40 2.45 10.25
CA ALA A 20 1.67 1.80 10.55
C ALA A 20 1.68 0.33 10.10
N GLU A 21 0.52 -0.33 10.12
CA GLU A 21 0.35 -1.71 9.69
C GLU A 21 0.38 -1.75 8.17
N ILE A 22 -0.41 -0.90 7.50
CA ILE A 22 -0.42 -0.81 6.04
C ILE A 22 1.00 -0.52 5.55
N ALA A 23 1.69 0.45 6.17
CA ALA A 23 3.04 0.83 5.80
C ALA A 23 4.04 -0.33 5.95
N PHE A 24 3.90 -1.11 7.02
CA PHE A 24 4.64 -2.34 7.26
C PHE A 24 4.30 -3.36 6.17
N GLN A 25 3.06 -3.84 6.11
CA GLN A 25 2.57 -4.86 5.18
C GLN A 25 2.93 -4.56 3.72
N VAL A 26 2.87 -3.30 3.31
CA VAL A 26 3.23 -2.90 1.95
C VAL A 26 4.70 -3.18 1.69
N LYS A 27 5.60 -2.86 2.63
CA LYS A 27 7.02 -3.18 2.51
C LYS A 27 7.20 -4.68 2.38
N GLU A 28 6.49 -5.48 3.19
CA GLU A 28 6.55 -6.94 3.12
C GLU A 28 6.19 -7.43 1.73
N GLN A 29 5.08 -6.95 1.16
CA GLN A 29 4.65 -7.31 -0.19
C GLN A 29 5.63 -6.86 -1.26
N LEU A 30 6.27 -5.69 -1.15
CA LEU A 30 7.33 -5.25 -2.05
C LEU A 30 8.51 -6.19 -1.94
N LEU A 31 8.90 -6.61 -0.75
CA LEU A 31 9.87 -7.69 -0.57
C LEU A 31 9.40 -8.97 -1.28
N LYS A 32 8.13 -9.35 -1.14
CA LYS A 32 7.55 -10.63 -1.51
C LYS A 32 7.82 -11.03 -2.97
N HIS A 33 7.72 -10.06 -3.88
CA HIS A 33 7.97 -10.24 -5.32
C HIS A 33 9.09 -9.31 -5.80
N ASN A 34 9.87 -8.75 -4.87
CA ASN A 34 10.93 -7.77 -5.05
C ASN A 34 10.51 -6.66 -6.02
N ILE A 35 9.60 -5.77 -5.58
CA ILE A 35 9.10 -4.66 -6.37
C ILE A 35 9.61 -3.37 -5.73
N GLY A 36 9.68 -2.29 -6.51
CA GLY A 36 10.23 -1.01 -6.08
C GLY A 36 9.11 -0.06 -5.68
N GLN A 37 9.39 0.74 -4.66
CA GLN A 37 8.48 1.69 -4.05
C GLN A 37 8.03 2.78 -5.03
N ARG A 38 8.90 3.26 -5.93
CA ARG A 38 8.47 4.20 -6.97
C ARG A 38 7.37 3.58 -7.80
N VAL A 39 7.53 2.39 -8.38
CA VAL A 39 6.49 1.79 -9.22
C VAL A 39 5.20 1.56 -8.41
N PHE A 40 5.30 1.20 -7.14
CA PHE A 40 4.13 1.13 -6.28
C PHE A 40 3.47 2.50 -6.16
N GLY A 41 4.21 3.52 -5.73
CA GLY A 41 3.69 4.82 -5.45
C GLY A 41 3.27 5.55 -6.70
N HIS A 42 3.82 5.27 -7.86
CA HIS A 42 3.53 5.92 -9.13
C HIS A 42 2.21 5.39 -9.71
N TYR A 43 1.84 4.14 -9.41
CA TYR A 43 0.68 3.48 -10.00
C TYR A 43 -0.46 3.35 -8.99
N VAL A 44 -0.25 2.62 -7.90
CA VAL A 44 -1.26 2.30 -6.90
C VAL A 44 -1.67 3.60 -6.22
N LEU A 45 -0.67 4.39 -5.85
CA LEU A 45 -0.90 5.61 -5.08
C LEU A 45 -1.00 6.81 -6.02
N GLY A 46 -0.19 6.83 -7.08
CA GLY A 46 -0.14 7.94 -8.03
C GLY A 46 0.71 9.10 -7.55
N LEU A 47 1.36 8.99 -6.38
CA LEU A 47 2.12 10.05 -5.75
C LEU A 47 3.56 9.95 -6.25
N SER A 48 4.37 10.97 -5.97
CA SER A 48 5.77 10.92 -6.34
C SER A 48 6.56 10.03 -5.39
N GLN A 49 7.75 9.61 -5.83
CA GLN A 49 8.57 8.63 -5.13
C GLN A 49 8.89 9.06 -3.69
N GLY A 50 9.30 10.31 -3.50
CA GLY A 50 9.62 10.83 -2.18
C GLY A 50 8.38 10.96 -1.30
N SER A 51 7.21 11.19 -1.91
CA SER A 51 5.95 11.35 -1.19
C SER A 51 5.60 10.03 -0.50
N VAL A 52 5.37 8.93 -1.24
CA VAL A 52 5.07 7.66 -0.59
C VAL A 52 6.16 7.21 0.37
N SER A 53 7.43 7.49 0.06
CA SER A 53 8.54 7.13 0.93
C SER A 53 8.36 7.73 2.32
N GLU A 54 7.93 8.99 2.42
CA GLU A 54 7.60 9.58 3.70
C GLU A 54 6.51 8.77 4.39
N ILE A 55 5.47 8.36 3.67
CA ILE A 55 4.34 7.67 4.26
C ILE A 55 4.84 6.34 4.87
N LEU A 56 5.77 5.67 4.19
CA LEU A 56 6.33 4.38 4.61
C LEU A 56 7.46 4.53 5.62
N ALA A 57 8.01 5.73 5.76
CA ALA A 57 8.99 6.09 6.75
C ALA A 57 8.28 6.45 8.05
N ARG A 58 7.31 7.35 7.97
CA ARG A 58 6.56 7.95 9.06
C ARG A 58 5.08 7.90 8.69
N PRO A 59 4.43 6.75 8.90
CA PRO A 59 2.99 6.64 8.86
C PRO A 59 2.47 7.41 10.07
N LYS A 60 1.98 8.64 9.91
CA LYS A 60 1.32 9.33 10.98
C LYS A 60 0.00 8.60 11.27
N PRO A 61 -0.57 8.85 12.45
CA PRO A 61 -1.83 8.26 12.87
C PRO A 61 -2.90 8.60 11.84
N TRP A 62 -3.84 7.69 11.59
CA TRP A 62 -4.99 7.94 10.71
C TRP A 62 -5.70 9.23 11.16
N ARG A 63 -6.03 9.35 12.45
CA ARG A 63 -6.61 10.56 13.02
C ARG A 63 -5.80 11.85 12.84
N LYS A 64 -4.49 11.79 12.52
CA LYS A 64 -3.70 12.98 12.20
C LYS A 64 -3.88 13.39 10.75
N LEU A 65 -4.11 12.45 9.84
CA LEU A 65 -4.03 12.72 8.41
C LEU A 65 -5.21 13.58 7.93
N THR A 66 -5.18 13.97 6.66
CA THR A 66 -6.30 14.57 5.93
C THR A 66 -6.77 13.56 4.87
N VAL A 67 -7.79 13.86 4.06
CA VAL A 67 -8.12 13.02 2.91
C VAL A 67 -6.93 12.77 1.99
N LYS A 68 -6.12 13.78 1.62
CA LYS A 68 -4.95 13.52 0.79
C LYS A 68 -3.91 12.68 1.54
N GLY A 69 -3.94 12.66 2.87
CA GLY A 69 -3.15 11.78 3.71
C GLY A 69 -3.66 10.35 3.66
N LYS A 70 -4.98 10.16 3.79
CA LYS A 70 -5.62 8.85 3.81
C LYS A 70 -5.63 8.22 2.44
N GLU A 71 -5.70 9.02 1.37
CA GLU A 71 -5.83 8.64 -0.04
C GLU A 71 -4.91 7.46 -0.37
N PRO A 72 -3.59 7.57 -0.16
CA PRO A 72 -2.68 6.46 -0.40
C PRO A 72 -3.03 5.28 0.51
N PHE A 73 -3.16 5.45 1.83
CA PHE A 73 -3.44 4.36 2.76
C PHE A 73 -4.69 3.57 2.39
N ILE A 74 -5.76 4.22 1.91
CA ILE A 74 -6.97 3.59 1.45
C ILE A 74 -6.60 2.64 0.30
N LYS A 75 -5.95 3.17 -0.73
CA LYS A 75 -5.52 2.41 -1.91
C LYS A 75 -4.62 1.25 -1.47
N MET A 76 -3.70 1.48 -0.53
CA MET A 76 -2.78 0.47 -0.02
C MET A 76 -3.51 -0.64 0.73
N LYS A 77 -4.37 -0.32 1.68
CA LYS A 77 -5.06 -1.36 2.43
C LYS A 77 -5.95 -2.19 1.50
N GLN A 78 -6.56 -1.58 0.49
CA GLN A 78 -7.35 -2.29 -0.52
C GLN A 78 -6.43 -3.20 -1.34
N PHE A 79 -5.26 -2.70 -1.72
CA PHE A 79 -4.25 -3.47 -2.44
C PHE A 79 -3.85 -4.71 -1.62
N LEU A 80 -3.76 -4.58 -0.30
CA LEU A 80 -3.43 -5.70 0.59
C LEU A 80 -4.60 -6.65 0.83
N SER A 81 -5.83 -6.29 0.45
CA SER A 81 -7.02 -7.08 0.75
C SER A 81 -7.25 -8.22 -0.25
N ASP A 82 -6.69 -8.15 -1.46
CA ASP A 82 -6.67 -9.25 -2.42
C ASP A 82 -5.24 -9.36 -2.93
N GLU A 83 -4.67 -10.55 -2.93
CA GLU A 83 -3.25 -10.71 -3.22
C GLU A 83 -2.95 -10.21 -4.63
N GLN A 84 -3.76 -10.58 -5.62
CA GLN A 84 -3.51 -10.45 -7.06
C GLN A 84 -3.14 -9.03 -7.48
N ASN A 85 -3.46 -8.03 -6.67
CA ASN A 85 -2.99 -6.67 -6.83
C ASN A 85 -1.47 -6.59 -6.97
N VAL A 86 -0.69 -7.35 -6.17
CA VAL A 86 0.76 -7.35 -6.29
C VAL A 86 1.21 -8.10 -7.53
N LEU A 87 0.51 -9.16 -7.91
CA LEU A 87 0.87 -10.03 -9.01
C LEU A 87 0.81 -9.25 -10.32
N ALA A 88 -0.02 -8.21 -10.38
CA ALA A 88 -0.01 -7.23 -11.44
C ALA A 88 1.18 -6.26 -11.35
N LEU A 89 1.50 -5.77 -10.15
CA LEU A 89 2.58 -4.83 -9.91
C LEU A 89 3.93 -5.42 -10.31
N ARG A 90 4.09 -6.75 -10.18
CA ARG A 90 5.32 -7.43 -10.61
C ARG A 90 5.61 -7.08 -12.07
N THR A 91 4.58 -7.09 -12.91
CA THR A 91 4.70 -6.87 -14.33
C THR A 91 5.16 -5.43 -14.59
N ILE A 92 4.60 -4.46 -13.89
CA ILE A 92 4.91 -3.06 -14.08
C ILE A 92 6.34 -2.79 -13.60
N GLN A 93 6.81 -3.50 -12.59
CA GLN A 93 8.18 -3.40 -12.12
C GLN A 93 9.16 -3.74 -13.25
N VAL A 94 8.90 -4.78 -14.05
CA VAL A 94 9.77 -5.08 -15.20
C VAL A 94 9.69 -3.97 -16.24
N ARG A 95 8.55 -3.31 -16.35
CA ARG A 95 8.31 -2.21 -17.28
C ARG A 95 8.97 -0.91 -16.80
N SER A 96 9.57 -0.87 -15.60
CA SER A 96 10.20 0.33 -15.07
C SER A 96 11.37 0.77 -15.98
N GLY A 97 11.78 2.03 -15.83
CA GLY A 97 12.76 2.70 -16.66
C GLY A 97 12.67 4.21 -16.47
N PRO A 98 13.46 4.99 -17.22
CA PRO A 98 13.42 6.46 -17.24
C PRO A 98 12.31 6.95 -18.18
N SER A 99 11.08 6.45 -18.00
CA SER A 99 9.94 6.87 -18.80
C SER A 99 9.44 8.18 -18.23
N SER A 100 9.95 9.27 -18.77
CA SER A 100 9.81 10.64 -18.31
C SER A 100 10.44 11.51 -19.41
N GLY A 101 9.66 11.78 -20.46
CA GLY A 101 9.96 12.80 -21.46
C GLY A 101 9.10 13.98 -21.10
N GLY A 1 0.41 -22.50 1.96
CA GLY A 1 1.36 -22.70 3.06
C GLY A 1 2.73 -22.18 2.67
N SER A 2 2.98 -20.90 2.95
CA SER A 2 4.25 -20.20 2.83
C SER A 2 4.14 -18.96 3.73
N SER A 3 4.84 -17.88 3.39
CA SER A 3 4.83 -16.51 3.91
C SER A 3 3.74 -16.29 4.99
N GLY A 4 2.48 -16.09 4.59
CA GLY A 4 1.38 -16.04 5.55
C GLY A 4 0.12 -15.42 4.96
N SER A 5 -0.95 -15.46 5.75
CA SER A 5 -2.28 -14.96 5.40
C SER A 5 -2.89 -14.11 6.52
N SER A 6 -2.04 -13.57 7.40
CA SER A 6 -2.43 -12.46 8.26
C SER A 6 -2.78 -11.24 7.39
N GLY A 7 -3.47 -10.27 7.97
CA GLY A 7 -4.19 -9.24 7.23
C GLY A 7 -5.66 -9.57 7.39
N ALA A 8 -6.35 -8.88 8.30
CA ALA A 8 -7.78 -9.02 8.49
C ALA A 8 -8.39 -7.71 8.98
N GLY A 9 -9.71 -7.64 8.92
CA GLY A 9 -10.51 -6.48 9.30
C GLY A 9 -11.62 -6.31 8.27
N PRO A 10 -12.82 -6.87 8.49
CA PRO A 10 -14.01 -6.46 7.74
C PRO A 10 -14.49 -5.10 8.24
N GLY A 11 -15.43 -4.50 7.52
CA GLY A 11 -16.14 -3.30 7.94
C GLY A 11 -17.14 -2.85 6.88
N ALA A 12 -17.92 -1.84 7.20
CA ALA A 12 -18.74 -1.09 6.26
C ALA A 12 -18.42 0.38 6.45
N GLU A 13 -18.67 1.15 5.39
CA GLU A 13 -18.21 2.52 5.23
C GLU A 13 -16.67 2.60 5.33
N GLU A 14 -16.15 3.81 5.22
CA GLU A 14 -14.74 4.08 5.47
C GLU A 14 -14.51 3.98 6.98
N GLU A 15 -13.61 3.10 7.40
CA GLU A 15 -13.26 2.84 8.79
C GLU A 15 -11.89 3.46 9.09
N GLN A 16 -11.30 3.13 10.25
CA GLN A 16 -9.94 3.52 10.59
C GLN A 16 -8.99 2.36 10.27
N LEU A 17 -7.86 2.68 9.65
CA LEU A 17 -6.93 1.70 9.09
C LEU A 17 -5.57 1.98 9.71
N ASP A 18 -4.88 0.98 10.25
CA ASP A 18 -3.62 1.25 10.94
C ASP A 18 -2.53 1.54 9.92
N THR A 19 -2.13 2.80 9.84
CA THR A 19 -1.20 3.28 8.85
C THR A 19 0.17 2.61 9.03
N ALA A 20 0.66 2.50 10.27
CA ALA A 20 1.94 1.89 10.58
C ALA A 20 1.90 0.36 10.42
N GLU A 21 0.71 -0.20 10.21
CA GLU A 21 0.51 -1.57 9.78
C GLU A 21 0.52 -1.61 8.25
N ILE A 22 -0.30 -0.83 7.56
CA ILE A 22 -0.36 -0.78 6.09
C ILE A 22 1.06 -0.54 5.54
N ALA A 23 1.75 0.48 6.06
CA ALA A 23 3.10 0.83 5.66
C ALA A 23 4.09 -0.33 5.81
N PHE A 24 3.89 -1.19 6.82
CA PHE A 24 4.66 -2.40 7.02
C PHE A 24 4.20 -3.45 6.01
N GLN A 25 2.91 -3.81 5.99
CA GLN A 25 2.34 -4.84 5.10
C GLN A 25 2.69 -4.57 3.62
N VAL A 26 2.81 -3.30 3.21
CA VAL A 26 3.33 -2.90 1.91
C VAL A 26 4.81 -3.22 1.79
N LYS A 27 5.67 -2.74 2.68
CA LYS A 27 7.10 -3.04 2.63
C LYS A 27 7.34 -4.54 2.56
N GLU A 28 6.57 -5.31 3.32
CA GLU A 28 6.55 -6.77 3.26
C GLU A 28 6.29 -7.23 1.83
N GLN A 29 5.17 -6.85 1.21
CA GLN A 29 4.75 -7.29 -0.11
C GLN A 29 5.73 -6.91 -1.22
N LEU A 30 6.30 -5.71 -1.16
CA LEU A 30 7.30 -5.29 -2.12
C LEU A 30 8.47 -6.23 -2.02
N LEU A 31 8.97 -6.52 -0.82
CA LEU A 31 10.00 -7.54 -0.65
C LEU A 31 9.53 -8.95 -1.08
N LYS A 32 8.27 -9.30 -0.81
CA LYS A 32 7.67 -10.62 -1.06
C LYS A 32 7.81 -11.01 -2.54
N HIS A 33 7.76 -10.01 -3.43
CA HIS A 33 7.84 -10.21 -4.86
C HIS A 33 8.99 -9.42 -5.52
N ASN A 34 9.92 -8.85 -4.74
CA ASN A 34 10.98 -7.93 -5.18
C ASN A 34 10.44 -6.80 -6.07
N ILE A 35 9.66 -5.88 -5.51
CA ILE A 35 9.13 -4.73 -6.24
C ILE A 35 9.75 -3.44 -5.71
N GLY A 36 9.78 -2.39 -6.54
CA GLY A 36 10.25 -1.05 -6.23
C GLY A 36 9.10 -0.17 -5.75
N GLN A 37 9.35 0.51 -4.64
CA GLN A 37 8.46 1.50 -4.05
C GLN A 37 8.04 2.57 -5.07
N ARG A 38 8.93 2.96 -5.98
CA ARG A 38 8.63 3.99 -6.97
C ARG A 38 7.43 3.62 -7.82
N VAL A 39 7.46 2.45 -8.45
CA VAL A 39 6.38 1.98 -9.29
C VAL A 39 5.13 1.87 -8.43
N PHE A 40 5.27 1.30 -7.23
CA PHE A 40 4.13 1.11 -6.34
C PHE A 40 3.44 2.45 -6.08
N GLY A 41 4.20 3.46 -5.67
CA GLY A 41 3.70 4.78 -5.44
C GLY A 41 3.22 5.41 -6.73
N HIS A 42 3.77 5.13 -7.91
CA HIS A 42 3.32 5.79 -9.13
C HIS A 42 2.00 5.22 -9.65
N TYR A 43 1.75 3.92 -9.43
CA TYR A 43 0.63 3.21 -10.05
C TYR A 43 -0.54 3.06 -9.09
N VAL A 44 -0.27 2.54 -7.89
CA VAL A 44 -1.29 2.24 -6.89
C VAL A 44 -1.68 3.56 -6.22
N LEU A 45 -0.66 4.35 -5.84
CA LEU A 45 -0.89 5.55 -5.05
C LEU A 45 -0.97 6.79 -5.94
N GLY A 46 -0.21 6.81 -7.03
CA GLY A 46 -0.15 7.96 -7.93
C GLY A 46 0.75 9.08 -7.40
N LEU A 47 1.43 8.89 -6.27
CA LEU A 47 2.29 9.86 -5.63
C LEU A 47 3.73 9.55 -6.03
N SER A 48 4.60 10.53 -5.93
CA SER A 48 5.99 10.37 -6.33
C SER A 48 6.73 9.45 -5.33
N GLN A 49 7.90 8.93 -5.71
CA GLN A 49 8.66 8.04 -4.83
C GLN A 49 8.97 8.76 -3.52
N GLY A 50 9.50 9.99 -3.58
CA GLY A 50 9.85 10.72 -2.38
C GLY A 50 8.64 10.98 -1.48
N SER A 51 7.45 11.08 -2.08
CA SER A 51 6.19 11.24 -1.38
C SER A 51 5.79 9.95 -0.65
N VAL A 52 5.55 8.82 -1.34
CA VAL A 52 5.17 7.58 -0.66
C VAL A 52 6.26 7.11 0.32
N SER A 53 7.52 7.40 0.05
CA SER A 53 8.62 7.02 0.93
C SER A 53 8.42 7.65 2.31
N GLU A 54 7.93 8.89 2.43
CA GLU A 54 7.54 9.51 3.70
C GLU A 54 6.46 8.66 4.38
N ILE A 55 5.47 8.18 3.61
CA ILE A 55 4.31 7.49 4.14
C ILE A 55 4.80 6.18 4.77
N LEU A 56 5.73 5.50 4.09
CA LEU A 56 6.30 4.25 4.55
C LEU A 56 7.33 4.46 5.65
N ALA A 57 8.01 5.60 5.63
CA ALA A 57 9.05 5.98 6.57
C ALA A 57 8.45 6.30 7.94
N ARG A 58 7.51 7.23 7.99
CA ARG A 58 7.05 7.88 9.22
C ARG A 58 5.52 7.96 9.23
N PRO A 59 4.82 6.81 9.15
CA PRO A 59 3.37 6.76 9.00
C PRO A 59 2.69 7.37 10.22
N LYS A 60 2.16 8.59 10.10
CA LYS A 60 1.35 9.19 11.11
C LYS A 60 0.09 8.38 11.29
N PRO A 61 -0.56 8.49 12.46
CA PRO A 61 -1.77 7.78 12.79
C PRO A 61 -2.92 8.25 11.88
N TRP A 62 -3.91 7.39 11.66
CA TRP A 62 -5.07 7.67 10.80
C TRP A 62 -5.80 8.94 11.25
N ARG A 63 -5.99 9.11 12.56
CA ARG A 63 -6.61 10.30 13.12
C ARG A 63 -5.85 11.61 12.84
N LYS A 64 -4.56 11.55 12.50
CA LYS A 64 -3.81 12.75 12.14
C LYS A 64 -3.96 13.12 10.66
N LEU A 65 -4.30 12.17 9.79
CA LEU A 65 -4.36 12.39 8.35
C LEU A 65 -5.76 12.86 7.97
N THR A 66 -5.87 13.62 6.88
CA THR A 66 -7.14 14.05 6.28
C THR A 66 -7.40 13.25 5.00
N VAL A 67 -8.41 13.56 4.18
CA VAL A 67 -8.72 12.84 2.94
C VAL A 67 -7.46 12.64 2.10
N LYS A 68 -6.78 13.71 1.73
CA LYS A 68 -5.56 13.64 0.92
C LYS A 68 -4.34 13.10 1.69
N GLY A 69 -4.49 12.83 2.98
CA GLY A 69 -3.57 12.04 3.79
C GLY A 69 -3.90 10.55 3.74
N LYS A 70 -5.17 10.19 3.81
CA LYS A 70 -5.71 8.84 3.88
C LYS A 70 -5.76 8.17 2.52
N GLU A 71 -5.83 8.94 1.43
CA GLU A 71 -5.99 8.46 0.07
C GLU A 71 -5.02 7.31 -0.24
N PRO A 72 -3.69 7.52 -0.08
CA PRO A 72 -2.73 6.47 -0.36
C PRO A 72 -2.96 5.27 0.55
N PHE A 73 -3.19 5.45 1.85
CA PHE A 73 -3.40 4.35 2.77
C PHE A 73 -4.66 3.52 2.43
N ILE A 74 -5.75 4.14 1.98
CA ILE A 74 -6.96 3.45 1.50
C ILE A 74 -6.56 2.57 0.31
N LYS A 75 -5.85 3.16 -0.66
CA LYS A 75 -5.36 2.44 -1.84
C LYS A 75 -4.49 1.27 -1.41
N MET A 76 -3.48 1.51 -0.58
CA MET A 76 -2.59 0.47 -0.09
C MET A 76 -3.33 -0.65 0.62
N LYS A 77 -4.20 -0.33 1.57
CA LYS A 77 -4.90 -1.38 2.32
C LYS A 77 -5.75 -2.23 1.37
N GLN A 78 -6.43 -1.63 0.39
CA GLN A 78 -7.23 -2.40 -0.57
C GLN A 78 -6.35 -3.19 -1.52
N PHE A 79 -5.16 -2.68 -1.85
CA PHE A 79 -4.19 -3.42 -2.61
C PHE A 79 -3.80 -4.68 -1.84
N LEU A 80 -3.59 -4.55 -0.53
CA LEU A 80 -3.26 -5.66 0.36
C LEU A 80 -4.47 -6.58 0.60
N SER A 81 -5.68 -6.19 0.19
CA SER A 81 -6.90 -6.97 0.28
C SER A 81 -7.12 -7.87 -0.93
N ASP A 82 -6.27 -7.85 -1.96
CA ASP A 82 -6.22 -8.91 -2.95
C ASP A 82 -4.82 -9.05 -3.49
N GLU A 83 -4.24 -10.23 -3.38
CA GLU A 83 -2.88 -10.46 -3.85
C GLU A 83 -2.78 -10.26 -5.39
N GLN A 84 -3.89 -10.31 -6.12
CA GLN A 84 -3.90 -10.03 -7.54
C GLN A 84 -3.61 -8.56 -7.87
N ASN A 85 -3.61 -7.67 -6.88
CA ASN A 85 -3.10 -6.32 -7.03
C ASN A 85 -1.58 -6.36 -7.12
N VAL A 86 -0.89 -6.92 -6.12
CA VAL A 86 0.57 -6.98 -6.14
C VAL A 86 1.08 -7.82 -7.32
N LEU A 87 0.35 -8.88 -7.70
CA LEU A 87 0.74 -9.76 -8.79
C LEU A 87 0.72 -9.00 -10.12
N ALA A 88 -0.09 -7.94 -10.23
CA ALA A 88 -0.11 -7.05 -11.36
C ALA A 88 1.09 -6.11 -11.34
N LEU A 89 1.49 -5.62 -10.15
CA LEU A 89 2.59 -4.69 -10.00
C LEU A 89 3.91 -5.33 -10.36
N ARG A 90 4.08 -6.63 -10.12
CA ARG A 90 5.29 -7.34 -10.52
C ARG A 90 5.59 -7.10 -12.00
N THR A 91 4.58 -7.30 -12.84
CA THR A 91 4.66 -7.09 -14.28
C THR A 91 5.23 -5.70 -14.59
N ILE A 92 4.67 -4.65 -13.96
CA ILE A 92 5.09 -3.28 -14.18
C ILE A 92 6.54 -3.10 -13.74
N GLN A 93 6.97 -3.76 -12.66
CA GLN A 93 8.31 -3.60 -12.12
C GLN A 93 9.35 -4.05 -13.13
N VAL A 94 9.22 -5.26 -13.68
CA VAL A 94 10.19 -5.74 -14.67
C VAL A 94 10.13 -4.86 -15.94
N ARG A 95 8.99 -4.23 -16.24
CA ARG A 95 8.84 -3.30 -17.36
C ARG A 95 9.46 -1.92 -17.09
N SER A 96 9.98 -1.64 -15.89
CA SER A 96 10.48 -0.31 -15.53
C SER A 96 11.58 0.20 -16.47
N GLY A 97 12.39 -0.68 -17.08
CA GLY A 97 13.44 -0.29 -18.00
C GLY A 97 14.40 -1.46 -18.25
N PRO A 98 15.52 -1.21 -18.96
CA PRO A 98 16.51 -2.22 -19.29
C PRO A 98 17.19 -2.76 -18.02
N SER A 99 17.81 -3.94 -18.15
CA SER A 99 18.35 -4.72 -17.03
C SER A 99 17.28 -4.96 -15.95
N SER A 100 17.66 -5.62 -14.85
CA SER A 100 16.88 -5.59 -13.62
C SER A 100 17.82 -5.88 -12.45
N GLY A 101 17.24 -5.91 -11.25
CA GLY A 101 17.82 -6.48 -10.05
C GLY A 101 16.69 -7.13 -9.32
#